data_8VDB
#
_entry.id   8VDB
#
_cell.length_a   91.964
_cell.length_b   92.718
_cell.length_c   93.998
_cell.angle_alpha   111.66
_cell.angle_beta   110.13
_cell.angle_gamma   105.45
#
_symmetry.space_group_name_H-M   'P 1'
#
loop_
_entity.id
_entity.type
_entity.pdbx_description
1 polymer 'Beta-ketoacyl-[acyl-carrier-protein] synthase III 2'
2 non-polymer GLYCEROL
3 water water
#
_entity_poly.entity_id   1
_entity_poly.type   'polypeptide(L)'
_entity_poly.pdbx_seq_one_letter_code
;MGSSHHHHHHSSGLVPRGSHMSKAKITAIGTYAPSRRLTNADLEKIVDTSDEWIVQRTGMRERRIADEHQFTSDLCIEAV
KNLKSRYKGTLDDVDMILVATTTSDYAFPSTACRVQEYFGWESTGALDINATCAGLTYGLHLANGLITSGLHQKILVIAG
ETLSKVTDYTDRTTCVLFGDAAGALLVERDEETPGFLASVQGTSGNGGDILYRAGLRNEINGVQLVGSGKMVQNGREVYK
WAARTVPGEFERLLHKAGLSSDDLDWFVPHSANLRMIESICEKTPFPIEKTLTSVEHYGNTSSVSIVLALDLAVKAGKLK
KDQIVLLFGFGGGLTYTGLLIKWGM
;
_entity_poly.pdbx_strand_id   A,B,C,D
#
loop_
_chem_comp.id
_chem_comp.type
_chem_comp.name
_chem_comp.formula
GOL non-polymer GLYCEROL 'C3 H8 O3'
#
# COMPACT_ATOMS: atom_id res chain seq x y z
N HIS A 20 -42.48 -14.17 26.58
CA HIS A 20 -41.31 -13.92 25.73
C HIS A 20 -41.15 -12.44 25.44
N MET A 21 -41.02 -11.63 26.50
CA MET A 21 -41.10 -10.19 26.39
C MET A 21 -39.81 -9.59 25.84
N SER A 22 -39.96 -8.62 24.94
CA SER A 22 -38.82 -7.99 24.30
C SER A 22 -38.12 -7.01 25.22
N LYS A 23 -36.80 -6.93 25.08
CA LYS A 23 -35.96 -6.05 25.87
C LYS A 23 -35.25 -5.02 24.99
N ALA A 24 -35.86 -4.65 23.86
CA ALA A 24 -35.21 -3.78 22.89
C ALA A 24 -36.09 -2.58 22.56
N LYS A 25 -35.46 -1.49 22.14
CA LYS A 25 -36.18 -0.29 21.73
C LYS A 25 -35.33 0.49 20.73
N ILE A 26 -35.97 0.97 19.67
CA ILE A 26 -35.31 1.83 18.70
C ILE A 26 -35.20 3.22 19.30
N THR A 27 -33.98 3.75 19.37
CA THR A 27 -33.71 4.94 20.17
C THR A 27 -33.17 6.14 19.38
N ALA A 28 -32.78 5.97 18.12
CA ALA A 28 -32.25 7.08 17.33
C ALA A 28 -32.40 6.74 15.85
N ILE A 29 -32.31 7.77 15.01
CA ILE A 29 -32.48 7.63 13.57
C ILE A 29 -31.59 8.63 12.85
N GLY A 30 -31.16 8.26 11.66
CA GLY A 30 -30.44 9.17 10.77
C GLY A 30 -30.61 8.71 9.34
N THR A 31 -30.64 9.68 8.42
CA THR A 31 -30.76 9.38 6.99
C THR A 31 -29.86 10.30 6.19
N TYR A 32 -29.57 9.86 4.97
CA TYR A 32 -28.90 10.66 3.95
C TYR A 32 -29.40 10.17 2.60
N ALA A 33 -29.79 11.11 1.74
CA ALA A 33 -30.18 10.77 0.39
C ALA A 33 -29.29 11.52 -0.59
N PRO A 34 -28.90 10.90 -1.70
CA PRO A 34 -27.89 11.52 -2.58
C PRO A 34 -28.38 12.86 -3.13
N SER A 35 -27.44 13.60 -3.72
CA SER A 35 -27.67 15.00 -4.07
C SER A 35 -28.47 15.15 -5.37
N ARG A 36 -28.01 14.53 -6.45
CA ARG A 36 -28.67 14.69 -7.74
C ARG A 36 -30.13 14.24 -7.65
N ARG A 37 -31.04 15.13 -8.04
CA ARG A 37 -32.45 14.80 -8.12
C ARG A 37 -32.78 14.35 -9.54
N LEU A 38 -33.54 13.25 -9.63
CA LEU A 38 -34.00 12.72 -10.90
C LEU A 38 -35.51 12.93 -10.95
N THR A 39 -35.93 14.00 -11.62
CA THR A 39 -37.35 14.33 -11.68
C THR A 39 -38.04 13.53 -12.78
N ASN A 40 -39.36 13.58 -12.78
CA ASN A 40 -40.12 12.98 -13.86
C ASN A 40 -39.78 13.63 -15.20
N ALA A 41 -39.55 14.95 -15.20
CA ALA A 41 -39.17 15.64 -16.43
C ALA A 41 -37.85 15.11 -16.96
N ASP A 42 -36.88 14.88 -16.06
CA ASP A 42 -35.61 14.30 -16.48
C ASP A 42 -35.82 12.97 -17.19
N LEU A 43 -36.68 12.12 -16.62
CA LEU A 43 -36.95 10.81 -17.21
C LEU A 43 -37.71 10.92 -18.53
N GLU A 44 -38.35 12.06 -18.80
CA GLU A 44 -39.04 12.23 -20.08
C GLU A 44 -38.05 12.26 -21.23
N LYS A 45 -36.88 12.86 -21.02
CA LYS A 45 -35.84 12.92 -22.04
C LYS A 45 -34.93 11.70 -22.05
N ILE A 46 -35.26 10.68 -21.24
CA ILE A 46 -34.50 9.44 -21.20
C ILE A 46 -35.27 8.29 -21.85
N VAL A 47 -36.56 8.16 -21.53
CA VAL A 47 -37.41 7.11 -22.07
C VAL A 47 -38.78 7.69 -22.39
N ASP A 48 -39.56 6.94 -23.18
CA ASP A 48 -40.89 7.37 -23.62
C ASP A 48 -41.85 7.19 -22.45
N THR A 49 -41.96 8.23 -21.64
CA THR A 49 -42.88 8.25 -20.51
C THR A 49 -43.32 9.70 -20.30
N SER A 50 -44.29 9.89 -19.41
CA SER A 50 -44.77 11.22 -19.09
C SER A 50 -44.84 11.38 -17.58
N ASP A 51 -44.65 12.62 -17.12
CA ASP A 51 -44.82 12.93 -15.70
C ASP A 51 -46.19 12.47 -15.21
N GLU A 52 -47.24 12.69 -16.02
CA GLU A 52 -48.59 12.36 -15.58
C GLU A 52 -48.79 10.86 -15.42
N TRP A 53 -48.22 10.07 -16.33
CA TRP A 53 -48.36 8.62 -16.19
C TRP A 53 -47.61 8.10 -14.97
N ILE A 54 -46.50 8.75 -14.60
CA ILE A 54 -45.70 8.29 -13.47
C ILE A 54 -46.41 8.58 -12.15
N VAL A 55 -46.85 9.83 -11.96
CA VAL A 55 -47.52 10.17 -10.71
C VAL A 55 -48.83 9.40 -10.57
N GLN A 56 -49.43 9.01 -11.69
CA GLN A 56 -50.69 8.28 -11.62
C GLN A 56 -50.45 6.80 -11.34
N ARG A 57 -49.45 6.20 -11.97
CA ARG A 57 -49.22 4.78 -11.79
C ARG A 57 -48.42 4.47 -10.53
N THR A 58 -47.59 5.41 -10.07
CA THR A 58 -46.67 5.15 -8.97
C THR A 58 -46.65 6.23 -7.89
N GLY A 59 -47.09 7.46 -8.18
CA GLY A 59 -47.09 8.50 -7.19
C GLY A 59 -45.76 9.19 -6.96
N MET A 60 -44.75 8.87 -7.75
CA MET A 60 -43.42 9.42 -7.57
C MET A 60 -43.20 10.67 -8.40
N ARG A 61 -42.49 11.64 -7.83
CA ARG A 61 -42.10 12.89 -8.47
C ARG A 61 -40.61 13.00 -8.70
N GLU A 62 -39.82 12.61 -7.69
CA GLU A 62 -38.37 12.74 -7.73
C GLU A 62 -37.74 11.48 -7.14
N ARG A 63 -36.51 11.23 -7.55
CA ARG A 63 -35.63 10.26 -6.92
C ARG A 63 -34.27 10.91 -6.73
N ARG A 64 -33.51 10.40 -5.77
CA ARG A 64 -32.13 10.80 -5.57
C ARG A 64 -31.21 9.80 -6.23
N ILE A 65 -30.12 10.29 -6.83
CA ILE A 65 -29.16 9.46 -7.54
C ILE A 65 -27.78 9.71 -6.96
N ALA A 66 -27.09 8.65 -6.59
CA ALA A 66 -25.71 8.77 -6.11
C ALA A 66 -24.81 9.24 -7.23
N ASP A 67 -23.72 9.92 -6.85
CA ASP A 67 -22.73 10.35 -7.82
C ASP A 67 -22.00 9.15 -8.40
N GLU A 68 -21.18 9.42 -9.43
CA GLU A 68 -20.46 8.37 -10.13
C GLU A 68 -19.53 7.59 -9.20
N HIS A 69 -18.99 8.25 -8.17
CA HIS A 69 -17.97 7.63 -7.33
C HIS A 69 -18.42 7.49 -5.88
N GLN A 70 -19.69 7.76 -5.57
CA GLN A 70 -20.21 7.49 -4.25
C GLN A 70 -21.09 6.26 -4.28
N PHE A 71 -20.92 5.38 -3.30
CA PHE A 71 -21.57 4.07 -3.34
C PHE A 71 -22.36 3.81 -2.08
N THR A 72 -22.87 2.58 -1.92
CA THR A 72 -23.74 2.29 -0.79
C THR A 72 -23.04 2.58 0.54
N SER A 73 -21.77 2.17 0.68
CA SER A 73 -21.07 2.39 1.94
C SER A 73 -20.91 3.88 2.23
N ASP A 74 -20.67 4.70 1.20
CA ASP A 74 -20.65 6.14 1.39
C ASP A 74 -21.98 6.62 1.96
N LEU A 75 -23.09 6.20 1.35
CA LEU A 75 -24.41 6.62 1.81
C LEU A 75 -24.64 6.19 3.25
N CYS A 76 -24.32 4.93 3.57
CA CYS A 76 -24.54 4.44 4.93
C CYS A 76 -23.73 5.26 5.94
N ILE A 77 -22.46 5.53 5.62
CA ILE A 77 -21.63 6.33 6.52
C ILE A 77 -22.26 7.70 6.72
N GLU A 78 -22.76 8.31 5.65
CA GLU A 78 -23.45 9.59 5.78
C GLU A 78 -24.71 9.45 6.63
N ALA A 79 -25.34 8.28 6.64
CA ALA A 79 -26.55 8.11 7.42
C ALA A 79 -26.23 7.96 8.90
N VAL A 80 -25.16 7.24 9.23
CA VAL A 80 -24.71 7.13 10.62
C VAL A 80 -24.23 8.47 11.12
N LYS A 81 -23.56 9.25 10.25
CA LYS A 81 -23.21 10.62 10.60
C LYS A 81 -24.44 11.42 10.99
N ASN A 82 -25.52 11.29 10.21
CA ASN A 82 -26.76 11.99 10.53
C ASN A 82 -27.31 11.53 11.88
N LEU A 83 -27.40 10.21 12.08
CA LEU A 83 -27.89 9.68 13.35
C LEU A 83 -27.07 10.18 14.51
N LYS A 84 -25.74 10.05 14.43
CA LYS A 84 -24.87 10.42 15.54
C LYS A 84 -25.02 11.89 15.90
N SER A 85 -25.05 12.77 14.91
CA SER A 85 -25.33 14.19 15.14
C SER A 85 -26.74 14.43 15.69
N ARG A 86 -27.54 13.39 15.88
CA ARG A 86 -28.88 13.54 16.43
C ARG A 86 -29.13 12.68 17.66
N TYR A 87 -28.19 11.83 18.06
CA TYR A 87 -28.30 10.95 19.22
C TYR A 87 -27.59 11.59 20.40
N LYS A 88 -28.25 11.58 21.56
CA LYS A 88 -27.65 12.17 22.75
C LYS A 88 -26.51 11.32 23.30
N GLY A 89 -26.62 9.99 23.20
CA GLY A 89 -25.62 9.10 23.72
C GLY A 89 -24.41 8.99 22.81
N THR A 90 -23.60 7.96 23.08
CA THR A 90 -22.42 7.66 22.27
C THR A 90 -22.66 6.41 21.43
N LEU A 91 -21.90 6.32 20.33
CA LEU A 91 -21.87 5.14 19.50
C LEU A 91 -20.59 4.32 19.65
N ASP A 92 -19.70 4.71 20.56
CA ASP A 92 -18.44 4.00 20.73
C ASP A 92 -18.62 2.58 21.22
N ASP A 93 -19.74 2.26 21.84
CA ASP A 93 -19.99 0.91 22.35
C ASP A 93 -21.03 0.15 21.53
N VAL A 94 -21.25 0.56 20.28
CA VAL A 94 -22.04 -0.25 19.35
C VAL A 94 -21.37 -1.60 19.22
N ASP A 95 -22.11 -2.67 19.49
CA ASP A 95 -21.54 -4.02 19.45
C ASP A 95 -22.01 -4.85 18.26
N MET A 96 -22.78 -4.28 17.34
CA MET A 96 -23.21 -5.02 16.14
C MET A 96 -23.61 -4.01 15.07
N ILE A 97 -23.14 -4.23 13.85
CA ILE A 97 -23.58 -3.47 12.69
C ILE A 97 -24.23 -4.43 11.72
N LEU A 98 -25.47 -4.14 11.35
CA LEU A 98 -26.20 -4.88 10.33
C LEU A 98 -26.53 -3.93 9.20
N VAL A 99 -26.13 -4.27 7.98
CA VAL A 99 -26.41 -3.45 6.82
C VAL A 99 -27.25 -4.27 5.84
N ALA A 100 -28.51 -3.88 5.68
CA ALA A 100 -29.38 -4.46 4.66
C ALA A 100 -29.06 -3.79 3.34
N THR A 101 -28.55 -4.55 2.37
CA THR A 101 -28.25 -3.96 1.09
C THR A 101 -28.29 -5.01 0.01
N THR A 102 -28.66 -4.59 -1.20
CA THR A 102 -28.51 -5.42 -2.39
C THR A 102 -27.45 -4.90 -3.33
N THR A 103 -26.85 -3.74 -3.04
CA THR A 103 -25.92 -3.06 -3.92
C THR A 103 -24.66 -2.65 -3.15
N SER A 104 -24.06 -3.61 -2.46
CA SER A 104 -22.84 -3.32 -1.71
C SER A 104 -21.69 -2.98 -2.64
N ASP A 105 -20.77 -2.14 -2.14
CA ASP A 105 -19.61 -1.73 -2.92
C ASP A 105 -18.88 -2.94 -3.49
N TYR A 106 -18.59 -3.90 -2.63
CA TYR A 106 -17.81 -5.09 -3.06
C TYR A 106 -18.61 -6.34 -2.75
N ALA A 107 -18.20 -7.47 -3.33
CA ALA A 107 -18.94 -8.73 -3.14
C ALA A 107 -18.90 -9.15 -1.66
N PHE A 108 -17.71 -9.33 -1.09
CA PHE A 108 -17.66 -9.84 0.31
C PHE A 108 -17.06 -8.81 1.27
N PRO A 109 -16.13 -7.90 0.91
CA PRO A 109 -15.71 -6.85 1.83
C PRO A 109 -17.06 -6.31 2.26
N SER A 110 -17.44 -6.50 3.53
CA SER A 110 -18.82 -6.15 3.96
C SER A 110 -19.07 -4.65 4.10
N THR A 111 -20.13 -4.15 3.45
CA THR A 111 -20.55 -2.77 3.68
C THR A 111 -20.54 -2.42 5.16
N ALA A 112 -21.00 -3.35 6.01
CA ALA A 112 -20.95 -3.13 7.45
C ALA A 112 -19.53 -2.95 7.95
N CYS A 113 -18.57 -3.62 7.33
CA CYS A 113 -17.19 -3.49 7.79
C CYS A 113 -16.60 -2.18 7.31
N ARG A 114 -17.02 -1.71 6.13
CA ARG A 114 -16.64 -0.36 5.69
C ARG A 114 -17.17 0.69 6.66
N VAL A 115 -18.34 0.44 7.24
CA VAL A 115 -18.89 1.38 8.21
C VAL A 115 -18.06 1.38 9.49
N GLN A 116 -17.59 0.21 9.92
CA GLN A 116 -16.75 0.16 11.10
C GLN A 116 -15.41 0.85 10.85
N GLU A 117 -14.83 0.64 9.66
CA GLU A 117 -13.53 1.23 9.36
C GLU A 117 -13.57 2.74 9.48
N TYR A 118 -14.67 3.35 9.03
CA TYR A 118 -14.79 4.80 9.07
C TYR A 118 -14.84 5.31 10.51
N PHE A 119 -15.65 4.68 11.36
CA PHE A 119 -15.85 5.17 12.72
C PHE A 119 -14.93 4.50 13.74
N GLY A 120 -14.29 3.39 13.37
CA GLY A 120 -13.27 2.80 14.21
C GLY A 120 -13.74 2.20 15.52
N TRP A 121 -15.04 1.95 15.68
CA TRP A 121 -15.54 1.30 16.89
C TRP A 121 -14.74 0.05 17.17
N GLU A 122 -14.48 -0.20 18.46
CA GLU A 122 -13.42 -1.11 18.86
C GLU A 122 -13.87 -2.56 18.99
N SER A 123 -15.12 -2.81 19.39
CA SER A 123 -15.58 -4.18 19.61
C SER A 123 -17.00 -4.31 19.05
N THR A 124 -17.10 -4.60 17.75
CA THR A 124 -18.40 -4.77 17.12
C THR A 124 -18.35 -5.89 16.10
N GLY A 125 -19.46 -6.62 15.99
CA GLY A 125 -19.67 -7.46 14.84
C GLY A 125 -20.17 -6.66 13.65
N ALA A 126 -19.87 -7.14 12.45
CA ALA A 126 -20.32 -6.50 11.22
C ALA A 126 -20.85 -7.55 10.27
N LEU A 127 -22.04 -7.33 9.75
CA LEU A 127 -22.68 -8.30 8.89
C LEU A 127 -23.60 -7.61 7.91
N ASP A 128 -23.49 -7.98 6.64
CA ASP A 128 -24.47 -7.58 5.62
C ASP A 128 -25.55 -8.63 5.53
N ILE A 129 -26.79 -8.19 5.31
CA ILE A 129 -27.92 -9.10 5.16
C ILE A 129 -28.66 -8.75 3.89
N ASN A 130 -29.23 -9.77 3.25
CA ASN A 130 -29.94 -9.61 1.98
C ASN A 130 -31.33 -10.21 2.09
N ALA A 131 -32.33 -9.35 2.19
CA ALA A 131 -33.73 -9.72 1.97
C ALA A 131 -34.42 -8.66 1.13
N THR A 132 -33.65 -8.02 0.24
CA THR A 132 -34.15 -7.06 -0.74
C THR A 132 -34.87 -5.96 0.03
N CYS A 133 -36.07 -5.55 -0.38
CA CYS A 133 -36.80 -4.46 0.24
C CYS A 133 -37.26 -4.80 1.65
N ALA A 134 -37.15 -6.05 2.07
CA ALA A 134 -37.50 -6.45 3.42
C ALA A 134 -36.31 -6.42 4.38
N GLY A 135 -35.14 -6.01 3.92
CA GLY A 135 -33.94 -6.12 4.75
C GLY A 135 -33.97 -5.27 6.00
N LEU A 136 -34.61 -4.12 5.95
CA LEU A 136 -34.71 -3.26 7.13
C LEU A 136 -35.46 -3.97 8.26
N THR A 137 -36.67 -4.44 7.97
CA THR A 137 -37.45 -5.10 9.02
C THR A 137 -36.78 -6.37 9.50
N TYR A 138 -36.21 -7.16 8.59
CA TYR A 138 -35.40 -8.30 9.00
C TYR A 138 -34.26 -7.88 9.92
N GLY A 139 -33.63 -6.74 9.61
CA GLY A 139 -32.51 -6.28 10.42
C GLY A 139 -32.93 -5.88 11.82
N LEU A 140 -34.11 -5.28 11.95
CA LEU A 140 -34.62 -4.93 13.28
C LEU A 140 -35.05 -6.17 14.04
N HIS A 141 -35.73 -7.10 13.35
CA HIS A 141 -36.05 -8.39 13.96
C HIS A 141 -34.81 -9.06 14.53
N LEU A 142 -33.71 -9.09 13.75
CA LEU A 142 -32.46 -9.62 14.27
C LEU A 142 -32.00 -8.86 15.51
N ALA A 143 -31.98 -7.53 15.41
CA ALA A 143 -31.51 -6.72 16.53
C ALA A 143 -32.35 -6.96 17.78
N ASN A 144 -33.67 -7.11 17.61
CA ASN A 144 -34.52 -7.35 18.76
C ASN A 144 -34.15 -8.66 19.45
N GLY A 145 -33.98 -9.72 18.66
CA GLY A 145 -33.59 -11.00 19.24
C GLY A 145 -32.17 -11.00 19.78
N LEU A 146 -31.28 -10.24 19.14
CA LEU A 146 -29.89 -10.21 19.60
C LEU A 146 -29.76 -9.46 20.92
N ILE A 147 -30.63 -8.50 21.17
CA ILE A 147 -30.59 -7.73 22.41
C ILE A 147 -31.43 -8.39 23.49
N THR A 148 -32.64 -8.84 23.15
CA THR A 148 -33.50 -9.50 24.12
C THR A 148 -32.85 -10.74 24.71
N SER A 149 -32.04 -11.46 23.92
CA SER A 149 -31.35 -12.63 24.43
C SER A 149 -30.12 -12.29 25.28
N GLY A 150 -29.80 -11.01 25.42
CA GLY A 150 -28.66 -10.62 26.23
C GLY A 150 -27.32 -10.72 25.56
N LEU A 151 -27.28 -11.07 24.28
CA LEU A 151 -26.01 -11.17 23.57
C LEU A 151 -25.47 -9.81 23.14
N HIS A 152 -26.31 -8.77 23.11
CA HIS A 152 -25.89 -7.46 22.64
C HIS A 152 -26.61 -6.39 23.42
N GLN A 153 -26.03 -5.19 23.42
CA GLN A 153 -26.57 -4.04 24.13
C GLN A 153 -26.98 -2.89 23.22
N LYS A 154 -26.28 -2.68 22.11
CA LYS A 154 -26.49 -1.49 21.29
C LYS A 154 -26.16 -1.86 19.85
N ILE A 155 -27.18 -1.81 18.98
CA ILE A 155 -27.04 -2.29 17.62
C ILE A 155 -27.45 -1.21 16.64
N LEU A 156 -26.67 -1.07 15.57
CA LEU A 156 -27.00 -0.19 14.46
C LEU A 156 -27.58 -1.02 13.33
N VAL A 157 -28.80 -0.71 12.93
CA VAL A 157 -29.48 -1.37 11.82
C VAL A 157 -29.52 -0.37 10.67
N ILE A 158 -28.72 -0.63 9.63
CA ILE A 158 -28.53 0.31 8.53
C ILE A 158 -29.10 -0.31 7.27
N ALA A 159 -29.79 0.51 6.48
CA ALA A 159 -30.21 0.16 5.14
C ALA A 159 -29.62 1.19 4.18
N GLY A 160 -29.03 0.71 3.09
CA GLY A 160 -28.47 1.57 2.07
C GLY A 160 -28.54 0.91 0.71
N GLU A 161 -28.88 1.66 -0.33
CA GLU A 161 -28.99 1.09 -1.66
C GLU A 161 -28.51 2.09 -2.70
N THR A 162 -27.85 1.57 -3.72
CA THR A 162 -27.45 2.37 -4.87
C THR A 162 -28.10 1.78 -6.12
N LEU A 163 -29.44 1.85 -6.13
CA LEU A 163 -30.23 1.17 -7.14
C LEU A 163 -30.02 1.76 -8.53
N SER A 164 -29.71 3.06 -8.61
CA SER A 164 -29.49 3.68 -9.92
C SER A 164 -28.37 2.97 -10.67
N LYS A 165 -27.37 2.48 -9.94
CA LYS A 165 -26.26 1.77 -10.56
C LYS A 165 -26.65 0.41 -11.12
N VAL A 166 -27.77 -0.16 -10.65
CA VAL A 166 -28.23 -1.45 -11.11
C VAL A 166 -29.57 -1.35 -11.83
N THR A 167 -29.89 -0.16 -12.33
CA THR A 167 -31.17 0.11 -12.98
C THR A 167 -30.98 0.17 -14.49
N ASP A 168 -31.96 -0.38 -15.22
CA ASP A 168 -31.95 -0.37 -16.68
C ASP A 168 -32.66 0.88 -17.17
N TYR A 169 -31.89 1.86 -17.65
CA TYR A 169 -32.43 3.14 -18.05
C TYR A 169 -32.83 3.17 -19.52
N THR A 170 -33.12 2.01 -20.10
CA THR A 170 -33.82 1.90 -21.37
C THR A 170 -35.18 1.23 -21.20
N ASP A 171 -35.54 0.83 -19.98
CA ASP A 171 -36.84 0.23 -19.67
C ASP A 171 -37.67 1.28 -18.93
N ARG A 172 -38.68 1.81 -19.60
CA ARG A 172 -39.53 2.84 -19.00
C ARG A 172 -40.41 2.29 -17.89
N THR A 173 -40.66 0.98 -17.86
CA THR A 173 -41.53 0.40 -16.85
C THR A 173 -40.84 0.28 -15.50
N THR A 174 -39.52 0.41 -15.45
CA THR A 174 -38.79 0.08 -14.24
C THR A 174 -37.85 1.22 -13.83
N CYS A 175 -37.29 1.93 -14.80
CA CYS A 175 -36.26 2.92 -14.48
C CYS A 175 -36.84 4.16 -13.81
N VAL A 176 -38.15 4.38 -13.90
CA VAL A 176 -38.79 5.50 -13.22
C VAL A 176 -39.02 5.23 -11.74
N LEU A 177 -38.88 3.98 -11.30
CA LEU A 177 -39.30 3.59 -9.96
C LEU A 177 -38.24 3.90 -8.91
N PHE A 178 -36.97 3.73 -9.23
CA PHE A 178 -35.94 3.49 -8.23
C PHE A 178 -35.12 4.73 -7.92
N GLY A 179 -34.67 4.81 -6.66
CA GLY A 179 -33.77 5.85 -6.19
C GLY A 179 -32.71 5.28 -5.28
N ASP A 180 -31.87 6.18 -4.75
CA ASP A 180 -30.78 5.83 -3.84
C ASP A 180 -30.93 6.61 -2.55
N ALA A 181 -30.57 5.97 -1.43
CA ALA A 181 -30.64 6.58 -0.10
C ALA A 181 -30.00 5.64 0.90
N ALA A 182 -29.83 6.13 2.13
CA ALA A 182 -29.42 5.30 3.25
C ALA A 182 -30.07 5.82 4.52
N GLY A 183 -30.29 4.91 5.45
CA GLY A 183 -30.89 5.27 6.73
C GLY A 183 -30.44 4.29 7.79
N ALA A 184 -30.29 4.80 9.01
CA ALA A 184 -29.80 4.01 10.13
C ALA A 184 -30.76 4.16 11.31
N LEU A 185 -30.94 3.06 12.03
CA LEU A 185 -31.67 3.04 13.28
C LEU A 185 -30.79 2.41 14.35
N LEU A 186 -30.85 2.97 15.55
CA LEU A 186 -30.11 2.46 16.69
C LEU A 186 -31.08 1.72 17.60
N VAL A 187 -30.72 0.50 17.99
CA VAL A 187 -31.54 -0.34 18.86
C VAL A 187 -30.68 -0.68 20.07
N GLU A 188 -31.26 -0.56 21.26
CA GLU A 188 -30.49 -0.88 22.47
C GLU A 188 -31.39 -1.44 23.55
N ARG A 189 -30.76 -1.86 24.65
CA ARG A 189 -31.47 -2.57 25.71
C ARG A 189 -32.38 -1.62 26.47
N ASP A 190 -33.62 -2.04 26.66
CA ASP A 190 -34.60 -1.27 27.44
C ASP A 190 -35.37 -2.29 28.28
N GLU A 191 -34.95 -2.48 29.53
CA GLU A 191 -35.62 -3.40 30.43
C GLU A 191 -36.88 -2.82 31.05
N GLU A 192 -37.20 -1.55 30.76
CA GLU A 192 -38.39 -0.93 31.33
C GLU A 192 -39.64 -1.34 30.54
N THR A 193 -39.71 -0.93 29.27
CA THR A 193 -40.86 -1.22 28.42
C THR A 193 -40.35 -1.65 27.05
N PRO A 194 -40.99 -2.65 26.44
CA PRO A 194 -40.51 -3.15 25.15
C PRO A 194 -40.77 -2.17 24.02
N GLY A 195 -39.83 -2.10 23.09
CA GLY A 195 -40.01 -1.32 21.88
C GLY A 195 -40.40 -2.20 20.72
N PHE A 196 -40.42 -3.50 20.93
CA PHE A 196 -40.87 -4.46 19.93
C PHE A 196 -42.02 -5.26 20.54
N LEU A 197 -43.16 -5.26 19.85
CA LEU A 197 -44.38 -5.85 20.39
C LEU A 197 -44.82 -7.11 19.70
N ALA A 198 -44.54 -7.27 18.41
CA ALA A 198 -44.94 -8.47 17.67
C ALA A 198 -44.15 -8.53 16.38
N SER A 199 -44.04 -9.74 15.84
CA SER A 199 -43.39 -9.97 14.56
C SER A 199 -44.14 -11.04 13.79
N VAL A 200 -44.20 -10.89 12.48
CA VAL A 200 -44.69 -11.92 11.58
C VAL A 200 -43.73 -12.01 10.41
N GLN A 201 -43.53 -13.23 9.90
CA GLN A 201 -42.62 -13.45 8.79
C GLN A 201 -43.23 -14.45 7.83
N GLY A 202 -42.72 -14.43 6.60
CA GLY A 202 -43.14 -15.41 5.62
C GLY A 202 -42.31 -15.34 4.36
N THR A 203 -42.27 -16.45 3.62
CA THR A 203 -41.47 -16.55 2.42
C THR A 203 -42.26 -17.31 1.37
N SER A 204 -42.28 -16.78 0.15
CA SER A 204 -42.87 -17.47 -1.00
C SER A 204 -41.75 -17.62 -2.04
N GLY A 205 -40.92 -18.64 -1.86
CA GLY A 205 -39.79 -18.84 -2.74
C GLY A 205 -40.16 -18.99 -4.21
N ASN A 206 -41.36 -19.49 -4.51
CA ASN A 206 -41.72 -19.67 -5.90
C ASN A 206 -41.99 -18.36 -6.62
N GLY A 207 -42.12 -17.25 -5.90
CA GLY A 207 -42.24 -15.95 -6.54
C GLY A 207 -40.90 -15.34 -6.88
N GLY A 208 -39.86 -16.16 -6.94
CA GLY A 208 -38.51 -15.63 -7.14
C GLY A 208 -38.33 -14.95 -8.48
N ASP A 209 -39.01 -15.44 -9.51
CA ASP A 209 -38.87 -14.87 -10.85
C ASP A 209 -39.67 -13.60 -11.04
N ILE A 210 -40.37 -13.16 -9.99
CA ILE A 210 -41.22 -11.97 -10.07
C ILE A 210 -40.42 -10.69 -9.84
N LEU A 211 -39.24 -10.78 -9.23
CA LEU A 211 -38.46 -9.61 -8.86
C LEU A 211 -37.03 -10.10 -8.61
N TYR A 212 -36.12 -9.83 -9.54
CA TYR A 212 -34.81 -10.47 -9.50
C TYR A 212 -33.74 -9.56 -10.09
N ARG A 213 -32.48 -9.92 -9.81
CA ARG A 213 -31.33 -9.34 -10.47
C ARG A 213 -30.28 -10.43 -10.61
N ALA A 214 -29.67 -10.52 -11.79
CA ALA A 214 -28.73 -11.59 -12.05
C ALA A 214 -27.47 -11.42 -11.21
N GLY A 215 -26.98 -12.53 -10.68
CA GLY A 215 -25.70 -12.56 -10.02
C GLY A 215 -24.78 -13.49 -10.78
N LEU A 216 -24.30 -14.54 -10.12
CA LEU A 216 -23.49 -15.55 -10.81
C LEU A 216 -24.31 -16.34 -11.81
N ARG A 217 -25.62 -16.43 -11.59
CA ARG A 217 -26.53 -17.23 -12.39
C ARG A 217 -27.42 -16.33 -13.24
N ASN A 218 -27.77 -16.81 -14.44
CA ASN A 218 -28.55 -16.01 -15.37
C ASN A 218 -29.72 -16.80 -15.95
N GLU A 219 -30.20 -17.81 -15.23
CA GLU A 219 -31.45 -18.46 -15.54
C GLU A 219 -32.17 -18.75 -14.24
N ILE A 220 -33.50 -18.85 -14.31
CA ILE A 220 -34.30 -19.22 -13.15
C ILE A 220 -35.29 -20.28 -13.60
N ASN A 221 -35.33 -21.39 -12.85
CA ASN A 221 -35.94 -22.67 -13.23
C ASN A 221 -36.06 -22.84 -14.73
N GLY A 222 -34.95 -22.72 -15.45
CA GLY A 222 -34.92 -23.12 -16.84
C GLY A 222 -34.78 -22.01 -17.86
N VAL A 223 -35.39 -20.86 -17.61
CA VAL A 223 -35.50 -19.80 -18.60
C VAL A 223 -34.47 -18.72 -18.31
N GLN A 224 -33.83 -18.23 -19.36
CA GLN A 224 -32.76 -17.25 -19.21
C GLN A 224 -33.30 -15.91 -18.70
N LEU A 225 -32.54 -15.27 -17.83
CA LEU A 225 -32.97 -14.00 -17.25
C LEU A 225 -32.91 -12.88 -18.29
N VAL A 226 -33.70 -11.84 -18.04
CA VAL A 226 -33.74 -10.65 -18.89
C VAL A 226 -33.10 -9.49 -18.14
N GLY A 227 -33.17 -8.29 -18.71
CA GLY A 227 -32.31 -7.23 -18.22
C GLY A 227 -30.91 -7.48 -18.76
N SER A 228 -29.90 -7.06 -17.99
CA SER A 228 -28.53 -7.41 -18.31
C SER A 228 -27.68 -7.27 -17.06
N GLY A 229 -27.97 -8.10 -16.06
CA GLY A 229 -27.45 -7.80 -14.73
C GLY A 229 -28.16 -6.67 -14.04
N LYS A 230 -29.18 -6.11 -14.68
CA LYS A 230 -29.96 -5.00 -14.15
C LYS A 230 -31.23 -5.53 -13.50
N MET A 231 -31.82 -4.71 -12.63
CA MET A 231 -32.98 -5.14 -11.87
C MET A 231 -34.18 -5.36 -12.77
N VAL A 232 -34.95 -6.42 -12.47
CA VAL A 232 -36.11 -6.81 -13.27
C VAL A 232 -37.28 -7.04 -12.33
N GLN A 233 -38.45 -6.53 -12.70
CA GLN A 233 -39.65 -6.63 -11.88
C GLN A 233 -40.86 -6.86 -12.76
N ASN A 234 -41.73 -7.78 -12.33
CA ASN A 234 -43.09 -7.91 -12.84
C ASN A 234 -43.99 -7.12 -11.90
N GLY A 235 -44.23 -5.85 -12.24
CA GLY A 235 -44.93 -4.96 -11.33
C GLY A 235 -46.33 -5.42 -10.98
N ARG A 236 -47.00 -6.08 -11.92
CA ARG A 236 -48.35 -6.58 -11.66
C ARG A 236 -48.33 -7.68 -10.61
N GLU A 237 -47.47 -8.67 -10.79
CA GLU A 237 -47.44 -9.81 -9.87
C GLU A 237 -46.95 -9.39 -8.49
N VAL A 238 -45.96 -8.48 -8.44
CA VAL A 238 -45.53 -7.92 -7.16
C VAL A 238 -46.70 -7.25 -6.48
N TYR A 239 -47.51 -6.50 -7.24
CA TYR A 239 -48.71 -5.87 -6.71
C TYR A 239 -49.69 -6.93 -6.18
N LYS A 240 -49.87 -8.02 -6.93
CA LYS A 240 -50.85 -9.04 -6.54
C LYS A 240 -50.46 -9.72 -5.24
N TRP A 241 -49.28 -10.35 -5.22
CA TRP A 241 -48.65 -10.65 -3.93
C TRP A 241 -48.57 -9.35 -3.15
N ALA A 242 -48.61 -9.46 -1.82
CA ALA A 242 -48.62 -8.29 -0.93
C ALA A 242 -50.01 -7.69 -0.81
N ALA A 243 -50.73 -7.51 -1.93
CA ALA A 243 -52.12 -7.13 -1.82
C ALA A 243 -52.94 -8.24 -1.16
N ARG A 244 -52.56 -9.50 -1.40
CA ARG A 244 -53.17 -10.62 -0.70
C ARG A 244 -52.39 -11.03 0.54
N THR A 245 -51.15 -10.57 0.68
CA THR A 245 -50.30 -11.03 1.76
C THR A 245 -50.36 -10.11 2.96
N VAL A 246 -50.15 -8.81 2.73
CA VAL A 246 -49.98 -7.83 3.81
C VAL A 246 -51.25 -7.67 4.65
N PRO A 247 -52.46 -7.55 4.07
CA PRO A 247 -53.65 -7.35 4.93
C PRO A 247 -53.83 -8.41 6.00
N GLY A 248 -53.76 -9.70 5.64
CA GLY A 248 -53.95 -10.74 6.63
C GLY A 248 -52.83 -10.82 7.64
N GLU A 249 -51.60 -10.49 7.23
CA GLU A 249 -50.50 -10.48 8.17
C GLU A 249 -50.53 -9.24 9.04
N PHE A 250 -50.97 -8.12 8.48
CA PHE A 250 -51.33 -6.94 9.26
C PHE A 250 -52.19 -7.31 10.46
N GLU A 251 -53.32 -7.96 10.19
CA GLU A 251 -54.22 -8.36 11.28
C GLU A 251 -53.55 -9.33 12.24
N ARG A 252 -52.83 -10.31 11.71
CA ARG A 252 -52.15 -11.29 12.57
C ARG A 252 -51.14 -10.61 13.50
N LEU A 253 -50.46 -9.58 13.01
CA LEU A 253 -49.57 -8.81 13.88
C LEU A 253 -50.32 -8.22 15.07
N LEU A 254 -51.50 -7.64 14.80
CA LEU A 254 -52.30 -7.05 15.87
C LEU A 254 -52.75 -8.11 16.87
N HIS A 255 -53.18 -9.27 16.37
CA HIS A 255 -53.60 -10.34 17.26
C HIS A 255 -52.44 -10.83 18.13
N LYS A 256 -51.25 -10.98 17.55
CA LYS A 256 -50.11 -11.44 18.32
C LYS A 256 -49.76 -10.46 19.44
N ALA A 257 -49.97 -9.17 19.22
CA ALA A 257 -49.67 -8.15 20.21
C ALA A 257 -50.86 -7.84 21.11
N GLY A 258 -52.04 -8.39 20.83
CA GLY A 258 -53.21 -8.11 21.64
C GLY A 258 -53.80 -6.74 21.45
N LEU A 259 -53.73 -6.20 20.23
CA LEU A 259 -54.17 -4.84 19.96
C LEU A 259 -55.21 -4.83 18.85
N SER A 260 -55.85 -3.68 18.68
CA SER A 260 -56.80 -3.43 17.62
C SER A 260 -56.23 -2.40 16.66
N SER A 261 -56.95 -2.18 15.55
CA SER A 261 -56.51 -1.20 14.57
C SER A 261 -56.45 0.20 15.16
N ASP A 262 -57.25 0.47 16.21
CA ASP A 262 -57.29 1.80 16.80
C ASP A 262 -56.13 2.06 17.75
N ASP A 263 -55.45 1.01 18.21
CA ASP A 263 -54.28 1.17 19.06
C ASP A 263 -53.05 1.59 18.27
N LEU A 264 -53.08 1.46 16.95
CA LEU A 264 -51.90 1.66 16.11
C LEU A 264 -51.95 3.04 15.49
N ASP A 265 -50.86 3.81 15.66
CA ASP A 265 -50.84 5.18 15.19
C ASP A 265 -50.42 5.29 13.72
N TRP A 266 -49.28 4.68 13.37
CA TRP A 266 -48.70 4.85 12.04
C TRP A 266 -48.43 3.50 11.40
N PHE A 267 -48.75 3.39 10.10
CA PHE A 267 -48.46 2.22 9.29
C PHE A 267 -47.38 2.59 8.29
N VAL A 268 -46.27 1.86 8.29
CA VAL A 268 -45.14 2.24 7.45
C VAL A 268 -44.70 1.07 6.59
N PRO A 269 -45.44 0.77 5.52
CA PRO A 269 -45.07 -0.32 4.63
C PRO A 269 -43.91 0.08 3.72
N HIS A 270 -43.37 -0.93 3.03
CA HIS A 270 -42.37 -0.67 2.01
C HIS A 270 -42.92 0.32 1.00
N SER A 271 -42.24 1.47 0.88
CA SER A 271 -42.67 2.52 -0.03
C SER A 271 -42.22 2.17 -1.44
N ALA A 272 -42.95 1.24 -2.04
CA ALA A 272 -42.66 0.82 -3.40
C ALA A 272 -43.48 1.59 -4.42
N ASN A 273 -44.74 1.88 -4.08
CA ASN A 273 -45.70 2.41 -5.05
C ASN A 273 -46.89 2.95 -4.27
N LEU A 274 -47.23 4.22 -4.50
CA LEU A 274 -48.31 4.84 -3.74
C LEU A 274 -49.65 4.18 -4.05
N ARG A 275 -49.88 3.79 -5.31
CA ARG A 275 -51.10 3.06 -5.63
C ARG A 275 -51.16 1.74 -4.87
N MET A 276 -50.03 1.02 -4.82
CA MET A 276 -50.00 -0.24 -4.07
C MET A 276 -50.27 0.01 -2.59
N ILE A 277 -49.70 1.09 -2.04
CA ILE A 277 -49.92 1.40 -0.62
C ILE A 277 -51.39 1.70 -0.37
N GLU A 278 -51.96 2.58 -1.20
CA GLU A 278 -53.38 2.91 -1.08
C GLU A 278 -54.24 1.66 -1.18
N SER A 279 -53.91 0.77 -2.11
CA SER A 279 -54.69 -0.44 -2.29
C SER A 279 -54.59 -1.37 -1.07
N ILE A 280 -53.38 -1.52 -0.52
CA ILE A 280 -53.25 -2.30 0.71
C ILE A 280 -54.12 -1.71 1.79
N CYS A 281 -53.93 -0.42 2.09
CA CYS A 281 -54.79 0.31 3.03
C CYS A 281 -56.27 0.13 2.71
N GLU A 282 -56.62 -0.16 1.46
CA GLU A 282 -58.01 -0.36 1.10
C GLU A 282 -58.51 -1.72 1.56
N LYS A 283 -57.73 -2.78 1.34
CA LYS A 283 -58.19 -4.13 1.66
C LYS A 283 -57.70 -4.64 3.00
N THR A 284 -56.65 -4.10 3.55
CA THR A 284 -56.63 -4.18 5.00
C THR A 284 -57.41 -2.99 5.55
N PRO A 285 -58.18 -3.18 6.59
CA PRO A 285 -58.96 -2.01 7.06
C PRO A 285 -58.06 -1.06 7.86
N PHE A 286 -57.37 -0.15 7.15
CA PHE A 286 -56.52 0.88 7.80
C PHE A 286 -56.38 2.14 6.95
N PRO A 287 -56.54 3.33 7.54
CA PRO A 287 -56.65 4.54 6.74
C PRO A 287 -55.31 5.08 6.23
N ILE A 288 -55.33 5.54 4.98
CA ILE A 288 -54.12 6.05 4.33
C ILE A 288 -53.56 7.26 5.06
N GLU A 289 -54.43 8.05 5.70
CA GLU A 289 -53.96 9.21 6.45
C GLU A 289 -53.12 8.83 7.67
N LYS A 290 -53.12 7.55 8.05
CA LYS A 290 -52.26 7.05 9.12
C LYS A 290 -51.10 6.22 8.59
N THR A 291 -50.68 6.43 7.34
CA THR A 291 -49.59 5.64 6.78
C THR A 291 -48.52 6.57 6.25
N LEU A 292 -47.27 6.28 6.61
CA LEU A 292 -46.12 7.10 6.27
C LEU A 292 -45.44 6.51 5.04
N THR A 293 -45.11 7.37 4.08
CA THR A 293 -44.51 6.93 2.83
C THR A 293 -43.32 7.83 2.49
N SER A 294 -42.59 7.42 1.46
CA SER A 294 -41.47 8.21 0.99
C SER A 294 -41.30 8.11 -0.53
N VAL A 295 -42.32 7.64 -1.25
CA VAL A 295 -42.19 7.42 -2.69
C VAL A 295 -42.16 8.73 -3.46
N GLU A 296 -42.90 9.74 -3.00
CA GLU A 296 -43.12 10.93 -3.82
C GLU A 296 -41.80 11.58 -4.23
N HIS A 297 -40.91 11.83 -3.27
CA HIS A 297 -39.69 12.57 -3.53
C HIS A 297 -38.43 11.71 -3.50
N TYR A 298 -38.54 10.45 -3.09
CA TYR A 298 -37.38 9.56 -3.06
C TYR A 298 -37.57 8.31 -3.90
N GLY A 299 -38.78 8.04 -4.39
CA GLY A 299 -38.98 6.84 -5.19
C GLY A 299 -38.88 5.57 -4.35
N ASN A 300 -38.67 4.46 -5.05
CA ASN A 300 -38.53 3.16 -4.42
C ASN A 300 -37.06 2.96 -4.08
N THR A 301 -36.71 3.11 -2.80
CA THR A 301 -35.35 2.92 -2.34
C THR A 301 -35.16 1.56 -1.67
N SER A 302 -36.01 0.59 -1.98
CA SER A 302 -35.87 -0.80 -1.53
C SER A 302 -35.83 -0.87 -0.01
N SER A 303 -34.82 -1.50 0.58
CA SER A 303 -34.71 -1.63 2.04
C SER A 303 -34.68 -0.30 2.76
N VAL A 304 -34.36 0.80 2.06
CA VAL A 304 -34.28 2.08 2.74
C VAL A 304 -35.63 2.77 2.86
N SER A 305 -36.61 2.37 2.04
CA SER A 305 -37.85 3.15 1.93
C SER A 305 -38.53 3.36 3.27
N ILE A 306 -38.47 2.36 4.16
CA ILE A 306 -39.15 2.48 5.44
C ILE A 306 -38.45 3.48 6.35
N VAL A 307 -37.11 3.45 6.40
CA VAL A 307 -36.37 4.41 7.22
C VAL A 307 -36.65 5.84 6.76
N LEU A 308 -36.70 6.06 5.46
CA LEU A 308 -36.97 7.40 4.93
C LEU A 308 -38.38 7.85 5.32
N ALA A 309 -39.38 6.99 5.14
CA ALA A 309 -40.72 7.34 5.59
C ALA A 309 -40.71 7.66 7.08
N LEU A 310 -39.93 6.90 7.86
CA LEU A 310 -39.82 7.16 9.29
C LEU A 310 -39.19 8.53 9.54
N ASP A 311 -38.08 8.82 8.86
CA ASP A 311 -37.38 10.08 9.11
C ASP A 311 -38.13 11.29 8.57
N LEU A 312 -38.88 11.13 7.47
CA LEU A 312 -39.76 12.19 7.02
C LEU A 312 -40.81 12.50 8.09
N ALA A 313 -41.30 11.47 8.77
CA ALA A 313 -42.37 11.67 9.75
C ALA A 313 -41.86 12.31 11.03
N VAL A 314 -40.61 12.07 11.43
CA VAL A 314 -40.09 12.69 12.64
C VAL A 314 -39.73 14.15 12.40
N LYS A 315 -39.14 14.45 11.24
CA LYS A 315 -38.82 15.83 10.89
C LYS A 315 -40.09 16.66 10.80
N ALA A 316 -41.16 16.08 10.28
CA ALA A 316 -42.42 16.78 10.13
C ALA A 316 -43.23 16.84 11.42
N GLY A 317 -42.73 16.26 12.52
CA GLY A 317 -43.47 16.25 13.76
C GLY A 317 -44.60 15.25 13.84
N LYS A 318 -44.72 14.33 12.87
CA LYS A 318 -45.84 13.40 12.90
C LYS A 318 -45.55 12.13 13.69
N LEU A 319 -44.28 11.74 13.81
CA LEU A 319 -43.90 10.52 14.52
C LEU A 319 -43.27 10.91 15.85
N LYS A 320 -44.00 10.69 16.93
CA LYS A 320 -43.57 11.08 18.26
C LYS A 320 -43.28 9.85 19.11
N LYS A 321 -42.58 10.06 20.22
CA LYS A 321 -42.16 8.94 21.05
C LYS A 321 -43.37 8.27 21.70
N ASP A 322 -43.21 6.97 21.97
CA ASP A 322 -44.21 6.07 22.53
C ASP A 322 -45.37 5.80 21.60
N GLN A 323 -45.33 6.27 20.36
CA GLN A 323 -46.37 5.97 19.40
C GLN A 323 -46.20 4.55 18.89
N ILE A 324 -47.32 3.90 18.60
CA ILE A 324 -47.34 2.52 18.13
C ILE A 324 -47.33 2.53 16.60
N VAL A 325 -46.34 1.88 16.01
CA VAL A 325 -46.15 1.95 14.56
C VAL A 325 -45.86 0.55 14.02
N LEU A 326 -46.38 0.27 12.83
CA LEU A 326 -46.24 -1.03 12.17
C LEU A 326 -45.39 -0.86 10.92
N LEU A 327 -44.24 -1.52 10.90
CA LEU A 327 -43.38 -1.58 9.72
C LEU A 327 -43.60 -2.91 9.00
N PHE A 328 -43.71 -2.86 7.67
CA PHE A 328 -43.95 -4.07 6.89
C PHE A 328 -43.05 -4.06 5.66
N GLY A 329 -41.87 -4.66 5.79
CA GLY A 329 -40.96 -4.78 4.67
C GLY A 329 -41.22 -6.08 3.94
N PHE A 330 -41.56 -5.97 2.66
CA PHE A 330 -41.70 -7.10 1.76
C PHE A 330 -40.87 -6.80 0.53
N GLY A 331 -40.36 -7.85 -0.11
CA GLY A 331 -39.50 -7.59 -1.26
C GLY A 331 -39.15 -8.87 -1.99
N GLY A 332 -38.24 -8.73 -2.94
CA GLY A 332 -37.69 -9.83 -3.70
C GLY A 332 -37.39 -11.03 -2.84
N GLY A 333 -37.83 -12.20 -3.30
CA GLY A 333 -37.77 -13.40 -2.49
C GLY A 333 -38.69 -14.50 -2.99
N LEU A 334 -40.01 -14.32 -2.86
CA LEU A 334 -40.57 -13.19 -2.12
C LEU A 334 -40.50 -13.50 -0.63
N THR A 335 -40.21 -12.48 0.18
CA THR A 335 -40.09 -12.68 1.61
C THR A 335 -40.46 -11.38 2.30
N TYR A 336 -40.79 -11.48 3.59
CA TYR A 336 -41.22 -10.31 4.34
C TYR A 336 -40.99 -10.53 5.83
N THR A 337 -40.98 -9.42 6.55
CA THR A 337 -41.01 -9.37 8.01
C THR A 337 -41.84 -8.15 8.39
N GLY A 338 -42.86 -8.34 9.20
CA GLY A 338 -43.69 -7.25 9.69
C GLY A 338 -43.53 -7.11 11.19
N LEU A 339 -43.41 -5.87 11.66
CA LEU A 339 -43.08 -5.58 13.05
C LEU A 339 -44.03 -4.55 13.64
N LEU A 340 -44.45 -4.81 14.88
CA LEU A 340 -45.15 -3.84 15.70
C LEU A 340 -44.17 -3.31 16.73
N ILE A 341 -43.91 -2.00 16.69
CA ILE A 341 -42.89 -1.42 17.53
C ILE A 341 -43.44 -0.18 18.23
N LYS A 342 -42.87 0.12 19.39
CA LYS A 342 -43.14 1.36 20.10
C LYS A 342 -41.96 2.30 19.86
N TRP A 343 -42.25 3.48 19.28
CA TRP A 343 -41.19 4.48 19.03
C TRP A 343 -40.57 4.92 20.34
N GLY A 344 -39.26 4.65 20.52
CA GLY A 344 -38.57 5.01 21.77
C GLY A 344 -37.82 6.32 21.63
N MET A 345 -38.22 7.16 20.67
CA MET A 345 -37.51 8.44 20.40
C MET A 345 -38.52 9.50 19.98
N HIS B 20 22.00 5.29 17.39
CA HIS B 20 20.78 4.91 18.08
C HIS B 20 19.59 4.92 17.12
N MET B 21 18.44 5.42 17.59
CA MET B 21 17.16 5.19 16.93
C MET B 21 17.00 6.05 15.68
N SER B 22 16.47 5.44 14.62
CA SER B 22 16.18 6.17 13.40
C SER B 22 14.97 7.08 13.60
N LYS B 23 15.03 8.26 12.99
CA LYS B 23 13.97 9.26 13.09
C LYS B 23 13.41 9.59 11.70
N ALA B 24 13.51 8.65 10.77
CA ALA B 24 13.09 8.87 9.39
C ALA B 24 12.16 7.75 8.93
N LYS B 25 11.21 8.10 8.08
CA LYS B 25 10.27 7.13 7.53
C LYS B 25 10.05 7.39 6.05
N ILE B 26 9.98 6.32 5.27
CA ILE B 26 9.65 6.40 3.86
C ILE B 26 8.14 6.54 3.73
N THR B 27 7.68 7.67 3.19
CA THR B 27 6.26 8.03 3.25
C THR B 27 5.55 8.18 1.91
N ALA B 28 6.25 8.08 0.78
CA ALA B 28 5.60 8.20 -0.52
C ALA B 28 6.49 7.58 -1.58
N ILE B 29 5.87 7.22 -2.71
CA ILE B 29 6.55 6.55 -3.81
C ILE B 29 5.95 7.01 -5.14
N GLY B 30 6.80 7.12 -6.16
CA GLY B 30 6.36 7.45 -7.50
C GLY B 30 7.24 6.74 -8.50
N THR B 31 6.62 6.38 -9.63
CA THR B 31 7.38 5.57 -10.63
C THR B 31 6.99 5.92 -12.06
N TYR B 32 7.95 5.88 -12.98
CA TYR B 32 7.74 6.14 -14.40
C TYR B 32 8.70 5.28 -15.20
N ALA B 33 8.17 4.55 -16.17
CA ALA B 33 8.98 3.86 -17.15
C ALA B 33 8.62 4.37 -18.55
N PRO B 34 9.57 4.44 -19.46
CA PRO B 34 9.27 4.93 -20.81
C PRO B 34 8.35 3.98 -21.57
N SER B 35 7.85 4.46 -22.71
CA SER B 35 6.75 3.80 -23.40
C SER B 35 7.23 2.63 -24.25
N ARG B 36 8.21 2.87 -25.12
CA ARG B 36 8.70 1.85 -26.05
C ARG B 36 9.02 0.55 -25.33
N ARG B 37 8.44 -0.54 -25.80
CA ARG B 37 8.64 -1.85 -25.21
C ARG B 37 9.66 -2.63 -26.03
N LEU B 38 10.61 -3.25 -25.34
CA LEU B 38 11.61 -4.10 -25.99
C LEU B 38 11.32 -5.52 -25.53
N THR B 39 10.55 -6.25 -26.33
CA THR B 39 10.23 -7.63 -26.02
C THR B 39 11.42 -8.53 -26.30
N ASN B 40 11.36 -9.75 -25.77
CA ASN B 40 12.36 -10.75 -26.14
C ASN B 40 12.30 -11.06 -27.64
N ALA B 41 11.13 -10.86 -28.25
CA ALA B 41 11.01 -11.08 -29.69
C ALA B 41 11.72 -9.98 -30.48
N ASP B 42 11.59 -8.73 -30.02
CA ASP B 42 12.32 -7.63 -30.65
C ASP B 42 13.82 -7.90 -30.62
N LEU B 43 14.33 -8.41 -29.50
CA LEU B 43 15.76 -8.67 -29.38
C LEU B 43 16.19 -9.85 -30.24
N GLU B 44 15.26 -10.76 -30.53
CA GLU B 44 15.53 -11.86 -31.43
C GLU B 44 15.95 -11.37 -32.82
N LYS B 45 15.39 -10.24 -33.25
CA LYS B 45 15.61 -9.71 -34.59
C LYS B 45 16.87 -8.85 -34.72
N ILE B 46 17.49 -8.46 -33.60
CA ILE B 46 18.64 -7.56 -33.66
C ILE B 46 19.93 -8.23 -33.19
N VAL B 47 19.87 -9.32 -32.44
CA VAL B 47 21.06 -10.04 -32.01
C VAL B 47 20.73 -11.53 -32.00
N ASP B 48 21.77 -12.37 -32.06
CA ASP B 48 21.61 -13.81 -32.23
C ASP B 48 21.26 -14.46 -30.90
N THR B 49 19.96 -14.40 -30.55
CA THR B 49 19.49 -14.95 -29.30
C THR B 49 18.10 -15.55 -29.50
N SER B 50 17.62 -16.23 -28.46
CA SER B 50 16.30 -16.86 -28.49
C SER B 50 15.53 -16.46 -27.23
N ASP B 51 14.22 -16.25 -27.39
CA ASP B 51 13.36 -15.87 -26.27
C ASP B 51 13.48 -16.87 -25.13
N GLU B 52 13.33 -18.16 -25.43
CA GLU B 52 13.32 -19.18 -24.38
C GLU B 52 14.61 -19.16 -23.57
N TRP B 53 15.74 -18.87 -24.21
CA TRP B 53 17.01 -18.81 -23.50
C TRP B 53 17.06 -17.63 -22.54
N ILE B 54 16.47 -16.50 -22.93
CA ILE B 54 16.45 -15.32 -22.06
C ILE B 54 15.58 -15.59 -20.84
N VAL B 55 14.37 -16.12 -21.06
CA VAL B 55 13.47 -16.41 -19.95
C VAL B 55 14.09 -17.43 -19.01
N GLN B 56 14.77 -18.45 -19.57
CA GLN B 56 15.40 -19.46 -18.73
C GLN B 56 16.57 -18.89 -17.94
N ARG B 57 17.40 -18.07 -18.59
CA ARG B 57 18.64 -17.61 -17.96
C ARG B 57 18.46 -16.36 -17.12
N THR B 58 17.42 -15.56 -17.37
CA THR B 58 17.23 -14.28 -16.68
C THR B 58 15.83 -14.04 -16.15
N GLY B 59 14.79 -14.67 -16.71
CA GLY B 59 13.43 -14.40 -16.31
C GLY B 59 12.79 -13.19 -16.94
N MET B 60 13.48 -12.49 -17.83
CA MET B 60 12.96 -11.27 -18.41
C MET B 60 12.20 -11.53 -19.70
N ARG B 61 11.10 -10.80 -19.86
CA ARG B 61 10.28 -10.82 -21.05
C ARG B 61 10.28 -9.49 -21.76
N GLU B 62 10.26 -8.38 -21.02
CA GLU B 62 10.25 -7.05 -21.61
C GLU B 62 11.09 -6.11 -20.78
N ARG B 63 11.40 -4.97 -21.38
CA ARG B 63 12.10 -3.88 -20.71
C ARG B 63 11.81 -2.63 -21.51
N ARG B 64 11.74 -1.49 -20.82
CA ARG B 64 11.35 -0.23 -21.44
C ARG B 64 12.59 0.54 -21.89
N ILE B 65 12.40 1.35 -22.93
CA ILE B 65 13.47 2.09 -23.56
C ILE B 65 13.07 3.56 -23.65
N ALA B 66 13.92 4.44 -23.12
CA ALA B 66 13.67 5.87 -23.24
C ALA B 66 13.71 6.30 -24.71
N ASP B 67 12.89 7.29 -25.04
CA ASP B 67 12.92 7.86 -26.37
C ASP B 67 14.28 8.48 -26.65
N GLU B 68 14.58 8.67 -27.94
CA GLU B 68 15.90 9.15 -28.34
C GLU B 68 16.18 10.54 -27.78
N HIS B 69 15.16 11.37 -27.59
CA HIS B 69 15.31 12.69 -26.98
C HIS B 69 14.84 12.70 -25.53
N GLN B 70 14.84 11.55 -24.88
CA GLN B 70 14.35 11.40 -23.51
C GLN B 70 15.48 10.85 -22.66
N PHE B 71 15.90 11.61 -21.66
CA PHE B 71 17.06 11.25 -20.86
C PHE B 71 16.66 11.03 -19.40
N THR B 72 17.66 10.69 -18.59
CA THR B 72 17.41 10.27 -17.20
C THR B 72 16.62 11.33 -16.43
N SER B 73 16.96 12.62 -16.62
CA SER B 73 16.26 13.68 -15.89
C SER B 73 14.78 13.72 -16.24
N ASP B 74 14.44 13.55 -17.54
CA ASP B 74 13.03 13.50 -17.91
C ASP B 74 12.31 12.37 -17.21
N LEU B 75 12.96 11.20 -17.13
CA LEU B 75 12.37 10.08 -16.39
C LEU B 75 12.20 10.43 -14.92
N CYS B 76 13.22 11.04 -14.31
CA CYS B 76 13.14 11.40 -12.90
C CYS B 76 12.05 12.43 -12.66
N ILE B 77 12.00 13.47 -13.50
CA ILE B 77 10.93 14.46 -13.40
C ILE B 77 9.58 13.78 -13.48
N GLU B 78 9.44 12.82 -14.41
CA GLU B 78 8.17 12.09 -14.53
C GLU B 78 7.87 11.29 -13.27
N ALA B 79 8.91 10.73 -12.64
CA ALA B 79 8.68 9.89 -11.47
C ALA B 79 8.29 10.70 -10.25
N VAL B 80 8.77 11.94 -10.14
CA VAL B 80 8.34 12.81 -9.05
C VAL B 80 6.94 13.32 -9.31
N LYS B 81 6.60 13.55 -10.58
CA LYS B 81 5.22 13.90 -10.93
C LYS B 81 4.25 12.84 -10.44
N ASN B 82 4.60 11.57 -10.63
CA ASN B 82 3.76 10.49 -10.12
C ASN B 82 3.67 10.53 -8.60
N LEU B 83 4.82 10.62 -7.94
CA LEU B 83 4.85 10.67 -6.48
C LEU B 83 3.97 11.79 -5.95
N LYS B 84 4.18 13.01 -6.46
CA LYS B 84 3.45 14.17 -5.97
C LYS B 84 1.95 14.03 -6.20
N SER B 85 1.57 13.32 -7.26
CA SER B 85 0.16 13.05 -7.54
C SER B 85 -0.43 11.96 -6.64
N ARG B 86 0.41 11.12 -6.03
CA ARG B 86 -0.05 10.01 -5.19
C ARG B 86 0.20 10.26 -3.71
N TYR B 87 0.59 11.47 -3.34
CA TYR B 87 1.02 11.80 -1.99
C TYR B 87 0.21 12.99 -1.49
N LYS B 88 -0.26 12.89 -0.24
CA LYS B 88 -1.25 13.84 0.26
C LYS B 88 -0.63 15.11 0.84
N GLY B 89 0.67 15.11 1.15
CA GLY B 89 1.33 16.29 1.62
C GLY B 89 1.84 17.16 0.48
N THR B 90 2.59 18.19 0.85
CA THR B 90 3.21 19.09 -0.10
C THR B 90 4.67 18.71 -0.32
N LEU B 91 5.17 18.99 -1.52
CA LEU B 91 6.58 18.81 -1.85
C LEU B 91 7.37 20.11 -1.78
N ASP B 92 6.75 21.19 -1.28
CA ASP B 92 7.46 22.44 -1.08
C ASP B 92 8.48 22.34 0.06
N ASP B 93 8.35 21.32 0.92
CA ASP B 93 9.27 21.15 2.03
C ASP B 93 10.64 20.63 1.57
N VAL B 94 10.69 19.92 0.44
CA VAL B 94 11.84 19.12 0.06
C VAL B 94 13.12 19.91 0.26
N ASP B 95 13.96 19.46 1.18
CA ASP B 95 15.19 20.18 1.49
C ASP B 95 16.43 19.45 1.01
N MET B 96 16.29 18.27 0.39
CA MET B 96 17.40 17.59 -0.23
C MET B 96 16.88 16.75 -1.38
N ILE B 97 17.57 16.80 -2.51
CA ILE B 97 17.29 15.93 -3.65
C ILE B 97 18.51 15.06 -3.91
N LEU B 98 18.32 13.75 -3.83
CA LEU B 98 19.36 12.77 -4.12
C LEU B 98 18.94 11.95 -5.33
N VAL B 99 19.79 11.93 -6.36
CA VAL B 99 19.51 11.15 -7.57
C VAL B 99 20.62 10.12 -7.74
N ALA B 100 20.26 8.85 -7.65
CA ALA B 100 21.16 7.77 -8.02
C ALA B 100 21.08 7.56 -9.53
N THR B 101 22.21 7.70 -10.21
CA THR B 101 22.23 7.45 -11.65
C THR B 101 23.67 7.28 -12.10
N THR B 102 23.83 6.55 -13.21
CA THR B 102 25.11 6.46 -13.90
C THR B 102 24.99 6.93 -15.35
N THR B 103 23.83 7.45 -15.73
CA THR B 103 23.52 7.92 -17.07
C THR B 103 22.94 9.33 -17.02
N SER B 104 23.64 10.23 -16.33
CA SER B 104 23.11 11.58 -16.17
C SER B 104 23.05 12.30 -17.51
N ASP B 105 22.06 13.20 -17.63
CA ASP B 105 21.97 14.06 -18.80
C ASP B 105 23.34 14.66 -19.12
N TYR B 106 23.90 15.38 -18.16
CA TYR B 106 25.18 16.03 -18.30
C TYR B 106 26.13 15.54 -17.21
N ALA B 107 27.44 15.68 -17.49
CA ALA B 107 28.42 15.57 -16.41
C ALA B 107 28.08 16.55 -15.29
N PHE B 108 27.74 17.78 -15.66
CA PHE B 108 27.02 18.70 -14.79
C PHE B 108 26.38 19.76 -15.68
N PRO B 109 25.27 20.39 -15.25
CA PRO B 109 24.58 20.29 -13.95
C PRO B 109 23.93 18.94 -13.71
N SER B 110 23.91 18.53 -12.44
CA SER B 110 23.46 17.20 -12.09
C SER B 110 21.99 17.00 -12.44
N THR B 111 21.58 15.72 -12.46
CA THR B 111 20.18 15.39 -12.68
C THR B 111 19.32 15.91 -11.54
N ALA B 112 19.88 15.99 -10.34
CA ALA B 112 19.13 16.52 -9.20
C ALA B 112 18.82 17.99 -9.39
N CYS B 113 19.77 18.75 -9.93
CA CYS B 113 19.49 20.17 -10.21
C CYS B 113 18.48 20.32 -11.33
N ARG B 114 18.49 19.40 -12.30
CA ARG B 114 17.44 19.41 -13.32
C ARG B 114 16.07 19.15 -12.71
N VAL B 115 15.99 18.24 -11.75
CA VAL B 115 14.72 18.01 -11.05
C VAL B 115 14.28 19.27 -10.32
N GLN B 116 15.23 19.97 -9.68
CA GLN B 116 14.86 21.15 -8.92
C GLN B 116 14.31 22.25 -9.81
N GLU B 117 14.92 22.45 -10.99
CA GLU B 117 14.49 23.52 -11.87
C GLU B 117 13.06 23.29 -12.36
N TYR B 118 12.70 22.04 -12.65
CA TYR B 118 11.34 21.74 -13.06
C TYR B 118 10.34 22.16 -12.00
N PHE B 119 10.57 21.74 -10.76
CA PHE B 119 9.59 21.96 -9.69
C PHE B 119 9.81 23.26 -8.93
N GLY B 120 10.98 23.87 -9.02
CA GLY B 120 11.22 25.18 -8.44
C GLY B 120 11.15 25.28 -6.93
N TRP B 121 11.38 24.18 -6.21
CA TRP B 121 11.44 24.25 -4.75
C TRP B 121 12.49 25.29 -4.33
N GLU B 122 12.23 25.95 -3.19
CA GLU B 122 12.91 27.19 -2.88
C GLU B 122 14.15 27.02 -1.99
N SER B 123 14.20 25.96 -1.17
CA SER B 123 15.37 25.79 -0.30
C SER B 123 15.62 24.28 -0.14
N THR B 124 16.26 23.70 -1.14
CA THR B 124 16.63 22.30 -1.13
C THR B 124 18.11 22.19 -1.49
N GLY B 125 18.75 21.12 -1.02
CA GLY B 125 20.00 20.70 -1.61
C GLY B 125 19.74 19.76 -2.77
N ALA B 126 20.76 19.55 -3.59
CA ALA B 126 20.63 18.67 -4.74
C ALA B 126 21.96 17.98 -5.00
N LEU B 127 21.92 16.68 -5.25
CA LEU B 127 23.15 15.90 -5.37
C LEU B 127 22.91 14.60 -6.12
N ASP B 128 23.68 14.37 -7.19
CA ASP B 128 23.75 13.08 -7.86
C ASP B 128 24.74 12.17 -7.13
N ILE B 129 24.41 10.88 -7.03
CA ILE B 129 25.28 9.92 -6.36
C ILE B 129 25.49 8.72 -7.25
N ASN B 130 26.64 8.07 -7.09
CA ASN B 130 27.04 6.95 -7.93
C ASN B 130 27.46 5.77 -7.05
N ALA B 131 26.55 4.83 -6.87
CA ALA B 131 26.85 3.49 -6.38
C ALA B 131 26.34 2.44 -7.35
N THR B 132 26.19 2.80 -8.62
CA THR B 132 25.73 1.91 -9.70
C THR B 132 24.39 1.33 -9.26
N CYS B 133 24.19 0.01 -9.31
CA CYS B 133 22.89 -0.55 -9.00
C CYS B 133 22.56 -0.46 -7.52
N ALA B 134 23.54 -0.19 -6.66
CA ALA B 134 23.31 0.00 -5.24
C ALA B 134 22.92 1.43 -4.88
N GLY B 135 22.82 2.32 -5.87
CA GLY B 135 22.63 3.73 -5.58
C GLY B 135 21.37 4.03 -4.79
N LEU B 136 20.30 3.26 -5.01
CA LEU B 136 19.03 3.55 -4.33
C LEU B 136 19.16 3.31 -2.83
N THR B 137 19.76 2.18 -2.44
CA THR B 137 19.89 1.90 -1.02
C THR B 137 20.90 2.83 -0.37
N TYR B 138 21.97 3.18 -1.08
CA TYR B 138 22.85 4.23 -0.58
C TYR B 138 22.10 5.53 -0.39
N GLY B 139 21.21 5.87 -1.34
CA GLY B 139 20.46 7.10 -1.21
C GLY B 139 19.53 7.10 -0.02
N LEU B 140 18.82 6.00 0.19
CA LEU B 140 17.96 5.86 1.36
C LEU B 140 18.78 5.87 2.65
N HIS B 141 19.92 5.17 2.65
CA HIS B 141 20.83 5.22 3.78
C HIS B 141 21.23 6.65 4.09
N LEU B 142 21.66 7.39 3.06
CA LEU B 142 21.99 8.80 3.23
C LEU B 142 20.81 9.57 3.81
N ALA B 143 19.60 9.34 3.27
CA ALA B 143 18.46 10.12 3.70
C ALA B 143 18.11 9.84 5.16
N ASN B 144 18.26 8.57 5.58
CA ASN B 144 18.04 8.23 6.98
C ASN B 144 19.00 9.01 7.88
N GLY B 145 20.28 9.07 7.51
CA GLY B 145 21.24 9.78 8.33
C GLY B 145 21.06 11.28 8.29
N LEU B 146 20.63 11.82 7.15
CA LEU B 146 20.45 13.26 7.08
C LEU B 146 19.25 13.71 7.91
N ILE B 147 18.23 12.88 8.00
CA ILE B 147 17.04 13.24 8.76
C ILE B 147 17.19 12.89 10.24
N THR B 148 17.77 11.73 10.55
CA THR B 148 17.92 11.33 11.93
C THR B 148 18.89 12.23 12.69
N SER B 149 19.92 12.74 12.01
CA SER B 149 20.82 13.70 12.64
C SER B 149 20.14 15.04 12.87
N GLY B 150 18.99 15.29 12.26
CA GLY B 150 18.28 16.54 12.39
C GLY B 150 18.60 17.59 11.35
N LEU B 151 19.44 17.27 10.37
CA LEU B 151 19.85 18.25 9.37
C LEU B 151 18.79 18.50 8.31
N HIS B 152 17.87 17.56 8.11
CA HIS B 152 16.90 17.63 7.04
C HIS B 152 15.55 17.15 7.53
N GLN B 153 14.48 17.71 6.97
CA GLN B 153 13.12 17.35 7.34
C GLN B 153 12.42 16.48 6.30
N LYS B 154 12.64 16.74 5.00
CA LYS B 154 11.90 16.05 3.94
C LYS B 154 12.84 15.85 2.77
N ILE B 155 13.19 14.59 2.48
CA ILE B 155 14.17 14.30 1.39
C ILE B 155 13.54 13.31 0.40
N LEU B 156 13.76 13.53 -0.91
CA LEU B 156 13.23 12.61 -1.95
C LEU B 156 14.40 11.87 -2.60
N VAL B 157 14.37 10.53 -2.59
CA VAL B 157 15.51 9.74 -3.15
C VAL B 157 15.09 9.19 -4.51
N ILE B 158 15.66 9.72 -5.59
CA ILE B 158 15.34 9.23 -6.93
C ILE B 158 16.47 8.36 -7.45
N ALA B 159 16.10 7.31 -8.17
CA ALA B 159 17.00 6.58 -9.05
C ALA B 159 16.46 6.65 -10.46
N GLY B 160 17.29 7.05 -11.40
CA GLY B 160 16.85 7.08 -12.79
C GLY B 160 17.96 6.59 -13.70
N GLU B 161 17.61 5.88 -14.76
CA GLU B 161 18.60 5.38 -15.69
C GLU B 161 18.00 5.33 -17.08
N THR B 162 18.81 5.72 -18.06
CA THR B 162 18.60 5.35 -19.45
C THR B 162 19.74 4.44 -19.86
N LEU B 163 19.70 3.20 -19.35
CA LEU B 163 20.74 2.23 -19.66
C LEU B 163 20.79 1.89 -21.15
N SER B 164 19.68 2.07 -21.87
CA SER B 164 19.66 1.71 -23.28
C SER B 164 20.70 2.49 -24.06
N LYS B 165 20.93 3.75 -23.69
CA LYS B 165 21.86 4.62 -24.40
C LYS B 165 23.31 4.21 -24.18
N VAL B 166 23.59 3.39 -23.17
CA VAL B 166 24.96 2.97 -22.88
C VAL B 166 25.09 1.45 -22.96
N THR B 167 24.14 0.79 -23.62
CA THR B 167 24.15 -0.66 -23.79
C THR B 167 24.72 -1.02 -25.17
N ASP B 168 25.60 -2.01 -25.18
CA ASP B 168 26.20 -2.52 -26.41
C ASP B 168 25.22 -3.49 -27.06
N TYR B 169 24.53 -3.04 -28.10
CA TYR B 169 23.48 -3.83 -28.73
C TYR B 169 24.01 -4.80 -29.77
N THR B 170 25.32 -5.06 -29.79
CA THR B 170 25.89 -6.15 -30.56
C THR B 170 26.38 -7.28 -29.68
N ASP B 171 26.06 -7.26 -28.38
CA ASP B 171 26.47 -8.28 -27.44
C ASP B 171 25.23 -9.02 -26.95
N ARG B 172 25.22 -10.33 -27.17
CA ARG B 172 24.08 -11.15 -26.76
C ARG B 172 23.97 -11.22 -25.23
N THR B 173 25.10 -11.23 -24.53
CA THR B 173 25.09 -11.54 -23.10
C THR B 173 24.55 -10.39 -22.26
N THR B 174 24.78 -9.15 -22.69
CA THR B 174 24.39 -8.01 -21.88
C THR B 174 23.22 -7.22 -22.41
N CYS B 175 23.04 -7.15 -23.74
CA CYS B 175 22.02 -6.28 -24.30
C CYS B 175 20.60 -6.80 -24.08
N VAL B 176 20.45 -8.07 -23.67
CA VAL B 176 19.13 -8.58 -23.32
C VAL B 176 18.69 -8.16 -21.93
N LEU B 177 19.61 -7.65 -21.13
CA LEU B 177 19.35 -7.48 -19.70
C LEU B 177 18.73 -6.15 -19.32
N PHE B 178 19.08 -5.06 -19.99
CA PHE B 178 18.90 -3.73 -19.43
C PHE B 178 17.68 -3.01 -19.99
N GLY B 179 17.06 -2.21 -19.12
CA GLY B 179 15.98 -1.32 -19.50
C GLY B 179 16.14 0.03 -18.83
N ASP B 180 15.20 0.92 -19.10
CA ASP B 180 15.19 2.26 -18.55
C ASP B 180 13.96 2.46 -17.68
N ALA B 181 14.10 3.34 -16.68
CA ALA B 181 13.06 3.62 -15.69
C ALA B 181 13.57 4.70 -14.76
N ALA B 182 12.64 5.24 -13.96
CA ALA B 182 12.98 6.07 -12.82
C ALA B 182 11.93 5.83 -11.74
N GLY B 183 12.34 6.08 -10.50
CA GLY B 183 11.44 5.93 -9.37
C GLY B 183 11.91 6.86 -8.28
N ALA B 184 10.97 7.21 -7.39
CA ALA B 184 11.23 8.20 -6.36
C ALA B 184 10.63 7.75 -5.05
N LEU B 185 11.35 8.02 -3.97
CA LEU B 185 10.90 7.71 -2.63
C LEU B 185 11.01 8.97 -1.79
N LEU B 186 10.01 9.21 -0.96
CA LEU B 186 9.98 10.37 -0.08
C LEU B 186 10.31 9.91 1.33
N VAL B 187 11.25 10.61 1.98
CA VAL B 187 11.66 10.29 3.34
C VAL B 187 11.53 11.56 4.16
N GLU B 188 10.90 11.45 5.34
CA GLU B 188 10.68 12.62 6.19
C GLU B 188 10.77 12.21 7.65
N ARG B 189 10.86 13.22 8.51
CA ARG B 189 11.10 12.98 9.93
C ARG B 189 9.87 12.37 10.60
N ASP B 190 10.07 11.23 11.26
CA ASP B 190 9.05 10.57 12.06
C ASP B 190 9.64 10.30 13.44
N GLU B 191 9.09 10.96 14.46
CA GLU B 191 9.58 10.81 15.83
C GLU B 191 8.84 9.74 16.61
N GLU B 192 7.82 9.11 16.02
CA GLU B 192 7.04 8.09 16.71
C GLU B 192 7.56 6.68 16.43
N THR B 193 7.51 6.27 15.16
CA THR B 193 7.96 4.95 14.76
C THR B 193 9.18 5.05 13.85
N PRO B 194 10.26 4.34 14.18
CA PRO B 194 11.39 4.26 13.26
C PRO B 194 10.95 3.67 11.92
N GLY B 195 11.53 4.20 10.84
CA GLY B 195 11.26 3.67 9.53
C GLY B 195 12.43 2.86 9.01
N PHE B 196 13.59 3.04 9.62
CA PHE B 196 14.80 2.31 9.27
C PHE B 196 15.24 1.54 10.51
N LEU B 197 15.43 0.24 10.36
CA LEU B 197 15.72 -0.61 11.50
C LEU B 197 17.15 -1.13 11.55
N ALA B 198 17.79 -1.29 10.40
CA ALA B 198 19.16 -1.78 10.36
C ALA B 198 19.75 -1.45 8.99
N SER B 199 21.08 -1.47 8.93
CA SER B 199 21.77 -1.19 7.68
C SER B 199 23.09 -1.96 7.67
N VAL B 200 23.46 -2.48 6.51
CA VAL B 200 24.75 -3.11 6.30
C VAL B 200 25.26 -2.63 4.95
N GLN B 201 26.57 -2.53 4.83
CA GLN B 201 27.15 -2.22 3.53
C GLN B 201 28.55 -2.79 3.46
N GLY B 202 29.15 -2.69 2.29
CA GLY B 202 30.46 -3.27 2.08
C GLY B 202 30.93 -2.99 0.67
N THR B 203 32.24 -3.10 0.49
CA THR B 203 32.88 -2.79 -0.77
C THR B 203 33.98 -3.80 -1.04
N SER B 204 34.07 -4.25 -2.29
CA SER B 204 35.12 -5.15 -2.77
C SER B 204 35.57 -4.59 -4.10
N GLY B 205 36.37 -3.51 -4.05
CA GLY B 205 36.83 -2.83 -5.29
C GLY B 205 37.67 -3.74 -6.17
N ASN B 206 38.05 -4.91 -5.66
CA ASN B 206 38.84 -5.89 -6.47
C ASN B 206 37.92 -6.47 -7.56
N GLY B 207 36.61 -6.25 -7.45
CA GLY B 207 35.66 -6.75 -8.46
C GLY B 207 35.28 -5.68 -9.46
N GLY B 208 36.07 -4.61 -9.55
CA GLY B 208 35.80 -3.53 -10.51
C GLY B 208 35.84 -4.03 -11.95
N ASP B 209 36.75 -4.97 -12.23
CA ASP B 209 36.90 -5.51 -13.62
C ASP B 209 35.69 -6.35 -14.00
N ILE B 210 34.96 -6.87 -13.01
CA ILE B 210 33.78 -7.75 -13.31
C ILE B 210 32.68 -6.93 -13.99
N LEU B 211 32.36 -5.74 -13.45
CA LEU B 211 31.28 -4.90 -14.02
C LEU B 211 31.76 -3.45 -14.10
N TYR B 212 31.80 -2.88 -15.31
CA TYR B 212 32.31 -1.53 -15.48
C TYR B 212 31.74 -0.86 -16.72
N ARG B 213 32.05 0.42 -16.85
CA ARG B 213 31.78 1.20 -18.05
C ARG B 213 32.81 2.32 -18.13
N ALA B 214 33.40 2.48 -19.31
CA ALA B 214 34.48 3.44 -19.49
C ALA B 214 33.99 4.87 -19.30
N GLY B 215 34.84 5.69 -18.70
CA GLY B 215 34.59 7.11 -18.60
C GLY B 215 35.72 7.88 -19.25
N LEU B 216 36.41 8.69 -18.46
CA LEU B 216 37.61 9.36 -18.95
C LEU B 216 38.73 8.35 -19.21
N ARG B 217 38.81 7.31 -18.38
CA ARG B 217 39.83 6.27 -18.49
C ARG B 217 39.27 5.06 -19.22
N ASN B 218 40.01 4.56 -20.20
CA ASN B 218 39.58 3.42 -21.00
C ASN B 218 40.42 2.17 -20.73
N GLU B 219 40.97 2.06 -19.52
CA GLU B 219 41.74 0.88 -19.14
C GLU B 219 41.68 0.72 -17.63
N ILE B 220 41.88 -0.52 -17.18
CA ILE B 220 41.97 -0.84 -15.76
C ILE B 220 43.08 -1.86 -15.56
N ASN B 221 43.91 -1.64 -14.55
CA ASN B 221 45.00 -2.56 -14.19
C ASN B 221 45.90 -2.85 -15.40
N GLY B 222 46.12 -1.83 -16.23
CA GLY B 222 46.95 -1.96 -17.41
C GLY B 222 46.28 -2.62 -18.59
N VAL B 223 44.99 -2.91 -18.52
CA VAL B 223 44.29 -3.64 -19.58
C VAL B 223 43.22 -2.73 -20.17
N GLN B 224 43.27 -2.56 -21.49
CA GLN B 224 42.33 -1.69 -22.17
C GLN B 224 40.92 -2.27 -22.13
N LEU B 225 39.96 -1.46 -21.70
CA LEU B 225 38.59 -1.94 -21.50
C LEU B 225 37.91 -2.24 -22.82
N VAL B 226 37.13 -3.33 -22.85
CA VAL B 226 36.35 -3.70 -24.03
C VAL B 226 35.01 -2.98 -23.98
N GLY B 227 34.16 -3.20 -24.99
CA GLY B 227 32.83 -2.62 -25.02
C GLY B 227 32.73 -1.24 -25.64
N SER B 228 33.86 -0.57 -25.88
CA SER B 228 33.90 0.71 -26.59
C SER B 228 32.98 1.75 -25.95
N GLY B 229 33.07 1.88 -24.63
CA GLY B 229 32.29 2.86 -23.90
C GLY B 229 30.94 2.38 -23.40
N LYS B 230 30.47 1.22 -23.86
CA LYS B 230 29.25 0.64 -23.36
C LYS B 230 29.55 -0.22 -22.14
N MET B 231 28.53 -0.48 -21.32
CA MET B 231 28.77 -1.17 -20.07
C MET B 231 29.04 -2.65 -20.30
N VAL B 232 30.02 -3.16 -19.56
CA VAL B 232 30.57 -4.50 -19.74
C VAL B 232 30.40 -5.25 -18.42
N GLN B 233 30.06 -6.53 -18.49
CA GLN B 233 29.82 -7.31 -17.29
C GLN B 233 30.19 -8.76 -17.52
N ASN B 234 30.81 -9.39 -16.51
CA ASN B 234 31.00 -10.83 -16.43
C ASN B 234 29.87 -11.34 -15.54
N GLY B 235 28.72 -11.64 -16.16
CA GLY B 235 27.54 -11.96 -15.38
C GLY B 235 27.73 -13.10 -14.40
N ARG B 236 28.60 -14.05 -14.72
CA ARG B 236 28.81 -15.19 -13.84
C ARG B 236 29.51 -14.79 -12.55
N GLU B 237 30.48 -13.88 -12.65
CA GLU B 237 31.21 -13.47 -11.45
C GLU B 237 30.37 -12.58 -10.56
N VAL B 238 29.56 -11.69 -11.14
CA VAL B 238 28.60 -10.93 -10.35
C VAL B 238 27.66 -11.87 -9.62
N TYR B 239 27.04 -12.79 -10.37
CA TYR B 239 26.25 -13.88 -9.79
C TYR B 239 27.00 -14.58 -8.66
N LYS B 240 28.22 -15.04 -8.94
CA LYS B 240 29.04 -15.67 -7.91
C LYS B 240 29.23 -14.74 -6.71
N TRP B 241 29.49 -13.46 -6.96
CA TRP B 241 29.75 -12.54 -5.86
C TRP B 241 28.49 -12.30 -5.04
N ALA B 242 27.36 -12.07 -5.72
CA ALA B 242 26.10 -11.84 -5.01
C ALA B 242 25.71 -13.05 -4.17
N ALA B 243 25.84 -14.25 -4.76
CA ALA B 243 25.50 -15.47 -4.03
C ALA B 243 26.40 -15.64 -2.82
N ARG B 244 27.70 -15.34 -2.97
CA ARG B 244 28.66 -15.48 -1.90
C ARG B 244 28.52 -14.40 -0.83
N THR B 245 27.78 -13.32 -1.12
CA THR B 245 27.76 -12.13 -0.28
C THR B 245 26.39 -11.85 0.34
N VAL B 246 25.31 -11.91 -0.44
CA VAL B 246 24.01 -11.46 0.06
C VAL B 246 23.49 -12.31 1.22
N PRO B 247 23.53 -13.66 1.17
CA PRO B 247 22.95 -14.42 2.28
C PRO B 247 23.53 -14.07 3.65
N GLY B 248 24.86 -14.00 3.78
CA GLY B 248 25.44 -13.64 5.06
C GLY B 248 25.04 -12.25 5.52
N GLU B 249 25.02 -11.29 4.61
CA GLU B 249 24.60 -9.93 4.96
C GLU B 249 23.11 -9.88 5.24
N PHE B 250 22.33 -10.75 4.58
CA PHE B 250 20.93 -10.96 4.95
C PHE B 250 20.81 -11.31 6.42
N GLU B 251 21.63 -12.27 6.88
CA GLU B 251 21.61 -12.67 8.28
C GLU B 251 22.05 -11.53 9.20
N ARG B 252 23.13 -10.83 8.82
CA ARG B 252 23.63 -9.75 9.65
C ARG B 252 22.59 -8.65 9.80
N LEU B 253 21.83 -8.39 8.74
CA LEU B 253 20.81 -7.35 8.80
C LEU B 253 19.74 -7.67 9.84
N LEU B 254 19.27 -8.92 9.87
CA LEU B 254 18.28 -9.30 10.87
C LEU B 254 18.89 -9.30 12.27
N HIS B 255 20.09 -9.87 12.42
CA HIS B 255 20.81 -9.84 13.69
C HIS B 255 20.89 -8.42 14.25
N LYS B 256 21.32 -7.46 13.42
CA LYS B 256 21.44 -6.08 13.88
C LYS B 256 20.10 -5.49 14.30
N ALA B 257 19.01 -5.89 13.64
CA ALA B 257 17.69 -5.36 13.98
C ALA B 257 16.98 -6.15 15.07
N GLY B 258 17.54 -7.28 15.50
CA GLY B 258 16.88 -8.09 16.51
C GLY B 258 15.66 -8.79 15.99
N LEU B 259 15.71 -9.27 14.75
CA LEU B 259 14.56 -9.86 14.08
C LEU B 259 14.91 -11.26 13.60
N SER B 260 13.87 -12.06 13.40
CA SER B 260 13.97 -13.36 12.76
C SER B 260 13.36 -13.27 11.37
N SER B 261 13.78 -14.18 10.49
CA SER B 261 13.29 -14.16 9.13
C SER B 261 11.77 -14.26 9.06
N ASP B 262 11.14 -14.81 10.10
CA ASP B 262 9.69 -14.88 10.16
C ASP B 262 9.05 -13.50 10.35
N ASP B 263 9.80 -12.54 10.89
CA ASP B 263 9.29 -11.19 11.05
C ASP B 263 9.44 -10.34 9.79
N LEU B 264 10.08 -10.87 8.75
CA LEU B 264 10.35 -10.11 7.54
C LEU B 264 9.27 -10.40 6.50
N ASP B 265 8.48 -9.38 6.17
CA ASP B 265 7.38 -9.57 5.23
C ASP B 265 7.90 -9.73 3.81
N TRP B 266 8.70 -8.78 3.33
CA TRP B 266 9.12 -8.77 1.93
C TRP B 266 10.64 -8.63 1.82
N PHE B 267 11.21 -9.34 0.84
CA PHE B 267 12.62 -9.23 0.49
C PHE B 267 12.69 -8.66 -0.92
N VAL B 268 13.36 -7.52 -1.06
CA VAL B 268 13.48 -6.86 -2.36
C VAL B 268 14.96 -6.68 -2.70
N PRO B 269 15.59 -7.65 -3.34
CA PRO B 269 16.98 -7.47 -3.78
C PRO B 269 17.03 -6.64 -5.05
N HIS B 270 18.24 -6.32 -5.47
CA HIS B 270 18.41 -5.74 -6.79
C HIS B 270 17.95 -6.78 -7.82
N SER B 271 16.87 -6.48 -8.55
CA SER B 271 16.33 -7.47 -9.50
C SER B 271 17.14 -7.38 -10.80
N ALA B 272 18.37 -7.86 -10.71
CA ALA B 272 19.23 -7.95 -11.89
C ALA B 272 18.89 -9.16 -12.74
N ASN B 273 18.39 -10.22 -12.13
CA ASN B 273 18.33 -11.53 -12.77
C ASN B 273 17.49 -12.46 -11.89
N LEU B 274 16.42 -13.03 -12.46
CA LEU B 274 15.52 -13.85 -11.65
C LEU B 274 16.22 -15.09 -11.14
N ARG B 275 17.02 -15.74 -11.98
CA ARG B 275 17.74 -16.94 -11.54
C ARG B 275 18.68 -16.62 -10.40
N MET B 276 19.36 -15.47 -10.48
CA MET B 276 20.23 -15.04 -9.38
C MET B 276 19.43 -14.82 -8.11
N ILE B 277 18.26 -14.18 -8.22
CA ILE B 277 17.44 -13.91 -7.04
C ILE B 277 16.90 -15.20 -6.45
N GLU B 278 16.44 -16.13 -7.28
CA GLU B 278 16.03 -17.43 -6.77
C GLU B 278 17.19 -18.15 -6.11
N SER B 279 18.36 -18.15 -6.76
CA SER B 279 19.53 -18.75 -6.16
C SER B 279 19.97 -18.03 -4.90
N ILE B 280 19.76 -16.71 -4.82
CA ILE B 280 20.03 -16.02 -3.57
C ILE B 280 19.08 -16.50 -2.48
N CYS B 281 17.83 -16.79 -2.86
CA CYS B 281 16.81 -17.16 -1.89
C CYS B 281 17.05 -18.56 -1.30
N GLU B 282 17.66 -19.47 -2.05
CA GLU B 282 17.93 -20.78 -1.48
C GLU B 282 19.15 -20.78 -0.55
N LYS B 283 20.16 -19.98 -0.85
CA LYS B 283 21.38 -20.01 -0.04
C LYS B 283 21.16 -19.36 1.32
N THR B 284 20.19 -18.49 1.44
CA THR B 284 19.74 -18.00 2.72
C THR B 284 18.41 -18.65 3.07
N PRO B 285 18.03 -18.70 4.33
CA PRO B 285 16.68 -19.15 4.65
C PRO B 285 15.63 -18.12 4.28
N PHE B 286 15.34 -17.96 2.98
CA PHE B 286 14.21 -17.12 2.60
C PHE B 286 13.54 -17.57 1.30
N PRO B 287 12.20 -17.50 1.23
CA PRO B 287 11.50 -18.00 0.05
C PRO B 287 11.25 -16.93 -1.01
N ILE B 288 11.33 -17.35 -2.27
CA ILE B 288 10.94 -16.47 -3.37
C ILE B 288 9.47 -16.11 -3.29
N GLU B 289 8.69 -16.85 -2.51
CA GLU B 289 7.28 -16.51 -2.30
C GLU B 289 7.14 -15.13 -1.66
N LYS B 290 8.05 -14.80 -0.73
CA LYS B 290 7.99 -13.56 0.02
C LYS B 290 8.96 -12.52 -0.54
N THR B 291 9.24 -12.59 -1.84
CA THR B 291 10.27 -11.78 -2.49
C THR B 291 9.63 -10.93 -3.58
N LEU B 292 9.99 -9.66 -3.63
CA LEU B 292 9.51 -8.73 -4.63
C LEU B 292 10.51 -8.63 -5.78
N THR B 293 10.01 -8.24 -6.94
CA THR B 293 10.81 -8.34 -8.15
C THR B 293 10.21 -7.43 -9.21
N SER B 294 11.07 -6.96 -10.13
CA SER B 294 10.65 -6.08 -11.20
C SER B 294 11.30 -6.45 -12.54
N VAL B 295 11.92 -7.63 -12.62
CA VAL B 295 12.77 -7.93 -13.78
C VAL B 295 11.99 -8.46 -14.97
N GLU B 296 10.78 -9.00 -14.77
CA GLU B 296 10.07 -9.66 -15.87
C GLU B 296 9.65 -8.67 -16.94
N HIS B 297 9.08 -7.53 -16.54
CA HIS B 297 8.54 -6.57 -17.48
C HIS B 297 9.40 -5.32 -17.63
N TYR B 298 10.45 -5.16 -16.83
CA TYR B 298 11.28 -3.98 -16.94
C TYR B 298 12.76 -4.29 -17.14
N GLY B 299 13.18 -5.54 -17.04
CA GLY B 299 14.57 -5.90 -17.14
C GLY B 299 15.35 -5.39 -15.95
N ASN B 300 16.68 -5.42 -16.10
CA ASN B 300 17.60 -4.88 -15.10
C ASN B 300 17.71 -3.38 -15.32
N THR B 301 17.09 -2.59 -14.44
CA THR B 301 17.16 -1.14 -14.50
C THR B 301 18.15 -0.55 -13.48
N SER B 302 19.06 -1.37 -12.97
CA SER B 302 20.17 -0.93 -12.11
C SER B 302 19.59 -0.31 -10.84
N SER B 303 19.97 0.93 -10.48
CA SER B 303 19.51 1.53 -9.24
C SER B 303 17.99 1.62 -9.17
N VAL B 304 17.29 1.61 -10.31
CA VAL B 304 15.84 1.72 -10.28
C VAL B 304 15.13 0.41 -9.99
N SER B 305 15.83 -0.73 -10.04
CA SER B 305 15.15 -2.01 -10.04
C SER B 305 14.38 -2.25 -8.74
N ILE B 306 14.93 -1.80 -7.61
CA ILE B 306 14.27 -2.04 -6.33
C ILE B 306 13.02 -1.18 -6.20
N VAL B 307 13.09 0.09 -6.61
CA VAL B 307 11.93 0.97 -6.46
C VAL B 307 10.84 0.61 -7.47
N LEU B 308 11.21 0.07 -8.63
CA LEU B 308 10.22 -0.52 -9.52
C LEU B 308 9.50 -1.68 -8.85
N ALA B 309 10.25 -2.61 -8.27
CA ALA B 309 9.65 -3.73 -7.56
C ALA B 309 8.75 -3.26 -6.43
N LEU B 310 9.12 -2.15 -5.77
CA LEU B 310 8.34 -1.69 -4.63
C LEU B 310 7.00 -1.10 -5.06
N ASP B 311 6.96 -0.48 -6.24
CA ASP B 311 5.69 0.12 -6.70
C ASP B 311 4.79 -0.97 -7.28
N LEU B 312 5.35 -1.86 -8.12
CA LEU B 312 4.53 -2.96 -8.58
C LEU B 312 3.78 -3.59 -7.41
N ALA B 313 4.46 -3.76 -6.27
CA ALA B 313 3.82 -4.38 -5.12
C ALA B 313 2.82 -3.44 -4.46
N VAL B 314 3.12 -2.14 -4.41
CA VAL B 314 2.17 -1.18 -3.88
C VAL B 314 0.89 -1.21 -4.71
N LYS B 315 1.02 -1.26 -6.03
CA LYS B 315 -0.15 -1.23 -6.90
C LYS B 315 -0.94 -2.53 -6.83
N ALA B 316 -0.28 -3.63 -6.48
CA ALA B 316 -0.92 -4.94 -6.41
C ALA B 316 -1.45 -5.27 -5.02
N GLY B 317 -1.41 -4.32 -4.09
CA GLY B 317 -1.80 -4.64 -2.73
C GLY B 317 -0.91 -5.66 -2.05
N LYS B 318 0.26 -5.95 -2.61
CA LYS B 318 1.21 -6.83 -1.96
C LYS B 318 1.91 -6.15 -0.79
N LEU B 319 2.31 -4.89 -0.97
CA LEU B 319 3.11 -4.15 0.00
C LEU B 319 2.22 -3.20 0.77
N LYS B 320 2.14 -3.36 2.09
CA LYS B 320 1.19 -2.65 2.91
C LYS B 320 1.88 -1.91 4.04
N LYS B 321 1.15 -0.96 4.62
CA LYS B 321 1.69 -0.11 5.67
C LYS B 321 2.18 -0.94 6.85
N ASP B 322 3.23 -0.44 7.51
CA ASP B 322 3.88 -1.06 8.66
C ASP B 322 4.54 -2.39 8.33
N GLN B 323 4.58 -2.79 7.07
CA GLN B 323 5.28 -4.02 6.73
C GLN B 323 6.78 -3.80 6.80
N ILE B 324 7.49 -4.86 7.19
CA ILE B 324 8.94 -4.81 7.31
C ILE B 324 9.54 -5.42 6.05
N VAL B 325 10.40 -4.65 5.38
CA VAL B 325 10.95 -5.00 4.08
C VAL B 325 12.48 -4.89 4.13
N LEU B 326 13.16 -5.81 3.42
CA LEU B 326 14.62 -5.79 3.30
C LEU B 326 14.98 -5.43 1.87
N LEU B 327 15.55 -4.23 1.70
CA LEU B 327 16.07 -3.78 0.42
C LEU B 327 17.56 -4.07 0.35
N PHE B 328 17.99 -4.81 -0.68
CA PHE B 328 19.39 -5.13 -0.86
C PHE B 328 19.87 -4.70 -2.25
N GLY B 329 20.39 -3.48 -2.32
CA GLY B 329 21.04 -3.01 -3.53
C GLY B 329 22.51 -3.36 -3.54
N PHE B 330 22.93 -4.08 -4.57
CA PHE B 330 24.33 -4.37 -4.81
C PHE B 330 24.65 -4.01 -6.26
N GLY B 331 25.87 -3.53 -6.49
CA GLY B 331 26.18 -3.08 -7.83
C GLY B 331 27.66 -3.14 -8.13
N GLY B 332 28.00 -2.72 -9.35
CA GLY B 332 29.37 -2.59 -9.76
C GLY B 332 30.15 -1.76 -8.76
N GLY B 333 31.42 -2.08 -8.58
CA GLY B 333 32.19 -1.46 -7.52
C GLY B 333 33.37 -2.30 -7.12
N LEU B 334 33.14 -3.45 -6.50
CA LEU B 334 31.82 -3.97 -6.15
C LEU B 334 31.38 -3.42 -4.80
N THR B 335 30.12 -3.00 -4.70
CA THR B 335 29.65 -2.36 -3.47
C THR B 335 28.17 -2.65 -3.30
N TYR B 336 27.71 -2.59 -2.04
CA TYR B 336 26.31 -2.85 -1.74
C TYR B 336 25.91 -2.08 -0.50
N THR B 337 24.61 -1.81 -0.38
CA THR B 337 24.00 -1.36 0.88
C THR B 337 22.68 -2.10 1.06
N GLY B 338 22.51 -2.71 2.22
CA GLY B 338 21.29 -3.45 2.52
C GLY B 338 20.55 -2.81 3.68
N LEU B 339 19.23 -2.69 3.54
CA LEU B 339 18.43 -1.93 4.47
C LEU B 339 17.22 -2.71 4.95
N LEU B 340 16.99 -2.65 6.26
CA LEU B 340 15.76 -3.13 6.87
C LEU B 340 14.91 -1.90 7.21
N ILE B 341 13.79 -1.73 6.49
CA ILE B 341 12.94 -0.57 6.68
C ILE B 341 11.53 -1.01 7.05
N LYS B 342 10.78 -0.07 7.58
CA LYS B 342 9.35 -0.26 7.85
C LYS B 342 8.56 0.66 6.93
N TRP B 343 7.71 0.05 6.10
CA TRP B 343 6.88 0.82 5.14
C TRP B 343 6.01 1.83 5.88
N GLY B 344 6.02 3.08 5.46
CA GLY B 344 5.25 4.13 6.16
C GLY B 344 4.21 4.78 5.25
N MET B 345 3.55 3.99 4.40
CA MET B 345 2.48 4.53 3.52
C MET B 345 1.46 3.42 3.23
N HIS C 20 19.80 19.69 17.94
CA HIS C 20 20.35 18.73 17.00
C HIS C 20 21.87 18.92 16.86
N MET C 21 22.54 18.86 18.00
CA MET C 21 23.98 19.16 18.04
C MET C 21 24.80 18.09 17.34
N SER C 22 25.83 18.54 16.61
CA SER C 22 26.66 17.63 15.84
C SER C 22 27.51 16.75 16.74
N LYS C 23 27.74 15.52 16.29
CA LYS C 23 28.59 14.57 16.97
C LYS C 23 29.75 14.12 16.09
N ALA C 24 30.25 15.03 15.25
CA ALA C 24 31.24 14.71 14.24
C ALA C 24 32.26 15.84 14.13
N LYS C 25 33.49 15.50 13.77
CA LYS C 25 34.56 16.49 13.69
C LYS C 25 35.61 16.07 12.68
N ILE C 26 36.12 17.03 11.91
CA ILE C 26 37.20 16.76 10.97
C ILE C 26 38.50 16.67 11.74
N THR C 27 39.20 15.53 11.60
CA THR C 27 40.37 15.24 12.42
C THR C 27 41.66 15.00 11.65
N ALA C 28 41.63 14.91 10.32
CA ALA C 28 42.86 14.70 9.56
C ALA C 28 42.66 15.22 8.14
N ILE C 29 43.78 15.47 7.46
CA ILE C 29 43.73 16.04 6.11
C ILE C 29 44.94 15.58 5.31
N GLY C 30 44.72 15.33 4.02
CA GLY C 30 45.78 15.03 3.09
C GLY C 30 45.49 15.63 1.73
N THR C 31 46.55 15.85 0.96
CA THR C 31 46.46 16.61 -0.28
C THR C 31 47.56 16.17 -1.25
N TYR C 32 47.22 16.14 -2.53
CA TYR C 32 48.19 15.82 -3.57
C TYR C 32 47.81 16.54 -4.86
N ALA C 33 48.74 17.32 -5.38
CA ALA C 33 48.57 17.91 -6.69
C ALA C 33 49.57 17.31 -7.67
N PRO C 34 49.16 17.05 -8.91
CA PRO C 34 50.08 16.46 -9.89
C PRO C 34 51.33 17.30 -10.07
N SER C 35 52.36 16.68 -10.66
CA SER C 35 53.68 17.28 -10.70
C SER C 35 53.81 18.36 -11.76
N ARG C 36 53.24 18.14 -12.93
CA ARG C 36 53.39 19.10 -14.03
C ARG C 36 52.69 20.41 -13.70
N ARG C 37 53.39 21.52 -13.94
CA ARG C 37 52.84 22.86 -13.70
C ARG C 37 52.53 23.53 -15.02
N LEU C 38 51.39 24.21 -15.06
CA LEU C 38 50.95 24.96 -16.24
C LEU C 38 50.99 26.43 -15.88
N THR C 39 52.06 27.11 -16.26
CA THR C 39 52.23 28.51 -15.94
C THR C 39 51.49 29.38 -16.94
N ASN C 40 51.26 30.64 -16.54
CA ASN C 40 50.70 31.60 -17.48
C ASN C 40 51.56 31.74 -18.72
N ALA C 41 52.88 31.62 -18.57
CA ALA C 41 53.75 31.62 -19.74
C ALA C 41 53.42 30.46 -20.66
N ASP C 42 53.19 29.26 -20.10
CA ASP C 42 52.84 28.12 -20.92
C ASP C 42 51.51 28.31 -21.64
N LEU C 43 50.52 28.92 -20.96
CA LEU C 43 49.25 29.23 -21.61
C LEU C 43 49.44 30.20 -22.76
N GLU C 44 50.33 31.18 -22.58
CA GLU C 44 50.59 32.17 -23.64
C GLU C 44 50.93 31.51 -24.96
N LYS C 45 51.59 30.36 -24.91
CA LYS C 45 52.12 29.69 -26.09
C LYS C 45 51.16 28.67 -26.69
N ILE C 46 49.92 28.63 -26.23
CA ILE C 46 48.93 27.71 -26.80
C ILE C 46 47.61 28.44 -27.01
N VAL C 47 47.49 29.65 -26.47
CA VAL C 47 46.28 30.44 -26.61
C VAL C 47 46.69 31.91 -26.61
N ASP C 48 45.82 32.75 -27.17
CA ASP C 48 46.09 34.19 -27.29
C ASP C 48 45.73 34.88 -25.98
N THR C 49 46.68 34.84 -25.05
CA THR C 49 46.49 35.41 -23.73
C THR C 49 47.80 36.02 -23.25
N SER C 50 47.78 36.63 -22.07
CA SER C 50 48.96 37.23 -21.48
C SER C 50 48.96 37.01 -19.98
N ASP C 51 50.16 36.82 -19.42
CA ASP C 51 50.32 36.63 -17.98
C ASP C 51 49.65 37.74 -17.18
N GLU C 52 49.87 39.00 -17.58
CA GLU C 52 49.31 40.13 -16.84
C GLU C 52 47.79 40.11 -16.87
N TRP C 53 47.21 39.69 -18.00
CA TRP C 53 45.76 39.57 -18.09
C TRP C 53 45.24 38.47 -17.16
N ILE C 54 45.96 37.35 -17.07
CA ILE C 54 45.47 36.23 -16.29
C ILE C 54 45.53 36.54 -14.80
N VAL C 55 46.65 37.10 -14.34
CA VAL C 55 46.77 37.44 -12.93
C VAL C 55 45.75 38.50 -12.55
N GLN C 56 45.39 39.37 -13.49
CA GLN C 56 44.50 40.48 -13.17
C GLN C 56 43.06 39.99 -13.06
N ARG C 57 42.57 39.25 -14.05
CA ARG C 57 41.18 38.82 -14.05
C ARG C 57 40.93 37.66 -13.10
N THR C 58 41.94 36.83 -12.84
CA THR C 58 41.74 35.59 -12.10
C THR C 58 42.59 35.50 -10.84
N GLY C 59 43.83 35.97 -10.89
CA GLY C 59 44.73 35.85 -9.76
C GLY C 59 45.60 34.61 -9.77
N MET C 60 45.46 33.74 -10.76
CA MET C 60 46.27 32.53 -10.78
C MET C 60 47.56 32.79 -11.54
N ARG C 61 48.61 32.08 -11.11
CA ARG C 61 49.90 32.06 -11.79
C ARG C 61 50.26 30.69 -12.32
N GLU C 62 49.79 29.63 -11.67
CA GLU C 62 50.10 28.26 -12.04
C GLU C 62 48.89 27.39 -11.79
N ARG C 63 48.81 26.31 -12.55
CA ARG C 63 47.91 25.20 -12.28
C ARG C 63 48.72 23.91 -12.41
N ARG C 64 48.27 22.87 -11.74
CA ARG C 64 48.88 21.57 -11.88
C ARG C 64 48.05 20.72 -12.84
N ILE C 65 48.74 19.90 -13.63
CA ILE C 65 48.12 19.10 -14.67
C ILE C 65 48.50 17.64 -14.45
N ALA C 66 47.52 16.76 -14.50
CA ALA C 66 47.77 15.34 -14.29
C ALA C 66 48.49 14.75 -15.51
N ASP C 67 49.30 13.72 -15.23
CA ASP C 67 49.96 12.97 -16.29
C ASP C 67 48.92 12.33 -17.22
N GLU C 68 49.39 11.90 -18.40
CA GLU C 68 48.46 11.48 -19.43
C GLU C 68 47.75 10.18 -19.05
N HIS C 69 48.43 9.27 -18.34
CA HIS C 69 47.79 8.08 -17.78
C HIS C 69 47.54 8.22 -16.28
N GLN C 70 47.47 9.44 -15.78
CA GLN C 70 47.15 9.71 -14.38
C GLN C 70 45.73 10.26 -14.31
N PHE C 71 44.88 9.62 -13.52
CA PHE C 71 43.46 9.97 -13.48
C PHE C 71 43.04 10.31 -12.07
N THR C 72 41.75 10.62 -11.92
CA THR C 72 41.22 11.11 -10.66
C THR C 72 41.46 10.13 -9.52
N SER C 73 41.27 8.83 -9.77
CA SER C 73 41.48 7.85 -8.71
C SER C 73 42.94 7.82 -8.26
N ASP C 74 43.87 7.95 -9.20
CA ASP C 74 45.28 8.03 -8.82
C ASP C 74 45.53 9.22 -7.91
N LEU C 75 44.93 10.38 -8.23
CA LEU C 75 45.08 11.55 -7.38
C LEU C 75 44.46 11.31 -6.00
N CYS C 76 43.26 10.74 -5.97
CA CYS C 76 42.57 10.55 -4.69
C CYS C 76 43.36 9.63 -3.77
N ILE C 77 43.90 8.53 -4.32
CA ILE C 77 44.72 7.62 -3.53
C ILE C 77 45.93 8.34 -2.97
N GLU C 78 46.56 9.21 -3.76
CA GLU C 78 47.73 9.93 -3.27
C GLU C 78 47.36 10.90 -2.16
N ALA C 79 46.17 11.50 -2.24
CA ALA C 79 45.73 12.37 -1.16
C ALA C 79 45.52 11.58 0.12
N VAL C 80 44.90 10.41 0.01
CA VAL C 80 44.68 9.57 1.19
C VAL C 80 46.01 9.04 1.73
N LYS C 81 46.92 8.65 0.84
CA LYS C 81 48.26 8.25 1.30
C LYS C 81 48.91 9.38 2.08
N ASN C 82 48.79 10.62 1.59
CA ASN C 82 49.25 11.78 2.33
C ASN C 82 48.55 11.89 3.67
N LEU C 83 47.23 11.72 3.69
CA LEU C 83 46.48 11.76 4.94
C LEU C 83 47.00 10.71 5.92
N LYS C 84 47.18 9.46 5.46
CA LYS C 84 47.74 8.42 6.33
C LYS C 84 49.03 8.87 6.98
N SER C 85 49.95 9.43 6.17
CA SER C 85 51.26 9.83 6.67
C SER C 85 51.16 10.86 7.77
N ARG C 86 50.10 11.66 7.79
CA ARG C 86 50.02 12.83 8.65
C ARG C 86 48.99 12.65 9.77
N TYR C 87 48.43 11.46 9.94
CA TYR C 87 47.36 11.25 10.91
C TYR C 87 47.77 10.14 11.87
N LYS C 88 47.75 10.46 13.16
CA LYS C 88 48.00 9.47 14.21
C LYS C 88 46.72 8.67 14.42
N GLY C 89 46.79 7.37 14.24
CA GLY C 89 45.62 6.53 14.23
C GLY C 89 45.47 5.81 12.91
N THR C 90 44.52 4.88 12.88
CA THR C 90 44.37 3.97 11.76
C THR C 90 43.20 4.39 10.86
N LEU C 91 43.33 4.08 9.58
CA LEU C 91 42.23 4.16 8.64
C LEU C 91 41.55 2.81 8.44
N ASP C 92 41.97 1.78 9.19
CA ASP C 92 41.46 0.43 8.98
C ASP C 92 39.96 0.34 9.25
N ASP C 93 39.45 1.15 10.19
CA ASP C 93 38.03 1.14 10.51
C ASP C 93 37.27 2.28 9.82
N VAL C 94 37.77 2.77 8.69
CA VAL C 94 36.97 3.67 7.88
C VAL C 94 35.76 2.89 7.38
N ASP C 95 34.56 3.38 7.69
CA ASP C 95 33.34 2.68 7.32
C ASP C 95 32.59 3.35 6.17
N MET C 96 33.08 4.47 5.64
CA MET C 96 32.48 5.08 4.45
C MET C 96 33.51 5.90 3.69
N ILE C 97 33.53 5.77 2.37
CA ILE C 97 34.31 6.61 1.48
C ILE C 97 33.35 7.42 0.63
N LEU C 98 33.49 8.75 0.66
CA LEU C 98 32.75 9.66 -0.19
C LEU C 98 33.73 10.41 -1.08
N VAL C 99 33.50 10.39 -2.39
CA VAL C 99 34.44 11.07 -3.34
C VAL C 99 33.64 12.07 -4.18
N ALA C 100 33.97 13.36 -4.04
CA ALA C 100 33.29 14.41 -4.83
C ALA C 100 34.12 14.65 -6.10
N THR C 101 33.62 14.19 -7.25
CA THR C 101 34.38 14.34 -8.51
C THR C 101 33.44 14.47 -9.70
N THR C 102 33.85 15.20 -10.73
CA THR C 102 33.05 15.30 -11.98
C THR C 102 33.89 14.70 -13.11
N THR C 103 35.05 14.14 -12.75
CA THR C 103 35.97 13.55 -13.75
C THR C 103 36.37 12.14 -13.32
N SER C 104 35.39 11.32 -12.93
CA SER C 104 35.68 9.96 -12.47
C SER C 104 36.44 9.19 -13.54
N ASP C 105 37.30 8.26 -13.10
CA ASP C 105 38.00 7.41 -14.05
C ASP C 105 37.02 6.70 -14.97
N TYR C 106 36.04 6.01 -14.39
CA TYR C 106 35.02 5.29 -15.12
C TYR C 106 33.65 5.82 -14.70
N ALA C 107 32.66 5.60 -15.54
CA ALA C 107 31.28 5.80 -15.11
C ALA C 107 30.97 4.89 -13.92
N PHE C 108 31.41 3.63 -13.99
CA PHE C 108 31.51 2.75 -12.83
C PHE C 108 32.52 1.65 -13.18
N PRO C 109 33.24 1.10 -12.19
CA PRO C 109 33.20 1.33 -10.74
C PRO C 109 33.56 2.77 -10.36
N SER C 110 32.97 3.23 -9.26
CA SER C 110 33.21 4.58 -8.80
C SER C 110 34.65 4.75 -8.32
N THR C 111 35.05 6.01 -8.21
CA THR C 111 36.38 6.33 -7.68
C THR C 111 36.49 5.93 -6.22
N ALA C 112 35.40 6.02 -5.45
CA ALA C 112 35.40 5.55 -4.07
C ALA C 112 35.79 4.08 -3.99
N CYS C 113 35.28 3.26 -4.91
CA CYS C 113 35.60 1.84 -4.90
C CYS C 113 37.03 1.60 -5.35
N ARG C 114 37.54 2.41 -6.29
CA ARG C 114 38.96 2.32 -6.63
C ARG C 114 39.83 2.63 -5.42
N VAL C 115 39.42 3.63 -4.63
CA VAL C 115 40.14 3.97 -3.40
C VAL C 115 40.14 2.79 -2.44
N GLN C 116 38.98 2.17 -2.24
CA GLN C 116 38.92 1.02 -1.35
C GLN C 116 39.81 -0.10 -1.85
N GLU C 117 39.86 -0.29 -3.17
CA GLU C 117 40.68 -1.36 -3.73
C GLU C 117 42.15 -1.19 -3.34
N TYR C 118 42.63 0.06 -3.31
CA TYR C 118 44.05 0.30 -3.04
C TYR C 118 44.40 0.06 -1.57
N PHE C 119 43.57 0.57 -0.66
CA PHE C 119 43.86 0.42 0.76
C PHE C 119 43.21 -0.82 1.38
N GLY C 120 42.17 -1.36 0.77
CA GLY C 120 41.65 -2.65 1.18
C GLY C 120 40.96 -2.69 2.52
N TRP C 121 40.44 -1.56 3.01
CA TRP C 121 39.65 -1.57 4.23
C TRP C 121 38.51 -2.58 4.11
N GLU C 122 38.23 -3.28 5.21
CA GLU C 122 37.47 -4.53 5.14
C GLU C 122 35.97 -4.35 5.21
N SER C 123 35.47 -3.25 5.78
CA SER C 123 34.01 -3.08 5.88
C SER C 123 33.70 -1.59 5.78
N THR C 124 33.63 -1.10 4.53
CA THR C 124 33.33 0.31 4.29
C THR C 124 32.33 0.45 3.15
N GLY C 125 31.53 1.52 3.23
CA GLY C 125 30.73 1.94 2.11
C GLY C 125 31.51 2.81 1.16
N ALA C 126 31.01 2.93 -0.07
CA ALA C 126 31.76 3.61 -1.13
C ALA C 126 30.80 4.19 -2.15
N LEU C 127 30.86 5.50 -2.35
CA LEU C 127 30.08 6.07 -3.44
C LEU C 127 30.64 7.41 -3.85
N ASP C 128 30.57 7.68 -5.14
CA ASP C 128 30.86 9.00 -5.68
C ASP C 128 29.61 9.86 -5.60
N ILE C 129 29.82 11.16 -5.40
CA ILE C 129 28.74 12.14 -5.33
C ILE C 129 29.12 13.28 -6.26
N ASN C 130 28.11 13.95 -6.83
CA ASN C 130 28.36 15.00 -7.80
C ASN C 130 27.53 16.24 -7.47
N ALA C 131 28.22 17.33 -7.12
CA ALA C 131 27.65 18.66 -7.05
C ALA C 131 28.65 19.69 -7.58
N THR C 132 29.54 19.27 -8.49
CA THR C 132 30.57 20.12 -9.11
C THR C 132 31.44 20.72 -8.00
N CYS C 133 31.76 22.01 -8.04
CA CYS C 133 32.66 22.62 -7.07
C CYS C 133 32.11 22.63 -5.65
N ALA C 134 30.83 22.29 -5.45
CA ALA C 134 30.24 22.17 -4.12
C ALA C 134 30.32 20.75 -3.56
N GLY C 135 31.01 19.85 -4.25
CA GLY C 135 31.04 18.46 -3.81
C GLY C 135 31.63 18.27 -2.42
N LEU C 136 32.65 19.07 -2.07
CA LEU C 136 33.32 18.83 -0.80
C LEU C 136 32.41 19.19 0.37
N THR C 137 31.78 20.36 0.32
CA THR C 137 30.89 20.76 1.41
C THR C 137 29.66 19.88 1.46
N TYR C 138 29.14 19.44 0.31
CA TYR C 138 28.08 18.44 0.32
C TYR C 138 28.57 17.14 0.96
N GLY C 139 29.77 16.70 0.59
CA GLY C 139 30.31 15.48 1.19
C GLY C 139 30.51 15.62 2.69
N LEU C 140 31.08 16.74 3.13
CA LEU C 140 31.24 16.96 4.56
C LEU C 140 29.90 17.04 5.28
N HIS C 141 28.91 17.64 4.62
CA HIS C 141 27.55 17.67 5.17
C HIS C 141 27.02 16.25 5.35
N LEU C 142 27.15 15.43 4.31
CA LEU C 142 26.75 14.02 4.41
C LEU C 142 27.46 13.34 5.57
N ALA C 143 28.78 13.51 5.68
CA ALA C 143 29.52 12.84 6.73
C ALA C 143 29.04 13.29 8.11
N ASN C 144 28.68 14.56 8.26
CA ASN C 144 28.16 15.03 9.55
C ASN C 144 26.88 14.31 9.90
N GLY C 145 25.95 14.18 8.94
CA GLY C 145 24.69 13.53 9.24
C GLY C 145 24.83 12.03 9.47
N LEU C 146 25.67 11.39 8.65
CA LEU C 146 25.94 9.96 8.82
C LEU C 146 26.54 9.66 10.19
N ILE C 147 27.50 10.47 10.63
CA ILE C 147 28.14 10.20 11.91
C ILE C 147 27.26 10.63 13.07
N THR C 148 26.65 11.82 12.97
CA THR C 148 25.81 12.32 14.06
C THR C 148 24.61 11.42 14.31
N SER C 149 24.03 10.85 13.25
CA SER C 149 22.90 9.95 13.40
C SER C 149 23.28 8.62 14.06
N GLY C 150 24.57 8.33 14.20
CA GLY C 150 25.01 7.07 14.76
C GLY C 150 25.19 5.97 13.75
N LEU C 151 25.08 6.26 12.45
CA LEU C 151 25.23 5.22 11.44
C LEU C 151 26.69 4.91 11.15
N HIS C 152 27.58 5.88 11.33
CA HIS C 152 28.99 5.70 11.00
C HIS C 152 29.86 6.26 12.11
N GLN C 153 31.09 5.75 12.16
CA GLN C 153 32.09 6.19 13.13
C GLN C 153 33.27 6.93 12.50
N LYS C 154 33.64 6.62 11.26
CA LYS C 154 34.85 7.14 10.65
C LYS C 154 34.66 7.19 9.14
N ILE C 155 34.68 8.39 8.56
CA ILE C 155 34.33 8.61 7.16
C ILE C 155 35.44 9.42 6.50
N LEU C 156 35.85 8.99 5.32
CA LEU C 156 36.74 9.75 4.45
C LEU C 156 35.93 10.54 3.44
N VAL C 157 36.16 11.84 3.37
CA VAL C 157 35.55 12.71 2.38
C VAL C 157 36.67 13.19 1.46
N ILE C 158 36.63 12.78 0.19
CA ILE C 158 37.70 13.05 -0.75
C ILE C 158 37.13 13.87 -1.89
N ALA C 159 37.82 14.96 -2.24
CA ALA C 159 37.58 15.66 -3.49
C ALA C 159 38.78 15.45 -4.38
N GLY C 160 38.53 15.17 -5.66
CA GLY C 160 39.58 14.92 -6.63
C GLY C 160 39.09 15.21 -8.03
N GLU C 161 39.87 15.96 -8.81
CA GLU C 161 39.46 16.34 -10.15
C GLU C 161 40.65 16.28 -11.08
N THR C 162 40.36 16.01 -12.35
CA THR C 162 41.33 15.98 -13.43
C THR C 162 40.82 16.91 -14.56
N LEU C 163 40.57 18.16 -14.16
CA LEU C 163 39.89 19.12 -15.02
C LEU C 163 40.62 19.35 -16.34
N SER C 164 41.91 19.03 -16.41
CA SER C 164 42.65 19.27 -17.65
C SER C 164 42.17 18.38 -18.78
N LYS C 165 41.69 17.17 -18.48
CA LYS C 165 41.20 16.28 -19.53
C LYS C 165 39.83 16.69 -20.06
N VAL C 166 39.13 17.61 -19.40
CA VAL C 166 37.81 18.05 -19.82
C VAL C 166 37.79 19.55 -20.11
N THR C 167 38.95 20.13 -20.39
CA THR C 167 39.08 21.57 -20.63
C THR C 167 39.36 21.82 -22.11
N ASP C 168 38.70 22.83 -22.66
CA ASP C 168 38.87 23.26 -24.04
C ASP C 168 40.10 24.17 -24.11
N TYR C 169 41.22 23.64 -24.58
CA TYR C 169 42.46 24.41 -24.62
C TYR C 169 42.57 25.27 -25.89
N THR C 170 41.46 25.51 -26.57
CA THR C 170 41.36 26.53 -27.60
C THR C 170 40.45 27.68 -27.15
N ASP C 171 40.13 27.75 -25.87
CA ASP C 171 39.17 28.74 -25.34
C ASP C 171 39.84 29.55 -24.24
N ARG C 172 40.50 30.63 -24.64
CA ARG C 172 41.05 31.66 -23.76
C ARG C 172 40.26 31.91 -22.49
N THR C 173 38.93 31.92 -22.59
CA THR C 173 38.07 32.26 -21.45
C THR C 173 38.26 31.27 -20.30
N THR C 174 37.99 30.00 -20.56
CA THR C 174 38.01 28.96 -19.53
C THR C 174 39.34 28.24 -19.44
N CYS C 175 40.08 28.21 -20.54
CA CYS C 175 41.33 27.45 -20.61
C CYS C 175 42.32 27.86 -19.53
N VAL C 176 42.31 29.14 -19.14
CA VAL C 176 43.30 29.63 -18.18
C VAL C 176 42.95 29.31 -16.74
N LEU C 177 41.76 28.76 -16.47
CA LEU C 177 41.24 28.71 -15.12
C LEU C 177 41.49 27.40 -14.39
N PHE C 178 41.56 26.28 -15.09
CA PHE C 178 41.37 24.98 -14.48
C PHE C 178 42.69 24.26 -14.22
N GLY C 179 42.68 23.42 -13.18
CA GLY C 179 43.82 22.59 -12.81
C GLY C 179 43.36 21.33 -12.12
N ASP C 180 44.32 20.44 -11.89
CA ASP C 180 44.07 19.10 -11.35
C ASP C 180 44.62 18.98 -9.94
N ALA C 181 43.92 18.20 -9.11
CA ALA C 181 44.34 17.95 -7.73
C ALA C 181 43.37 16.98 -7.07
N ALA C 182 43.76 16.49 -5.89
CA ALA C 182 42.84 15.78 -5.01
C ALA C 182 43.21 16.09 -3.57
N GLY C 183 42.23 15.92 -2.68
CA GLY C 183 42.42 16.18 -1.27
C GLY C 183 41.41 15.38 -0.46
N ALA C 184 41.79 15.06 0.77
CA ALA C 184 41.00 14.18 1.62
C ALA C 184 40.87 14.76 3.02
N LEU C 185 39.67 14.60 3.59
CA LEU C 185 39.41 14.93 4.97
C LEU C 185 38.90 13.68 5.67
N LEU C 186 39.23 13.53 6.95
CA LEU C 186 38.72 12.45 7.78
C LEU C 186 37.77 13.05 8.81
N VAL C 187 36.58 12.47 8.91
CA VAL C 187 35.56 12.91 9.85
C VAL C 187 35.23 11.73 10.75
N GLU C 188 35.14 11.97 12.05
CA GLU C 188 34.80 10.87 12.95
C GLU C 188 33.98 11.36 14.12
N ARG C 189 33.47 10.41 14.90
CA ARG C 189 32.56 10.71 15.99
C ARG C 189 33.29 11.39 17.14
N ASP C 190 32.66 12.42 17.68
CA ASP C 190 33.19 13.19 18.80
C ASP C 190 32.01 13.59 19.68
N GLU C 191 31.91 12.98 20.86
CA GLU C 191 30.82 13.23 21.79
C GLU C 191 31.05 14.42 22.70
N GLU C 192 32.21 15.08 22.60
CA GLU C 192 32.57 16.15 23.56
C GLU C 192 32.11 17.51 23.04
N THR C 193 32.82 18.06 22.06
CA THR C 193 32.37 19.30 21.46
C THR C 193 32.02 19.10 19.99
N PRO C 194 31.02 19.84 19.48
CA PRO C 194 30.42 19.52 18.17
C PRO C 194 31.41 19.24 17.04
N GLY C 195 31.95 20.26 16.40
CA GLY C 195 32.75 20.03 15.22
C GLY C 195 32.11 20.56 13.95
N PHE C 196 30.80 20.34 13.81
CA PHE C 196 29.97 21.02 12.82
C PHE C 196 29.00 21.92 13.55
N LEU C 197 28.93 23.18 13.15
CA LEU C 197 28.19 24.18 13.89
C LEU C 197 26.92 24.66 13.20
N ALA C 198 26.91 24.69 11.87
CA ALA C 198 25.74 25.10 11.10
C ALA C 198 26.01 24.83 9.63
N SER C 199 24.94 24.77 8.86
CA SER C 199 25.04 24.49 7.44
C SER C 199 23.86 25.15 6.73
N VAL C 200 24.11 25.60 5.51
CA VAL C 200 23.09 26.16 4.65
C VAL C 200 23.25 25.53 3.27
N GLN C 201 22.14 25.39 2.57
CA GLN C 201 22.15 24.83 1.23
C GLN C 201 21.16 25.59 0.38
N GLY C 202 21.37 25.51 -0.92
CA GLY C 202 20.41 26.00 -1.88
C GLY C 202 20.83 25.59 -3.27
N THR C 203 19.85 25.54 -4.16
CA THR C 203 20.14 25.27 -5.57
C THR C 203 19.17 26.02 -6.45
N SER C 204 19.70 26.49 -7.58
CA SER C 204 18.98 27.26 -8.58
C SER C 204 19.15 26.50 -9.89
N GLY C 205 18.27 25.52 -10.12
CA GLY C 205 18.40 24.69 -11.32
C GLY C 205 18.35 25.48 -12.61
N ASN C 206 17.66 26.63 -12.61
CA ASN C 206 17.55 27.42 -13.83
C ASN C 206 18.88 27.98 -14.29
N GLY C 207 19.89 28.03 -13.42
CA GLY C 207 21.21 28.46 -13.82
C GLY C 207 22.04 27.37 -14.46
N GLY C 208 21.40 26.35 -15.01
CA GLY C 208 22.13 25.21 -15.53
C GLY C 208 22.83 25.47 -16.84
N ASP C 209 22.24 26.30 -17.70
CA ASP C 209 22.88 26.64 -18.97
C ASP C 209 24.02 27.63 -18.81
N ILE C 210 24.34 28.00 -17.57
CA ILE C 210 25.38 29.00 -17.29
C ILE C 210 26.74 28.36 -16.97
N LEU C 211 26.75 27.09 -16.54
CA LEU C 211 28.00 26.38 -16.27
C LEU C 211 27.70 24.89 -16.44
N TYR C 212 28.31 24.26 -17.45
CA TYR C 212 27.90 22.90 -17.78
C TYR C 212 29.03 22.17 -18.49
N ARG C 213 28.88 20.84 -18.54
CA ARG C 213 29.68 19.97 -19.39
C ARG C 213 28.76 18.90 -19.96
N ALA C 214 28.82 18.72 -21.28
CA ALA C 214 27.92 17.78 -21.94
C ALA C 214 28.22 16.35 -21.52
N GLY C 215 27.16 15.57 -21.32
CA GLY C 215 27.29 14.17 -20.99
C GLY C 215 26.67 13.28 -22.04
N LEU C 216 25.65 12.52 -21.66
CA LEU C 216 24.89 11.77 -22.66
C LEU C 216 24.06 12.72 -23.52
N ARG C 217 23.47 13.73 -22.91
CA ARG C 217 22.65 14.71 -23.59
C ARG C 217 23.50 15.92 -23.97
N ASN C 218 23.27 16.45 -25.18
CA ASN C 218 24.10 17.50 -25.73
C ASN C 218 23.28 18.74 -26.08
N GLU C 219 22.20 18.98 -25.34
CA GLU C 219 21.45 20.22 -25.47
C GLU C 219 20.79 20.51 -24.15
N ILE C 220 20.31 21.75 -24.00
CA ILE C 220 19.53 22.15 -22.83
C ILE C 220 18.53 23.19 -23.28
N ASN C 221 17.27 23.01 -22.85
CA ASN C 221 16.14 23.82 -23.31
C ASN C 221 16.14 23.96 -24.84
N GLY C 222 16.41 22.85 -25.53
CA GLY C 222 16.37 22.82 -26.98
C GLY C 222 17.52 23.49 -27.69
N VAL C 223 18.60 23.82 -26.99
CA VAL C 223 19.73 24.55 -27.55
C VAL C 223 20.97 23.67 -27.49
N GLN C 224 21.59 23.45 -28.65
CA GLN C 224 22.84 22.68 -28.72
C GLN C 224 23.91 23.26 -27.81
N LEU C 225 24.41 22.44 -26.90
CA LEU C 225 25.54 22.83 -26.08
C LEU C 225 26.77 23.04 -26.96
N VAL C 226 27.65 23.93 -26.52
CA VAL C 226 28.90 24.15 -27.22
C VAL C 226 30.02 23.46 -26.44
N GLY C 227 31.24 23.49 -26.98
CA GLY C 227 32.40 23.00 -26.28
C GLY C 227 32.81 21.58 -26.62
N SER C 228 31.89 20.77 -27.15
CA SER C 228 32.17 19.41 -27.60
C SER C 228 32.73 18.56 -26.47
N GLY C 229 31.89 18.34 -25.44
CA GLY C 229 32.26 17.53 -24.30
C GLY C 229 33.14 18.22 -23.27
N LYS C 230 33.72 19.36 -23.58
CA LYS C 230 34.55 20.10 -22.64
C LYS C 230 33.67 21.01 -21.78
N MET C 231 34.23 21.48 -20.66
CA MET C 231 33.45 22.35 -19.78
C MET C 231 33.25 23.73 -20.37
N VAL C 232 32.09 24.30 -20.09
CA VAL C 232 31.65 25.57 -20.66
C VAL C 232 31.04 26.40 -19.54
N GLN C 233 31.36 27.68 -19.49
CA GLN C 233 30.77 28.53 -18.47
C GLN C 233 30.63 29.96 -18.96
N ASN C 234 29.56 30.62 -18.50
CA ASN C 234 29.40 32.07 -18.57
C ASN C 234 29.99 32.61 -17.27
N GLY C 235 31.27 32.98 -17.33
CA GLY C 235 32.00 33.30 -16.11
C GLY C 235 31.41 34.48 -15.35
N ARG C 236 30.96 35.49 -16.08
CA ARG C 236 30.36 36.66 -15.44
C ARG C 236 29.09 36.28 -14.68
N GLU C 237 28.21 35.50 -15.32
CA GLU C 237 26.96 35.12 -14.68
C GLU C 237 27.18 34.23 -13.48
N VAL C 238 28.24 33.41 -13.49
CA VAL C 238 28.59 32.62 -12.31
C VAL C 238 29.06 33.55 -11.20
N TYR C 239 30.01 34.42 -11.52
CA TYR C 239 30.41 35.47 -10.56
C TYR C 239 29.19 36.16 -9.99
N LYS C 240 28.28 36.59 -10.87
CA LYS C 240 27.11 37.34 -10.44
C LYS C 240 26.29 36.56 -9.43
N TRP C 241 25.94 35.31 -9.76
CA TRP C 241 25.15 34.49 -8.85
C TRP C 241 25.86 34.30 -7.51
N ALA C 242 27.19 34.12 -7.55
CA ALA C 242 27.93 33.96 -6.29
C ALA C 242 27.85 35.24 -5.46
N ALA C 243 27.92 36.40 -6.12
CA ALA C 243 27.87 37.66 -5.39
C ALA C 243 26.49 37.93 -4.80
N ARG C 244 25.43 37.39 -5.41
CA ARG C 244 24.08 37.64 -4.93
C ARG C 244 23.60 36.59 -3.92
N THR C 245 24.31 35.47 -3.79
CA THR C 245 23.87 34.38 -2.93
C THR C 245 24.75 34.23 -1.70
N VAL C 246 26.07 34.24 -1.87
CA VAL C 246 26.98 33.94 -0.75
C VAL C 246 26.81 34.92 0.42
N PRO C 247 26.85 36.25 0.23
CA PRO C 247 26.85 37.14 1.41
C PRO C 247 25.64 36.96 2.32
N GLY C 248 24.43 36.85 1.75
CA GLY C 248 23.27 36.61 2.58
C GLY C 248 23.25 35.23 3.21
N GLU C 249 23.90 34.26 2.58
CA GLU C 249 23.99 32.94 3.18
C GLU C 249 25.15 32.85 4.15
N PHE C 250 26.22 33.61 3.91
CA PHE C 250 27.24 33.86 4.92
C PHE C 250 26.60 34.29 6.23
N GLU C 251 25.80 35.36 6.17
CA GLU C 251 25.07 35.86 7.33
C GLU C 251 24.21 34.79 7.97
N ARG C 252 23.41 34.08 7.16
CA ARG C 252 22.51 33.07 7.69
C ARG C 252 23.26 31.98 8.43
N LEU C 253 24.43 31.57 7.91
CA LEU C 253 25.25 30.59 8.60
C LEU C 253 25.61 31.08 10.00
N LEU C 254 26.12 32.30 10.11
CA LEU C 254 26.49 32.84 11.41
C LEU C 254 25.29 32.93 12.34
N HIS C 255 24.13 33.31 11.80
CA HIS C 255 22.92 33.41 12.62
C HIS C 255 22.48 32.04 13.11
N LYS C 256 22.49 31.02 12.24
CA LYS C 256 22.11 29.68 12.66
C LYS C 256 23.05 29.14 13.73
N ALA C 257 24.33 29.52 13.69
CA ALA C 257 25.31 29.05 14.67
C ALA C 257 25.40 29.96 15.89
N GLY C 258 24.71 31.10 15.89
CA GLY C 258 24.76 32.01 17.02
C GLY C 258 26.10 32.71 17.16
N LEU C 259 26.70 33.11 16.04
CA LEU C 259 28.02 33.72 16.06
C LEU C 259 27.97 35.05 15.31
N SER C 260 28.92 35.92 15.64
CA SER C 260 29.15 37.12 14.85
C SER C 260 30.33 36.88 13.90
N SER C 261 30.56 37.84 13.01
CA SER C 261 31.68 37.70 12.09
C SER C 261 33.02 37.82 12.81
N ASP C 262 33.05 38.44 13.99
CA ASP C 262 34.30 38.55 14.74
C ASP C 262 34.73 37.21 15.31
N ASP C 263 33.77 36.31 15.58
CA ASP C 263 34.10 34.98 16.06
C ASP C 263 34.56 34.04 14.96
N LEU C 264 34.52 34.46 13.70
CA LEU C 264 34.90 33.61 12.58
C LEU C 264 36.38 33.76 12.29
N ASP C 265 37.14 32.66 12.39
CA ASP C 265 38.57 32.77 12.18
C ASP C 265 38.94 32.80 10.70
N TRP C 266 38.41 31.87 9.90
CA TRP C 266 38.82 31.78 8.50
C TRP C 266 37.62 31.57 7.59
N PHE C 267 37.65 32.26 6.44
CA PHE C 267 36.65 32.12 5.39
C PHE C 267 37.29 31.34 4.23
N VAL C 268 36.73 30.18 3.91
CA VAL C 268 37.25 29.40 2.79
C VAL C 268 36.18 29.21 1.73
N PRO C 269 35.96 30.20 0.85
CA PRO C 269 35.06 29.99 -0.28
C PRO C 269 35.71 29.08 -1.30
N HIS C 270 34.88 28.56 -2.21
CA HIS C 270 35.39 27.84 -3.36
C HIS C 270 36.37 28.72 -4.12
N SER C 271 37.60 28.23 -4.27
CA SER C 271 38.68 29.03 -4.86
C SER C 271 38.54 28.97 -6.37
N ALA C 272 37.62 29.78 -6.89
CA ALA C 272 37.39 29.80 -8.33
C ALA C 272 38.10 30.95 -9.03
N ASN C 273 38.25 32.09 -8.34
CA ASN C 273 38.76 33.31 -8.96
C ASN C 273 39.05 34.33 -7.87
N LEU C 274 40.28 34.87 -7.82
CA LEU C 274 40.66 35.73 -6.70
C LEU C 274 39.85 37.04 -6.71
N ARG C 275 39.59 37.60 -7.89
CA ARG C 275 38.77 38.79 -7.97
C ARG C 275 37.35 38.51 -7.48
N MET C 276 36.81 37.34 -7.82
CA MET C 276 35.48 36.97 -7.35
C MET C 276 35.45 36.83 -5.84
N ILE C 277 36.47 36.18 -5.27
CA ILE C 277 36.58 36.06 -3.83
C ILE C 277 36.72 37.43 -3.17
N GLU C 278 37.44 38.35 -3.83
CA GLU C 278 37.58 39.70 -3.27
C GLU C 278 36.25 40.44 -3.25
N SER C 279 35.51 40.42 -4.38
CA SER C 279 34.19 41.02 -4.41
C SER C 279 33.30 40.44 -3.31
N ILE C 280 33.21 39.11 -3.25
CA ILE C 280 32.38 38.47 -2.24
C ILE C 280 32.82 38.90 -0.86
N CYS C 281 34.14 38.98 -0.64
CA CYS C 281 34.64 39.49 0.62
C CYS C 281 34.22 40.94 0.84
N GLU C 282 34.09 41.71 -0.24
CA GLU C 282 33.66 43.11 -0.10
C GLU C 282 32.17 43.19 0.22
N LYS C 283 31.34 42.42 -0.52
CA LYS C 283 29.89 42.54 -0.38
C LYS C 283 29.40 41.87 0.89
N THR C 284 29.98 40.75 1.26
CA THR C 284 29.88 40.33 2.64
C THR C 284 30.69 41.31 3.48
N PRO C 285 30.25 41.63 4.66
CA PRO C 285 31.20 42.24 5.58
C PRO C 285 32.21 41.18 6.03
N PHE C 286 33.23 40.90 5.22
CA PHE C 286 34.33 40.03 5.72
C PHE C 286 35.68 40.30 5.07
N PRO C 287 36.75 40.37 5.87
CA PRO C 287 38.05 40.78 5.31
C PRO C 287 38.77 39.65 4.57
N ILE C 288 39.49 40.06 3.51
CA ILE C 288 40.39 39.15 2.79
C ILE C 288 41.45 38.58 3.73
N GLU C 289 41.87 39.37 4.73
CA GLU C 289 42.92 38.93 5.64
C GLU C 289 42.62 37.58 6.25
N LYS C 290 41.34 37.31 6.55
CA LYS C 290 40.92 36.05 7.13
C LYS C 290 40.27 35.13 6.10
N THR C 291 40.75 35.15 4.85
CA THR C 291 40.15 34.34 3.78
C THR C 291 41.21 33.47 3.13
N LEU C 292 41.05 32.16 3.26
CA LEU C 292 42.03 31.20 2.76
C LEU C 292 41.74 30.85 1.30
N THR C 293 42.81 30.60 0.55
CA THR C 293 42.75 30.62 -0.90
C THR C 293 43.72 29.59 -1.45
N SER C 294 43.41 29.03 -2.62
CA SER C 294 44.32 28.07 -3.23
C SER C 294 44.49 28.35 -4.72
N VAL C 295 44.02 29.53 -5.17
CA VAL C 295 43.83 29.77 -6.58
C VAL C 295 45.11 30.19 -7.27
N GLU C 296 46.12 30.64 -6.51
CA GLU C 296 47.27 31.30 -7.12
C GLU C 296 48.20 30.28 -7.78
N HIS C 297 48.42 29.14 -7.12
CA HIS C 297 49.36 28.15 -7.60
C HIS C 297 48.70 26.84 -8.04
N TYR C 298 47.37 26.73 -7.92
CA TYR C 298 46.68 25.53 -8.35
C TYR C 298 45.47 25.82 -9.22
N GLY C 299 45.14 27.09 -9.44
CA GLY C 299 44.01 27.43 -10.27
C GLY C 299 42.69 27.08 -9.61
N ASN C 300 41.67 27.01 -10.45
CA ASN C 300 40.34 26.52 -10.06
C ASN C 300 40.35 25.00 -10.21
N THR C 301 40.29 24.28 -9.08
CA THR C 301 40.26 22.83 -9.07
C THR C 301 38.89 22.27 -8.67
N SER C 302 37.83 23.03 -8.93
CA SER C 302 36.47 22.59 -8.65
C SER C 302 36.29 22.17 -7.20
N SER C 303 35.88 20.91 -6.98
CA SER C 303 35.61 20.41 -5.63
C SER C 303 36.82 20.50 -4.72
N VAL C 304 38.02 20.35 -5.28
CA VAL C 304 39.23 20.28 -4.45
C VAL C 304 39.72 21.63 -4.00
N SER C 305 39.18 22.74 -4.53
CA SER C 305 39.73 24.05 -4.26
C SER C 305 39.79 24.35 -2.77
N ILE C 306 38.74 23.98 -2.04
CA ILE C 306 38.64 24.34 -0.62
C ILE C 306 39.63 23.52 0.21
N VAL C 307 39.74 22.22 -0.06
CA VAL C 307 40.64 21.42 0.77
C VAL C 307 42.09 21.77 0.45
N LEU C 308 42.39 22.10 -0.81
CA LEU C 308 43.71 22.63 -1.15
C LEU C 308 44.01 23.89 -0.34
N ALA C 309 43.03 24.79 -0.22
CA ALA C 309 43.25 26.02 0.53
C ALA C 309 43.39 25.75 2.02
N LEU C 310 42.65 24.76 2.54
CA LEU C 310 42.81 24.37 3.92
C LEU C 310 44.21 23.84 4.18
N ASP C 311 44.70 22.96 3.30
CA ASP C 311 45.99 22.33 3.56
C ASP C 311 47.14 23.32 3.40
N LEU C 312 47.06 24.21 2.41
CA LEU C 312 48.04 25.28 2.35
C LEU C 312 48.05 26.05 3.66
N ALA C 313 46.86 26.34 4.19
CA ALA C 313 46.75 27.02 5.47
C ALA C 313 47.36 26.19 6.59
N VAL C 314 47.11 24.87 6.58
CA VAL C 314 47.67 23.99 7.61
C VAL C 314 49.20 23.96 7.51
N LYS C 315 49.72 23.70 6.31
CA LYS C 315 51.16 23.64 6.12
C LYS C 315 51.84 24.95 6.47
N ALA C 316 51.17 26.08 6.24
CA ALA C 316 51.77 27.39 6.50
C ALA C 316 51.54 27.87 7.93
N GLY C 317 50.96 27.05 8.79
CA GLY C 317 50.74 27.41 10.18
C GLY C 317 49.60 28.38 10.43
N LYS C 318 48.75 28.63 9.44
CA LYS C 318 47.64 29.56 9.64
C LYS C 318 46.41 28.88 10.23
N LEU C 319 46.14 27.64 9.86
CA LEU C 319 44.95 26.94 10.34
C LEU C 319 45.30 26.15 11.60
N LYS C 320 44.50 26.31 12.64
CA LYS C 320 44.86 25.82 13.96
C LYS C 320 43.66 25.14 14.59
N LYS C 321 43.92 24.13 15.42
CA LYS C 321 42.87 23.41 16.12
C LYS C 321 41.96 24.38 16.89
N ASP C 322 40.68 24.02 16.94
CA ASP C 322 39.60 24.71 17.64
C ASP C 322 39.16 25.99 16.93
N GLN C 323 39.79 26.37 15.81
CA GLN C 323 39.39 27.58 15.12
C GLN C 323 38.08 27.38 14.37
N ILE C 324 37.31 28.46 14.24
CA ILE C 324 36.02 28.44 13.56
C ILE C 324 36.26 28.78 12.10
N VAL C 325 35.86 27.88 11.21
CA VAL C 325 36.09 28.02 9.77
C VAL C 325 34.77 27.95 9.04
N LEU C 326 34.63 28.79 8.01
CA LEU C 326 33.45 28.80 7.15
C LEU C 326 33.85 28.29 5.77
N LEU C 327 33.33 27.13 5.40
CA LEU C 327 33.51 26.57 4.07
C LEU C 327 32.24 26.84 3.25
N PHE C 328 32.40 27.53 2.11
CA PHE C 328 31.28 27.80 1.22
C PHE C 328 31.61 27.25 -0.16
N GLY C 329 31.05 26.08 -0.48
CA GLY C 329 31.25 25.46 -1.77
C GLY C 329 30.02 25.65 -2.65
N PHE C 330 30.27 26.12 -3.87
CA PHE C 330 29.23 26.43 -4.83
C PHE C 330 29.75 26.10 -6.22
N GLY C 331 28.84 25.85 -7.15
CA GLY C 331 29.27 25.59 -8.51
C GLY C 331 28.12 25.16 -9.39
N GLY C 332 28.50 24.61 -10.55
CA GLY C 332 27.56 24.15 -11.56
C GLY C 332 26.35 23.44 -11.01
N GLY C 333 25.17 23.76 -11.55
CA GLY C 333 23.93 23.29 -10.98
C GLY C 333 22.77 24.22 -11.24
N LEU C 334 22.78 25.41 -10.64
CA LEU C 334 23.77 25.82 -9.67
C LEU C 334 23.33 25.39 -8.29
N THR C 335 24.28 25.02 -7.44
CA THR C 335 23.96 24.56 -6.09
C THR C 335 25.12 24.89 -5.16
N TYR C 336 24.86 24.77 -3.86
CA TYR C 336 25.89 25.08 -2.87
C TYR C 336 25.53 24.50 -1.52
N THR C 337 26.57 24.24 -0.72
CA THR C 337 26.46 23.97 0.71
C THR C 337 27.48 24.81 1.44
N GLY C 338 27.03 25.60 2.40
CA GLY C 338 27.92 26.37 3.28
C GLY C 338 27.94 25.74 4.66
N LEU C 339 29.13 25.69 5.27
CA LEU C 339 29.31 25.00 6.54
C LEU C 339 30.14 25.85 7.49
N LEU C 340 29.73 25.86 8.75
CA LEU C 340 30.55 26.37 9.84
C LEU C 340 31.07 25.18 10.62
N ILE C 341 32.39 25.07 10.75
CA ILE C 341 33.02 23.96 11.43
C ILE C 341 34.03 24.48 12.44
N LYS C 342 34.28 23.67 13.45
CA LYS C 342 35.39 23.89 14.38
C LYS C 342 36.52 22.95 13.97
N TRP C 343 37.68 23.53 13.63
CA TRP C 343 38.84 22.71 13.21
C TRP C 343 39.22 21.75 14.33
N GLY C 344 39.26 20.45 14.04
CA GLY C 344 39.54 19.44 15.09
C GLY C 344 40.91 18.80 14.93
N MET C 345 41.87 19.54 14.36
CA MET C 345 43.25 19.01 14.20
C MET C 345 44.24 20.19 14.15
N MET D 21 -28.08 -16.67 29.30
CA MET D 21 -28.35 -18.09 29.44
C MET D 21 -29.06 -18.64 28.20
N SER D 22 -28.35 -19.44 27.42
CA SER D 22 -28.84 -19.83 26.10
C SER D 22 -29.92 -20.89 26.20
N LYS D 23 -30.95 -20.73 25.35
CA LYS D 23 -32.03 -21.71 25.19
C LYS D 23 -31.99 -22.37 23.82
N ALA D 24 -30.82 -22.41 23.19
CA ALA D 24 -30.68 -22.93 21.83
C ALA D 24 -29.63 -24.03 21.81
N LYS D 25 -29.81 -25.00 20.90
CA LYS D 25 -28.89 -26.11 20.79
C LYS D 25 -28.83 -26.59 19.35
N ILE D 26 -27.64 -26.98 18.90
CA ILE D 26 -27.45 -27.50 17.56
C ILE D 26 -27.76 -28.99 17.57
N THR D 27 -28.73 -29.41 16.72
CA THR D 27 -29.27 -30.77 16.83
C THR D 27 -29.23 -31.59 15.55
N ALA D 28 -28.73 -31.04 14.45
CA ALA D 28 -28.62 -31.82 13.21
C ALA D 28 -27.58 -31.17 12.31
N ILE D 29 -27.07 -31.96 11.36
CA ILE D 29 -26.03 -31.50 10.46
C ILE D 29 -26.20 -32.22 9.12
N GLY D 30 -25.81 -31.54 8.06
CA GLY D 30 -25.70 -32.16 6.75
C GLY D 30 -24.72 -31.39 5.90
N THR D 31 -24.04 -32.10 5.01
CA THR D 31 -23.07 -31.47 4.12
C THR D 31 -23.18 -32.10 2.75
N TYR D 32 -22.88 -31.30 1.73
CA TYR D 32 -22.77 -31.80 0.37
C TYR D 32 -21.58 -31.13 -0.29
N ALA D 33 -20.76 -31.93 -0.97
CA ALA D 33 -19.72 -31.37 -1.80
C ALA D 33 -19.89 -31.87 -3.23
N PRO D 34 -19.77 -31.01 -4.23
CA PRO D 34 -19.91 -31.46 -5.62
C PRO D 34 -18.91 -32.56 -5.93
N SER D 35 -19.18 -33.30 -7.00
CA SER D 35 -18.48 -34.56 -7.23
C SER D 35 -17.11 -34.34 -7.87
N ARG D 36 -17.00 -33.36 -8.77
CA ARG D 36 -15.76 -33.14 -9.49
C ARG D 36 -14.65 -32.70 -8.54
N ARG D 37 -13.54 -33.42 -8.57
CA ARG D 37 -12.39 -33.13 -7.74
C ARG D 37 -11.36 -32.32 -8.52
N LEU D 38 -10.70 -31.39 -7.84
CA LEU D 38 -9.56 -30.65 -8.39
C LEU D 38 -8.35 -31.05 -7.54
N THR D 39 -7.50 -31.92 -8.10
CA THR D 39 -6.32 -32.37 -7.40
C THR D 39 -5.16 -31.39 -7.64
N ASN D 40 -4.09 -31.58 -6.86
CA ASN D 40 -2.88 -30.80 -7.11
C ASN D 40 -2.28 -31.15 -8.47
N ALA D 41 -2.39 -32.42 -8.88
CA ALA D 41 -1.92 -32.80 -10.21
C ALA D 41 -2.68 -32.05 -11.30
N ASP D 42 -3.98 -31.83 -11.09
CA ASP D 42 -4.76 -31.02 -12.02
C ASP D 42 -4.29 -29.57 -12.01
N LEU D 43 -3.82 -29.08 -10.86
CA LEU D 43 -3.43 -27.68 -10.73
C LEU D 43 -2.03 -27.42 -11.29
N GLU D 44 -1.12 -28.39 -11.12
CA GLU D 44 0.20 -28.29 -11.75
C GLU D 44 0.08 -28.07 -13.25
N LYS D 45 -1.05 -28.48 -13.83
CA LYS D 45 -1.22 -28.54 -15.26
C LYS D 45 -1.94 -27.31 -15.82
N ILE D 46 -2.36 -26.38 -14.97
CA ILE D 46 -2.95 -25.13 -15.45
C ILE D 46 -2.21 -23.92 -14.91
N VAL D 47 -1.61 -24.04 -13.73
CA VAL D 47 -0.73 -23.00 -13.21
C VAL D 47 0.63 -23.62 -12.91
N ASP D 48 1.64 -22.75 -12.81
CA ASP D 48 3.01 -23.17 -12.58
C ASP D 48 3.20 -23.41 -11.08
N THR D 49 2.91 -24.63 -10.66
CA THR D 49 3.04 -25.00 -9.25
C THR D 49 3.29 -26.49 -9.18
N SER D 50 3.33 -27.02 -7.96
CA SER D 50 3.58 -28.45 -7.78
C SER D 50 2.81 -28.96 -6.57
N ASP D 51 2.51 -30.26 -6.60
CA ASP D 51 1.87 -30.92 -5.47
C ASP D 51 2.64 -30.66 -4.17
N GLU D 52 3.96 -30.73 -4.22
CA GLU D 52 4.77 -30.60 -3.01
C GLU D 52 4.74 -29.18 -2.46
N TRP D 53 4.82 -28.18 -3.34
CA TRP D 53 4.70 -26.80 -2.90
C TRP D 53 3.34 -26.56 -2.24
N ILE D 54 2.27 -27.02 -2.88
CA ILE D 54 0.92 -26.77 -2.38
C ILE D 54 0.73 -27.42 -1.01
N VAL D 55 0.99 -28.72 -0.91
CA VAL D 55 0.75 -29.44 0.34
C VAL D 55 1.59 -28.86 1.47
N GLN D 56 2.75 -28.28 1.14
CA GLN D 56 3.64 -27.77 2.19
C GLN D 56 3.18 -26.40 2.68
N ARG D 57 2.66 -25.56 1.81
CA ARG D 57 2.24 -24.23 2.20
C ARG D 57 0.81 -24.19 2.75
N THR D 58 -0.02 -25.15 2.41
CA THR D 58 -1.45 -25.05 2.70
C THR D 58 -2.03 -26.28 3.38
N GLY D 59 -1.57 -27.47 3.00
CA GLY D 59 -2.07 -28.71 3.56
C GLY D 59 -3.17 -29.37 2.77
N MET D 60 -3.56 -28.82 1.63
CA MET D 60 -4.66 -29.35 0.85
C MET D 60 -4.15 -30.18 -0.33
N ARG D 61 -4.88 -31.25 -0.64
CA ARG D 61 -4.59 -32.13 -1.76
C ARG D 61 -5.66 -32.12 -2.83
N GLU D 62 -6.91 -31.89 -2.46
CA GLU D 62 -8.03 -31.89 -3.40
C GLU D 62 -9.02 -30.81 -3.00
N ARG D 63 -9.85 -30.43 -3.97
CA ARG D 63 -11.03 -29.62 -3.71
C ARG D 63 -12.15 -30.11 -4.62
N ARG D 64 -13.38 -29.79 -4.22
CA ARG D 64 -14.54 -30.09 -5.04
C ARG D 64 -14.95 -28.84 -5.82
N ILE D 65 -15.37 -29.04 -7.07
CA ILE D 65 -15.77 -27.96 -7.95
C ILE D 65 -17.20 -28.21 -8.40
N ALA D 66 -18.04 -27.20 -8.28
CA ALA D 66 -19.40 -27.29 -8.78
C ALA D 66 -19.40 -27.47 -10.30
N ASP D 67 -20.44 -28.11 -10.81
CA ASP D 67 -20.63 -28.20 -12.25
C ASP D 67 -20.79 -26.80 -12.84
N GLU D 68 -20.66 -26.72 -14.17
CA GLU D 68 -20.98 -25.49 -14.88
C GLU D 68 -22.37 -24.99 -14.54
N HIS D 69 -23.30 -25.90 -14.26
CA HIS D 69 -24.71 -25.57 -14.12
C HIS D 69 -25.25 -25.69 -12.70
N GLN D 70 -24.42 -26.05 -11.71
CA GLN D 70 -24.88 -26.10 -10.32
C GLN D 70 -24.26 -24.95 -9.55
N PHE D 71 -25.08 -24.24 -8.80
CA PHE D 71 -24.72 -23.01 -8.11
C PHE D 71 -24.92 -23.19 -6.60
N THR D 72 -24.68 -22.11 -5.85
CA THR D 72 -24.66 -22.21 -4.39
C THR D 72 -25.99 -22.70 -3.84
N SER D 73 -27.11 -22.25 -4.42
CA SER D 73 -28.42 -22.72 -3.96
C SER D 73 -28.57 -24.21 -4.19
N ASP D 74 -28.06 -24.71 -5.31
CA ASP D 74 -28.10 -26.15 -5.57
C ASP D 74 -27.31 -26.91 -4.52
N LEU D 75 -26.18 -26.34 -4.07
CA LEU D 75 -25.39 -27.00 -3.04
C LEU D 75 -26.08 -26.91 -1.69
N CYS D 76 -26.72 -25.79 -1.39
CA CYS D 76 -27.40 -25.66 -0.09
C CYS D 76 -28.57 -26.63 0.00
N ILE D 77 -29.32 -26.80 -1.10
CA ILE D 77 -30.45 -27.74 -1.09
C ILE D 77 -29.94 -29.16 -0.83
N GLU D 78 -28.88 -29.57 -1.53
CA GLU D 78 -28.29 -30.88 -1.28
C GLU D 78 -27.87 -31.03 0.17
N ALA D 79 -27.25 -30.00 0.74
CA ALA D 79 -26.80 -30.07 2.13
C ALA D 79 -27.98 -30.25 3.08
N VAL D 80 -29.09 -29.57 2.82
CA VAL D 80 -30.27 -29.70 3.66
C VAL D 80 -30.93 -31.06 3.45
N LYS D 81 -30.94 -31.55 2.21
CA LYS D 81 -31.44 -32.91 1.96
C LYS D 81 -30.65 -33.94 2.76
N ASN D 82 -29.33 -33.79 2.81
CA ASN D 82 -28.50 -34.68 3.62
C ASN D 82 -28.90 -34.60 5.09
N LEU D 83 -29.06 -33.38 5.61
CA LEU D 83 -29.52 -33.22 6.98
C LEU D 83 -30.90 -33.85 7.18
N LYS D 84 -31.81 -33.62 6.22
CA LYS D 84 -33.15 -34.20 6.28
C LYS D 84 -33.09 -35.71 6.38
N SER D 85 -32.20 -36.34 5.63
CA SER D 85 -32.10 -37.79 5.69
C SER D 85 -31.45 -38.27 6.98
N ARG D 86 -30.84 -37.40 7.77
CA ARG D 86 -30.07 -37.81 8.94
C ARG D 86 -30.65 -37.28 10.25
N TYR D 87 -31.81 -36.63 10.22
CA TYR D 87 -32.39 -35.96 11.37
C TYR D 87 -33.66 -36.69 11.77
N LYS D 88 -33.76 -37.13 13.04
CA LYS D 88 -34.88 -37.99 13.40
C LYS D 88 -36.21 -37.27 13.46
N GLY D 89 -36.23 -35.93 13.38
CA GLY D 89 -37.46 -35.17 13.42
C GLY D 89 -37.89 -34.65 12.07
N THR D 90 -38.78 -33.65 12.10
CA THR D 90 -39.31 -33.02 10.90
C THR D 90 -38.69 -31.64 10.71
N LEU D 91 -38.67 -31.19 9.46
CA LEU D 91 -38.22 -29.84 9.10
C LEU D 91 -39.35 -28.95 8.62
N ASP D 92 -40.59 -29.45 8.54
CA ASP D 92 -41.74 -28.60 8.26
C ASP D 92 -41.86 -27.48 9.28
N ASP D 93 -41.22 -27.66 10.44
CA ASP D 93 -41.24 -26.73 11.56
C ASP D 93 -40.36 -25.49 11.37
N VAL D 94 -39.41 -25.53 10.44
CA VAL D 94 -38.39 -24.47 10.35
C VAL D 94 -39.06 -23.11 10.20
N ASP D 95 -38.68 -22.16 11.04
CA ASP D 95 -39.23 -20.82 10.99
C ASP D 95 -38.21 -19.75 10.62
N MET D 96 -36.95 -20.12 10.38
CA MET D 96 -36.00 -19.19 9.82
C MET D 96 -34.94 -19.96 9.05
N ILE D 97 -34.56 -19.44 7.88
CA ILE D 97 -33.47 -19.97 7.09
C ILE D 97 -32.40 -18.89 6.99
N LEU D 98 -31.23 -19.16 7.54
CA LEU D 98 -30.08 -18.28 7.41
C LEU D 98 -29.10 -18.95 6.46
N VAL D 99 -28.79 -18.27 5.35
CA VAL D 99 -27.79 -18.73 4.40
C VAL D 99 -26.61 -17.76 4.41
N ALA D 100 -25.45 -18.25 4.82
CA ALA D 100 -24.22 -17.47 4.76
C ALA D 100 -23.48 -17.82 3.47
N THR D 101 -23.33 -16.84 2.59
CA THR D 101 -22.65 -17.10 1.34
C THR D 101 -22.10 -15.80 0.80
N THR D 102 -21.29 -15.95 -0.24
CA THR D 102 -20.64 -14.88 -0.96
C THR D 102 -20.82 -15.09 -2.46
N THR D 103 -21.30 -16.26 -2.85
CA THR D 103 -21.43 -16.65 -4.24
C THR D 103 -22.89 -16.98 -4.54
N SER D 104 -23.79 -16.10 -4.13
CA SER D 104 -25.22 -16.35 -4.34
C SER D 104 -25.54 -16.43 -5.82
N ASP D 105 -26.53 -17.28 -6.14
CA ASP D 105 -27.02 -17.38 -7.51
C ASP D 105 -27.31 -15.99 -8.09
N TYR D 106 -28.15 -15.23 -7.40
CA TYR D 106 -28.58 -13.91 -7.87
C TYR D 106 -28.30 -12.89 -6.77
N ALA D 107 -28.10 -11.63 -7.18
CA ALA D 107 -28.20 -10.54 -6.21
C ALA D 107 -29.50 -10.66 -5.43
N PHE D 108 -30.59 -10.95 -6.14
CA PHE D 108 -31.81 -11.44 -5.52
C PHE D 108 -32.67 -12.10 -6.59
N PRO D 109 -33.56 -13.05 -6.22
CA PRO D 109 -33.90 -13.50 -4.86
C PRO D 109 -32.77 -14.24 -4.17
N SER D 110 -32.75 -14.15 -2.84
CA SER D 110 -31.65 -14.66 -2.04
C SER D 110 -31.58 -16.19 -2.11
N THR D 111 -30.44 -16.73 -1.68
CA THR D 111 -30.29 -18.18 -1.69
C THR D 111 -31.22 -18.83 -0.66
N ALA D 112 -31.39 -18.21 0.50
CA ALA D 112 -32.32 -18.72 1.49
C ALA D 112 -33.72 -18.89 0.90
N CYS D 113 -34.11 -17.97 0.02
CA CYS D 113 -35.44 -18.07 -0.59
C CYS D 113 -35.50 -19.20 -1.62
N ARG D 114 -34.37 -19.51 -2.26
CA ARG D 114 -34.31 -20.67 -3.14
C ARG D 114 -34.47 -21.96 -2.35
N VAL D 115 -33.84 -22.04 -1.18
CA VAL D 115 -33.99 -23.20 -0.31
C VAL D 115 -35.46 -23.38 0.09
N GLN D 116 -36.11 -22.28 0.50
CA GLN D 116 -37.53 -22.38 0.86
C GLN D 116 -38.38 -22.79 -0.33
N GLU D 117 -38.03 -22.30 -1.52
CA GLU D 117 -38.74 -22.70 -2.73
C GLU D 117 -38.77 -24.22 -2.87
N TYR D 118 -37.65 -24.88 -2.55
CA TYR D 118 -37.50 -26.30 -2.86
C TYR D 118 -38.24 -27.18 -1.86
N PHE D 119 -38.05 -26.93 -0.57
CA PHE D 119 -38.69 -27.73 0.46
C PHE D 119 -40.10 -27.28 0.81
N GLY D 120 -40.44 -26.02 0.51
CA GLY D 120 -41.82 -25.56 0.62
C GLY D 120 -42.33 -25.34 2.02
N TRP D 121 -41.45 -25.13 3.00
CA TRP D 121 -41.89 -24.84 4.36
C TRP D 121 -42.86 -23.65 4.36
N GLU D 122 -43.87 -23.73 5.22
CA GLU D 122 -45.06 -22.90 5.06
C GLU D 122 -44.98 -21.55 5.74
N SER D 123 -44.21 -21.43 6.82
CA SER D 123 -44.14 -20.17 7.56
C SER D 123 -42.70 -20.02 8.10
N THR D 124 -41.83 -19.47 7.26
CA THR D 124 -40.43 -19.28 7.63
C THR D 124 -39.92 -17.96 7.05
N GLY D 125 -39.11 -17.27 7.85
CA GLY D 125 -38.29 -16.20 7.32
C GLY D 125 -37.09 -16.75 6.58
N ALA D 126 -36.57 -15.95 5.65
CA ALA D 126 -35.46 -16.36 4.80
C ALA D 126 -34.54 -15.19 4.58
N LEU D 127 -33.24 -15.42 4.79
CA LEU D 127 -32.27 -14.33 4.81
C LEU D 127 -30.90 -14.84 4.38
N ASP D 128 -30.28 -14.18 3.40
CA ASP D 128 -28.86 -14.34 3.14
C ASP D 128 -28.06 -13.39 4.01
N ILE D 129 -26.90 -13.84 4.48
CA ILE D 129 -26.05 -13.00 5.30
C ILE D 129 -24.64 -13.07 4.72
N ASN D 130 -23.88 -12.00 4.93
CA ASN D 130 -22.53 -11.87 4.35
C ASN D 130 -21.56 -11.41 5.43
N ALA D 131 -20.80 -12.35 5.97
CA ALA D 131 -19.56 -12.04 6.69
C ALA D 131 -18.39 -12.83 6.11
N THR D 132 -18.54 -13.32 4.88
CA THR D 132 -17.53 -14.11 4.16
C THR D 132 -17.20 -15.34 5.00
N CYS D 133 -15.93 -15.63 5.28
CA CYS D 133 -15.58 -16.89 5.90
C CYS D 133 -16.15 -17.01 7.31
N ALA D 134 -16.40 -15.89 7.98
CA ALA D 134 -17.05 -15.94 9.29
C ALA D 134 -18.55 -16.08 9.20
N GLY D 135 -19.10 -16.28 8.00
CA GLY D 135 -20.55 -16.25 7.84
C GLY D 135 -21.26 -17.33 8.64
N LEU D 136 -20.64 -18.50 8.77
CA LEU D 136 -21.32 -19.60 9.46
C LEU D 136 -21.51 -19.29 10.95
N THR D 137 -20.41 -18.98 11.63
CA THR D 137 -20.50 -18.65 13.05
C THR D 137 -21.32 -17.39 13.29
N TYR D 138 -21.31 -16.44 12.36
CA TYR D 138 -22.26 -15.33 12.46
C TYR D 138 -23.70 -15.86 12.40
N GLY D 139 -23.97 -16.79 11.48
CA GLY D 139 -25.31 -17.36 11.40
C GLY D 139 -25.72 -18.09 12.66
N LEU D 140 -24.79 -18.84 13.25
CA LEU D 140 -25.14 -19.57 14.46
C LEU D 140 -25.36 -18.62 15.64
N HIS D 141 -24.54 -17.58 15.74
CA HIS D 141 -24.77 -16.51 16.70
C HIS D 141 -26.18 -15.94 16.58
N LEU D 142 -26.57 -15.62 15.34
CA LEU D 142 -27.93 -15.11 15.09
C LEU D 142 -28.99 -16.11 15.54
N ALA D 143 -28.85 -17.37 15.14
CA ALA D 143 -29.85 -18.36 15.53
C ALA D 143 -29.96 -18.47 17.05
N ASN D 144 -28.81 -18.49 17.74
CA ASN D 144 -28.82 -18.54 19.20
C ASN D 144 -29.63 -17.40 19.79
N GLY D 145 -29.43 -16.17 19.29
CA GLY D 145 -30.16 -15.04 19.83
C GLY D 145 -31.64 -15.06 19.48
N LEU D 146 -31.96 -15.45 18.24
CA LEU D 146 -33.37 -15.50 17.83
C LEU D 146 -34.14 -16.56 18.61
N ILE D 147 -33.52 -17.71 18.87
CA ILE D 147 -34.20 -18.76 19.61
C ILE D 147 -34.28 -18.42 21.09
N THR D 148 -33.13 -18.08 21.69
CA THR D 148 -33.08 -17.76 23.11
C THR D 148 -34.04 -16.65 23.48
N SER D 149 -34.20 -15.66 22.58
CA SER D 149 -35.16 -14.59 22.85
C SER D 149 -36.59 -15.06 22.73
N GLY D 150 -36.84 -16.31 22.34
CA GLY D 150 -38.19 -16.79 22.18
C GLY D 150 -38.89 -16.30 20.92
N LEU D 151 -38.10 -15.87 19.93
CA LEU D 151 -38.67 -15.38 18.65
C LEU D 151 -38.79 -16.54 17.66
N HIS D 152 -37.91 -17.54 17.78
CA HIS D 152 -37.90 -18.67 16.82
C HIS D 152 -37.76 -20.01 17.56
N GLN D 153 -38.04 -21.12 16.87
CA GLN D 153 -37.91 -22.47 17.48
C GLN D 153 -36.93 -23.30 16.64
N LYS D 154 -37.27 -23.59 15.38
CA LYS D 154 -36.38 -24.36 14.48
C LYS D 154 -35.75 -23.41 13.47
N ILE D 155 -34.41 -23.36 13.41
CA ILE D 155 -33.72 -22.44 12.51
C ILE D 155 -32.66 -23.21 11.74
N LEU D 156 -32.62 -23.03 10.43
CA LEU D 156 -31.63 -23.66 9.57
C LEU D 156 -30.51 -22.67 9.27
N VAL D 157 -29.31 -22.98 9.74
CA VAL D 157 -28.13 -22.18 9.47
C VAL D 157 -27.32 -22.91 8.41
N ILE D 158 -27.22 -22.31 7.24
CA ILE D 158 -26.64 -22.96 6.07
C ILE D 158 -25.48 -22.12 5.55
N ALA D 159 -24.39 -22.78 5.20
CA ALA D 159 -23.28 -22.15 4.52
C ALA D 159 -23.06 -22.91 3.22
N GLY D 160 -22.99 -22.18 2.12
CA GLY D 160 -22.75 -22.81 0.83
C GLY D 160 -21.96 -21.86 -0.02
N GLU D 161 -20.97 -22.35 -0.74
CA GLU D 161 -20.13 -21.45 -1.52
C GLU D 161 -19.78 -22.11 -2.84
N THR D 162 -19.65 -21.27 -3.86
CA THR D 162 -19.20 -21.66 -5.18
C THR D 162 -17.97 -20.81 -5.50
N LEU D 163 -16.90 -21.08 -4.75
CA LEU D 163 -15.70 -20.26 -4.87
C LEU D 163 -15.05 -20.42 -6.24
N SER D 164 -15.22 -21.59 -6.86
CA SER D 164 -14.58 -21.85 -8.14
C SER D 164 -15.00 -20.84 -9.21
N LYS D 165 -16.21 -20.33 -9.14
CA LYS D 165 -16.68 -19.41 -10.17
C LYS D 165 -16.23 -17.96 -9.95
N VAL D 166 -15.60 -17.67 -8.82
CA VAL D 166 -15.07 -16.32 -8.58
C VAL D 166 -13.60 -16.42 -8.19
N THR D 167 -12.93 -17.47 -8.66
CA THR D 167 -11.52 -17.70 -8.39
C THR D 167 -10.69 -17.37 -9.63
N ASP D 168 -9.59 -16.65 -9.43
CA ASP D 168 -8.69 -16.28 -10.52
C ASP D 168 -7.73 -17.44 -10.75
N TYR D 169 -8.03 -18.27 -11.75
CA TYR D 169 -7.22 -19.44 -12.04
C TYR D 169 -5.99 -19.11 -12.90
N THR D 170 -5.62 -17.85 -13.01
CA THR D 170 -4.33 -17.44 -13.54
C THR D 170 -3.35 -17.05 -12.44
N ASP D 171 -3.73 -17.23 -11.18
CA ASP D 171 -2.99 -16.76 -10.02
C ASP D 171 -2.61 -17.95 -9.16
N ARG D 172 -1.31 -18.29 -9.14
CA ARG D 172 -0.84 -19.42 -8.37
C ARG D 172 -1.11 -19.26 -6.88
N THR D 173 -1.12 -18.03 -6.38
CA THR D 173 -1.21 -17.79 -4.95
C THR D 173 -2.61 -18.04 -4.38
N THR D 174 -3.64 -18.09 -5.23
CA THR D 174 -5.00 -18.15 -4.71
C THR D 174 -5.81 -19.30 -5.27
N CYS D 175 -5.66 -19.63 -6.55
CA CYS D 175 -6.51 -20.64 -7.15
C CYS D 175 -6.27 -22.03 -6.58
N VAL D 176 -5.17 -22.23 -5.87
CA VAL D 176 -4.90 -23.53 -5.24
C VAL D 176 -5.62 -23.69 -3.91
N LEU D 177 -6.28 -22.64 -3.42
CA LEU D 177 -6.83 -22.64 -2.07
C LEU D 177 -8.31 -22.99 -2.00
N PHE D 178 -9.08 -22.67 -3.04
CA PHE D 178 -10.52 -22.55 -2.91
C PHE D 178 -11.27 -23.75 -3.48
N GLY D 179 -12.31 -24.15 -2.75
CA GLY D 179 -13.19 -25.21 -3.19
C GLY D 179 -14.65 -24.81 -3.03
N ASP D 180 -15.52 -25.71 -3.45
CA ASP D 180 -16.96 -25.54 -3.40
C ASP D 180 -17.55 -26.60 -2.49
N ALA D 181 -18.57 -26.22 -1.73
CA ALA D 181 -19.34 -27.13 -0.87
C ALA D 181 -20.48 -26.34 -0.25
N ALA D 182 -21.34 -27.06 0.45
CA ALA D 182 -22.37 -26.47 1.28
C ALA D 182 -22.57 -27.34 2.51
N GLY D 183 -22.99 -26.71 3.60
CA GLY D 183 -23.25 -27.42 4.83
C GLY D 183 -24.38 -26.75 5.58
N ALA D 184 -25.13 -27.54 6.34
CA ALA D 184 -26.34 -27.09 6.99
C ALA D 184 -26.35 -27.55 8.43
N LEU D 185 -26.71 -26.64 9.33
CA LEU D 185 -26.83 -26.92 10.75
C LEU D 185 -28.22 -26.53 11.22
N LEU D 186 -28.85 -27.41 11.99
CA LEU D 186 -30.16 -27.16 12.55
C LEU D 186 -30.01 -26.78 14.01
N VAL D 187 -30.75 -25.76 14.43
CA VAL D 187 -30.70 -25.23 15.78
C VAL D 187 -32.12 -25.19 16.32
N GLU D 188 -32.29 -25.54 17.59
CA GLU D 188 -33.62 -25.66 18.18
C GLU D 188 -33.63 -25.05 19.56
N ARG D 189 -34.84 -24.76 20.03
CA ARG D 189 -35.06 -24.39 21.42
C ARG D 189 -34.79 -25.60 22.31
N ASP D 190 -33.89 -25.43 23.27
CA ASP D 190 -33.61 -26.44 24.28
C ASP D 190 -33.60 -25.73 25.63
N GLU D 191 -34.64 -25.95 26.42
CA GLU D 191 -34.76 -25.29 27.70
C GLU D 191 -34.16 -26.10 28.84
N GLU D 192 -33.67 -27.32 28.56
CA GLU D 192 -33.00 -28.11 29.58
C GLU D 192 -31.54 -27.68 29.73
N THR D 193 -30.75 -27.87 28.69
CA THR D 193 -29.32 -27.62 28.76
C THR D 193 -28.88 -26.67 27.65
N PRO D 194 -28.12 -25.63 27.97
CA PRO D 194 -27.65 -24.71 26.92
C PRO D 194 -26.76 -25.41 25.91
N GLY D 195 -26.84 -24.95 24.67
CA GLY D 195 -25.98 -25.45 23.61
C GLY D 195 -24.96 -24.43 23.15
N PHE D 196 -25.16 -23.18 23.57
CA PHE D 196 -24.23 -22.08 23.28
C PHE D 196 -23.72 -21.56 24.61
N LEU D 197 -22.40 -21.56 24.79
CA LEU D 197 -21.81 -21.26 26.08
C LEU D 197 -21.17 -19.88 26.17
N ALA D 198 -20.72 -19.32 25.05
CA ALA D 198 -20.07 -18.02 25.03
C ALA D 198 -19.87 -17.59 23.59
N SER D 199 -19.61 -16.30 23.40
CA SER D 199 -19.42 -15.77 22.05
C SER D 199 -18.48 -14.58 22.12
N VAL D 200 -17.58 -14.50 21.15
CA VAL D 200 -16.69 -13.36 20.97
C VAL D 200 -16.85 -12.86 19.54
N GLN D 201 -16.72 -11.54 19.38
CA GLN D 201 -16.82 -10.93 18.07
C GLN D 201 -15.85 -9.76 17.99
N GLY D 202 -15.47 -9.42 16.76
CA GLY D 202 -14.71 -8.21 16.53
C GLY D 202 -14.58 -7.93 15.06
N THR D 203 -14.34 -6.66 14.71
CA THR D 203 -14.21 -6.26 13.32
C THR D 203 -13.01 -5.34 13.17
N SER D 204 -12.20 -5.60 12.14
CA SER D 204 -11.05 -4.76 11.81
C SER D 204 -11.27 -4.25 10.40
N GLY D 205 -12.10 -3.22 10.26
CA GLY D 205 -12.41 -2.70 8.94
C GLY D 205 -11.19 -2.21 8.19
N ASN D 206 -10.12 -1.86 8.90
CA ASN D 206 -8.91 -1.39 8.25
C ASN D 206 -8.29 -2.45 7.35
N GLY D 207 -8.60 -3.72 7.58
CA GLY D 207 -8.09 -4.81 6.79
C GLY D 207 -8.89 -5.13 5.55
N GLY D 208 -9.86 -4.30 5.20
CA GLY D 208 -10.70 -4.59 4.05
C GLY D 208 -9.94 -4.75 2.75
N ASP D 209 -8.82 -4.03 2.61
CA ASP D 209 -8.02 -4.15 1.39
C ASP D 209 -7.06 -5.35 1.43
N ILE D 210 -7.07 -6.14 2.50
CA ILE D 210 -6.20 -7.31 2.60
C ILE D 210 -6.90 -8.58 2.10
N LEU D 211 -8.23 -8.57 2.02
CA LEU D 211 -9.01 -9.73 1.55
C LEU D 211 -10.29 -9.18 0.94
N TYR D 212 -10.46 -9.31 -0.37
CA TYR D 212 -11.60 -8.66 -1.00
C TYR D 212 -11.97 -9.37 -2.30
N ARG D 213 -13.17 -9.06 -2.78
CA ARG D 213 -13.58 -9.35 -4.15
C ARG D 213 -14.43 -8.19 -4.62
N ALA D 214 -14.17 -7.71 -5.84
CA ALA D 214 -14.84 -6.53 -6.34
C ALA D 214 -16.34 -6.78 -6.50
N GLY D 215 -17.10 -5.69 -6.46
CA GLY D 215 -18.52 -5.73 -6.73
C GLY D 215 -18.90 -4.56 -7.62
N LEU D 216 -19.86 -3.76 -7.16
CA LEU D 216 -20.20 -2.55 -7.91
C LEU D 216 -19.05 -1.56 -7.94
N ARG D 217 -18.22 -1.54 -6.90
CA ARG D 217 -17.05 -0.68 -6.84
C ARG D 217 -15.79 -1.45 -7.20
N ASN D 218 -14.80 -0.74 -7.74
CA ASN D 218 -13.55 -1.37 -8.17
C ASN D 218 -12.31 -0.68 -7.58
N GLU D 219 -12.47 0.06 -6.50
CA GLU D 219 -11.35 0.70 -5.81
C GLU D 219 -11.63 0.69 -4.31
N ILE D 220 -10.57 0.75 -3.52
CA ILE D 220 -10.72 0.77 -2.07
C ILE D 220 -10.40 2.16 -1.56
N ASN D 221 -9.12 2.54 -1.57
CA ASN D 221 -8.74 3.85 -1.05
C ASN D 221 -8.41 4.81 -2.20
N GLY D 222 -9.29 4.87 -3.20
CA GLY D 222 -8.92 5.45 -4.47
C GLY D 222 -7.94 4.61 -5.26
N VAL D 223 -7.53 3.47 -4.73
CA VAL D 223 -6.61 2.55 -5.40
C VAL D 223 -7.43 1.53 -6.17
N GLN D 224 -7.19 1.44 -7.48
CA GLN D 224 -7.88 0.47 -8.31
C GLN D 224 -7.63 -0.95 -7.81
N LEU D 225 -8.70 -1.74 -7.72
CA LEU D 225 -8.58 -3.12 -7.28
C LEU D 225 -7.99 -3.99 -8.40
N VAL D 226 -7.34 -5.08 -7.99
CA VAL D 226 -6.81 -6.06 -8.93
C VAL D 226 -7.74 -7.27 -8.93
N GLY D 227 -7.46 -8.25 -9.78
CA GLY D 227 -8.17 -9.51 -9.79
C GLY D 227 -9.29 -9.61 -10.80
N SER D 228 -9.71 -8.49 -11.39
CA SER D 228 -10.74 -8.48 -12.44
C SER D 228 -12.04 -9.15 -11.96
N GLY D 229 -12.49 -8.76 -10.77
CA GLY D 229 -13.69 -9.32 -10.19
C GLY D 229 -13.51 -10.63 -9.43
N LYS D 230 -12.34 -11.26 -9.51
CA LYS D 230 -12.10 -12.50 -8.81
C LYS D 230 -11.59 -12.22 -7.39
N MET D 231 -11.60 -13.25 -6.56
CA MET D 231 -11.16 -13.08 -5.18
C MET D 231 -9.67 -12.70 -5.14
N VAL D 232 -9.33 -11.82 -4.21
CA VAL D 232 -7.98 -11.32 -4.04
C VAL D 232 -7.66 -11.37 -2.56
N GLN D 233 -6.44 -11.81 -2.23
CA GLN D 233 -6.02 -11.89 -0.83
C GLN D 233 -4.54 -11.56 -0.70
N ASN D 234 -4.20 -10.87 0.38
CA ASN D 234 -2.81 -10.74 0.82
C ASN D 234 -2.59 -11.83 1.85
N GLY D 235 -2.16 -13.01 1.37
CA GLY D 235 -2.12 -14.19 2.21
C GLY D 235 -1.34 -13.99 3.49
N ARG D 236 -0.20 -13.29 3.41
CA ARG D 236 0.63 -13.10 4.59
C ARG D 236 -0.05 -12.19 5.62
N GLU D 237 -0.67 -11.11 5.16
CA GLU D 237 -1.35 -10.20 6.08
C GLU D 237 -2.57 -10.86 6.71
N VAL D 238 -3.30 -11.66 5.94
CA VAL D 238 -4.42 -12.43 6.51
C VAL D 238 -3.90 -13.37 7.59
N TYR D 239 -2.90 -14.18 7.24
CA TYR D 239 -2.22 -15.05 8.18
C TYR D 239 -1.82 -14.30 9.45
N LYS D 240 -1.15 -13.16 9.29
CA LYS D 240 -0.69 -12.40 10.45
C LYS D 240 -1.87 -11.92 11.30
N TRP D 241 -2.95 -11.48 10.65
CA TRP D 241 -4.10 -11.01 11.41
C TRP D 241 -4.77 -12.14 12.18
N ALA D 242 -4.95 -13.29 11.53
CA ALA D 242 -5.48 -14.45 12.24
C ALA D 242 -4.58 -14.81 13.41
N ALA D 243 -3.27 -14.82 13.18
CA ALA D 243 -2.33 -15.29 14.19
C ALA D 243 -2.34 -14.40 15.42
N ARG D 244 -2.51 -13.10 15.24
CA ARG D 244 -2.49 -12.18 16.37
C ARG D 244 -3.87 -11.94 16.98
N THR D 245 -4.94 -12.37 16.32
CA THR D 245 -6.30 -12.17 16.84
C THR D 245 -6.89 -13.42 17.50
N VAL D 246 -6.76 -14.58 16.86
CA VAL D 246 -7.47 -15.77 17.34
C VAL D 246 -7.03 -16.22 18.73
N PRO D 247 -5.72 -16.33 19.04
CA PRO D 247 -5.34 -16.81 20.39
C PRO D 247 -5.93 -16.04 21.55
N GLY D 248 -5.86 -14.71 21.53
CA GLY D 248 -6.42 -13.94 22.64
C GLY D 248 -7.94 -14.06 22.76
N GLU D 249 -8.64 -14.08 21.63
CA GLU D 249 -10.08 -14.23 21.68
C GLU D 249 -10.47 -15.68 21.99
N PHE D 250 -9.63 -16.63 21.57
CA PHE D 250 -9.73 -18.00 22.07
C PHE D 250 -9.78 -18.00 23.59
N GLU D 251 -8.77 -17.40 24.22
CA GLU D 251 -8.71 -17.33 25.69
C GLU D 251 -9.92 -16.61 26.25
N ARG D 252 -10.32 -15.50 25.62
CA ARG D 252 -11.45 -14.72 26.12
C ARG D 252 -12.74 -15.53 26.08
N LEU D 253 -12.91 -16.36 25.05
CA LEU D 253 -14.07 -17.24 24.98
C LEU D 253 -14.14 -18.14 26.20
N LEU D 254 -13.05 -18.88 26.46
CA LEU D 254 -13.01 -19.81 27.59
C LEU D 254 -13.29 -19.09 28.91
N HIS D 255 -12.76 -17.87 29.05
CA HIS D 255 -13.02 -17.10 30.26
C HIS D 255 -14.50 -16.76 30.40
N LYS D 256 -15.12 -16.32 29.29
CA LYS D 256 -16.53 -15.94 29.35
C LYS D 256 -17.41 -17.11 29.76
N ALA D 257 -17.07 -18.32 29.34
CA ALA D 257 -17.89 -19.49 29.65
C ALA D 257 -17.49 -20.17 30.95
N GLY D 258 -16.48 -19.67 31.65
CA GLY D 258 -16.04 -20.28 32.89
C GLY D 258 -15.34 -21.61 32.72
N LEU D 259 -14.52 -21.74 31.67
CA LEU D 259 -14.00 -23.03 31.24
C LEU D 259 -12.49 -22.96 31.09
N SER D 260 -11.84 -24.12 31.27
CA SER D 260 -10.44 -24.29 30.95
C SER D 260 -10.31 -24.86 29.54
N SER D 261 -9.08 -24.81 29.01
CA SER D 261 -8.82 -25.45 27.73
C SER D 261 -8.90 -26.97 27.85
N ASP D 262 -8.64 -27.50 29.04
CA ASP D 262 -8.78 -28.93 29.27
C ASP D 262 -10.22 -29.39 29.11
N ASP D 263 -11.18 -28.50 29.34
CA ASP D 263 -12.59 -28.82 29.15
C ASP D 263 -13.01 -28.74 27.69
N LEU D 264 -12.15 -28.28 26.80
CA LEU D 264 -12.51 -28.08 25.41
C LEU D 264 -12.17 -29.33 24.63
N ASP D 265 -13.18 -29.93 24.01
CA ASP D 265 -12.92 -31.19 23.32
C ASP D 265 -12.35 -30.96 21.93
N TRP D 266 -12.89 -29.99 21.19
CA TRP D 266 -12.50 -29.84 19.80
C TRP D 266 -12.43 -28.35 19.44
N PHE D 267 -11.41 -28.01 18.65
CA PHE D 267 -11.20 -26.66 18.15
C PHE D 267 -11.40 -26.69 16.65
N VAL D 268 -12.42 -25.98 16.17
CA VAL D 268 -12.77 -25.97 14.75
C VAL D 268 -12.62 -24.55 14.20
N PRO D 269 -11.41 -24.10 13.91
CA PRO D 269 -11.25 -22.81 13.24
C PRO D 269 -11.68 -22.90 11.79
N HIS D 270 -11.79 -21.72 11.17
CA HIS D 270 -12.00 -21.66 9.74
C HIS D 270 -10.84 -22.35 9.03
N SER D 271 -11.16 -23.33 8.18
CA SER D 271 -10.14 -24.14 7.51
C SER D 271 -9.67 -23.41 6.25
N ALA D 272 -8.86 -22.38 6.47
CA ALA D 272 -8.28 -21.64 5.36
C ALA D 272 -6.96 -22.25 4.90
N ASN D 273 -6.18 -22.77 5.84
CA ASN D 273 -4.78 -23.12 5.58
C ASN D 273 -4.24 -23.90 6.77
N LEU D 274 -3.76 -25.13 6.53
CA LEU D 274 -3.35 -25.99 7.64
C LEU D 274 -2.18 -25.39 8.41
N ARG D 275 -1.23 -24.76 7.71
CA ARG D 275 -0.11 -24.13 8.39
C ARG D 275 -0.57 -22.98 9.28
N MET D 276 -1.51 -22.18 8.77
CA MET D 276 -2.11 -21.13 9.60
C MET D 276 -2.75 -21.72 10.85
N ILE D 277 -3.50 -22.80 10.68
CA ILE D 277 -4.13 -23.46 11.81
C ILE D 277 -3.07 -24.02 12.75
N GLU D 278 -2.03 -24.64 12.20
CA GLU D 278 -0.92 -25.09 13.03
C GLU D 278 -0.30 -23.93 13.80
N SER D 279 -0.01 -22.84 13.09
CA SER D 279 0.55 -21.66 13.75
C SER D 279 -0.38 -21.17 14.86
N ILE D 280 -1.67 -21.00 14.54
CA ILE D 280 -2.62 -20.57 15.55
C ILE D 280 -2.60 -21.52 16.73
N CYS D 281 -2.43 -22.82 16.46
CA CYS D 281 -2.47 -23.82 17.51
C CYS D 281 -1.25 -23.74 18.42
N GLU D 282 -0.13 -23.21 17.92
CA GLU D 282 1.02 -23.00 18.78
C GLU D 282 0.91 -21.72 19.58
N LYS D 283 0.48 -20.62 18.94
CA LYS D 283 0.39 -19.34 19.64
C LYS D 283 -0.68 -19.39 20.73
N THR D 284 -1.86 -19.86 20.39
CA THR D 284 -2.75 -20.34 21.42
C THR D 284 -2.11 -21.57 22.06
N PRO D 285 -2.22 -21.75 23.34
CA PRO D 285 -1.91 -23.07 23.89
C PRO D 285 -3.04 -24.04 23.62
N PHE D 286 -3.09 -24.66 22.43
CA PHE D 286 -4.07 -25.73 22.17
C PHE D 286 -3.53 -26.77 21.18
N PRO D 287 -3.71 -28.07 21.47
CA PRO D 287 -3.08 -29.09 20.64
C PRO D 287 -3.78 -29.32 19.31
N ILE D 288 -2.97 -29.55 18.28
CA ILE D 288 -3.51 -29.83 16.95
C ILE D 288 -4.34 -31.10 16.91
N GLU D 289 -4.06 -32.06 17.80
CA GLU D 289 -4.83 -33.29 17.78
C GLU D 289 -6.25 -33.10 18.30
N LYS D 290 -6.52 -31.99 18.99
CA LYS D 290 -7.87 -31.63 19.38
C LYS D 290 -8.47 -30.62 18.41
N THR D 291 -7.99 -30.58 17.17
CA THR D 291 -8.40 -29.58 16.20
C THR D 291 -8.96 -30.27 14.96
N LEU D 292 -10.20 -29.94 14.61
CA LEU D 292 -10.87 -30.51 13.44
C LEU D 292 -10.69 -29.60 12.24
N THR D 293 -10.36 -30.19 11.09
CA THR D 293 -10.16 -29.45 9.87
C THR D 293 -10.87 -30.14 8.71
N SER D 294 -10.94 -29.44 7.59
CA SER D 294 -11.52 -29.98 6.38
C SER D 294 -10.71 -29.59 5.17
N VAL D 295 -9.50 -29.05 5.38
CA VAL D 295 -8.76 -28.39 4.32
C VAL D 295 -8.10 -29.38 3.37
N GLU D 296 -7.87 -30.63 3.79
CA GLU D 296 -7.00 -31.51 3.00
C GLU D 296 -7.66 -31.95 1.70
N HIS D 297 -8.95 -32.30 1.74
CA HIS D 297 -9.64 -32.82 0.57
C HIS D 297 -10.76 -31.93 0.08
N TYR D 298 -10.94 -30.75 0.68
CA TYR D 298 -11.97 -29.82 0.25
C TYR D 298 -11.45 -28.42 0.07
N GLY D 299 -10.18 -28.17 0.38
CA GLY D 299 -9.61 -26.85 0.25
C GLY D 299 -10.21 -25.89 1.27
N ASN D 300 -10.18 -24.62 0.91
CA ASN D 300 -10.78 -23.57 1.72
C ASN D 300 -12.13 -23.24 1.11
N THR D 301 -13.20 -23.52 1.86
CA THR D 301 -14.57 -23.34 1.37
C THR D 301 -15.25 -22.15 2.04
N SER D 302 -14.46 -21.20 2.54
CA SER D 302 -14.98 -19.96 3.12
C SER D 302 -15.94 -20.33 4.25
N SER D 303 -17.17 -19.82 4.25
CA SER D 303 -18.09 -20.05 5.36
C SER D 303 -18.47 -21.51 5.54
N VAL D 304 -18.17 -22.37 4.56
CA VAL D 304 -18.50 -23.78 4.71
C VAL D 304 -17.40 -24.58 5.39
N SER D 305 -16.19 -24.03 5.49
CA SER D 305 -15.05 -24.80 6.00
C SER D 305 -15.35 -25.45 7.34
N ILE D 306 -16.03 -24.73 8.23
CA ILE D 306 -16.26 -25.24 9.59
C ILE D 306 -17.28 -26.38 9.58
N VAL D 307 -18.34 -26.26 8.76
CA VAL D 307 -19.33 -27.33 8.69
C VAL D 307 -18.70 -28.60 8.16
N LEU D 308 -17.92 -28.49 7.08
CA LEU D 308 -17.22 -29.64 6.55
C LEU D 308 -16.35 -30.30 7.62
N ALA D 309 -15.61 -29.50 8.38
CA ALA D 309 -14.77 -30.06 9.43
C ALA D 309 -15.60 -30.81 10.46
N LEU D 310 -16.78 -30.28 10.79
CA LEU D 310 -17.64 -30.92 11.78
C LEU D 310 -18.20 -32.24 11.26
N ASP D 311 -18.64 -32.27 10.00
CA ASP D 311 -19.29 -33.45 9.47
C ASP D 311 -18.29 -34.58 9.23
N LEU D 312 -17.10 -34.23 8.74
CA LEU D 312 -16.03 -35.23 8.69
C LEU D 312 -15.81 -35.83 10.07
N ALA D 313 -15.82 -34.99 11.11
CA ALA D 313 -15.60 -35.48 12.46
C ALA D 313 -16.78 -36.31 12.95
N VAL D 314 -18.00 -35.93 12.57
CA VAL D 314 -19.18 -36.70 12.95
C VAL D 314 -19.13 -38.07 12.29
N LYS D 315 -18.81 -38.11 10.98
CA LYS D 315 -18.77 -39.37 10.27
C LYS D 315 -17.64 -40.27 10.78
N ALA D 316 -16.58 -39.69 11.34
CA ALA D 316 -15.43 -40.45 11.80
C ALA D 316 -15.54 -40.91 13.25
N GLY D 317 -16.61 -40.56 13.95
CA GLY D 317 -16.73 -40.95 15.34
C GLY D 317 -15.99 -40.05 16.32
N LYS D 318 -15.27 -39.04 15.85
CA LYS D 318 -14.51 -38.19 16.75
C LYS D 318 -15.42 -37.21 17.51
N LEU D 319 -16.48 -36.75 16.87
CA LEU D 319 -17.37 -35.74 17.45
C LEU D 319 -18.62 -36.42 18.00
N LYS D 320 -18.84 -36.30 19.30
CA LYS D 320 -19.90 -37.03 20.00
C LYS D 320 -20.78 -36.06 20.77
N LYS D 321 -21.97 -36.55 21.11
CA LYS D 321 -22.96 -35.72 21.80
C LYS D 321 -22.41 -35.20 23.13
N ASP D 322 -22.73 -33.94 23.42
CA ASP D 322 -22.45 -33.21 24.67
C ASP D 322 -21.00 -32.76 24.81
N GLN D 323 -20.18 -32.88 23.76
CA GLN D 323 -18.82 -32.39 23.82
C GLN D 323 -18.78 -30.87 23.64
N ILE D 324 -17.74 -30.25 24.19
CA ILE D 324 -17.55 -28.81 24.09
C ILE D 324 -16.69 -28.49 22.87
N VAL D 325 -17.21 -27.62 22.00
CA VAL D 325 -16.57 -27.31 20.73
C VAL D 325 -16.42 -25.80 20.62
N LEU D 326 -15.30 -25.37 20.06
CA LEU D 326 -15.02 -23.95 19.81
C LEU D 326 -14.94 -23.76 18.30
N LEU D 327 -15.95 -23.10 17.74
CA LEU D 327 -15.93 -22.70 16.34
C LEU D 327 -15.46 -21.25 16.25
N PHE D 328 -14.44 -21.01 15.42
CA PHE D 328 -13.89 -19.67 15.26
C PHE D 328 -13.86 -19.33 13.78
N GLY D 329 -14.92 -18.65 13.32
CA GLY D 329 -15.00 -18.22 11.95
C GLY D 329 -14.49 -16.79 11.82
N PHE D 330 -13.55 -16.60 10.90
CA PHE D 330 -12.98 -15.29 10.61
C PHE D 330 -12.82 -15.18 9.10
N GLY D 331 -12.86 -13.96 8.60
CA GLY D 331 -12.65 -13.77 7.18
C GLY D 331 -12.62 -12.33 6.79
N GLY D 332 -12.87 -12.10 5.50
CA GLY D 332 -12.92 -10.78 4.92
C GLY D 332 -13.71 -9.77 5.74
N GLY D 333 -13.27 -8.53 5.72
CA GLY D 333 -13.84 -7.51 6.57
C GLY D 333 -12.83 -6.51 7.08
N LEU D 334 -11.87 -6.94 7.90
CA LEU D 334 -11.85 -8.29 8.45
C LEU D 334 -12.78 -8.36 9.65
N THR D 335 -13.37 -9.54 9.88
CA THR D 335 -14.33 -9.71 10.95
C THR D 335 -14.39 -11.16 11.34
N TYR D 336 -14.99 -11.44 12.51
CA TYR D 336 -15.03 -12.78 13.04
C TYR D 336 -16.13 -12.91 14.08
N THR D 337 -16.53 -14.15 14.33
CA THR D 337 -17.36 -14.53 15.47
C THR D 337 -16.82 -15.85 15.98
N GLY D 338 -16.52 -15.92 17.27
CA GLY D 338 -16.05 -17.14 17.91
C GLY D 338 -17.12 -17.67 18.85
N LEU D 339 -17.30 -18.99 18.84
CA LEU D 339 -18.40 -19.63 19.55
C LEU D 339 -17.91 -20.83 20.34
N LEU D 340 -18.31 -20.90 21.60
CA LEU D 340 -18.23 -22.10 22.41
C LEU D 340 -19.61 -22.73 22.44
N ILE D 341 -19.72 -23.94 21.91
CA ILE D 341 -21.01 -24.64 21.83
C ILE D 341 -20.87 -26.01 22.45
N LYS D 342 -22.00 -26.60 22.78
CA LYS D 342 -22.08 -27.95 23.32
C LYS D 342 -22.77 -28.82 22.27
N TRP D 343 -22.03 -29.80 21.72
CA TRP D 343 -22.61 -30.65 20.65
C TRP D 343 -23.90 -31.29 21.14
N GLY D 344 -24.99 -31.20 20.36
CA GLY D 344 -26.29 -31.72 20.80
C GLY D 344 -26.83 -32.79 19.88
N MET D 345 -25.97 -33.70 19.41
CA MET D 345 -26.42 -34.82 18.54
C MET D 345 -25.37 -35.93 18.57
C1 GOL E . -42.04 -14.16 14.47
O1 GOL E . -41.02 -13.94 13.54
C2 GOL E . -42.42 -15.66 14.35
O2 GOL E . -42.80 -15.98 13.05
C3 GOL E . -43.55 -15.87 15.36
O3 GOL E . -43.99 -17.18 15.23
C1 GOL F . 31.40 -0.26 11.81
O1 GOL F . 32.21 -0.41 12.94
C2 GOL F . 30.25 0.71 12.20
O2 GOL F . 29.37 0.91 11.15
C3 GOL F . 29.57 0.03 13.41
O3 GOL F . 28.57 0.89 13.83
C1 GOL G . -21.06 -8.84 23.53
O1 GOL G . -20.22 -8.15 24.39
C2 GOL G . -20.19 -9.84 22.75
O2 GOL G . -19.58 -10.76 23.59
C3 GOL G . -21.13 -10.51 21.73
O3 GOL G . -20.35 -11.37 20.96
#